data_6V2B
#
_entry.id   6V2B
#
_cell.length_a   151.224
_cell.length_b   62.578
_cell.length_c   140.886
_cell.angle_alpha   90.000
_cell.angle_beta   117.670
_cell.angle_gamma   90.000
#
_symmetry.space_group_name_H-M   'C 1 2 1'
#
loop_
_entity.id
_entity.type
_entity.pdbx_description
1 polymer 'L-asparaginase 2'
2 non-polymer ASPARAGINE
3 non-polymer 'CITRIC ACID'
4 water water
#
_entity_poly.entity_id   1
_entity_poly.type   'polypeptide(L)'
_entity_poly.pdbx_seq_one_letter_code
;MHHHHHHLPNITILATGGTIAGGGDSATKSNYTVGKVGVENLVNAVPQLKDIANVKGEQVVNIGSQDMNDNVWLTLAKKI
NTDCDKTDGFVITHGVDTMEETAYFLDLTVKCDKPVVMVGAMRPSTSMSADGPFNLYNAVVTAADKASANRGVLVVMNDT
VLDGRDVTTTNTTDVATFKSVNYGPLGYIHNGKIDYQRTPARKHTSDTPFDVSKLNELPKVGIVYNYANASDLPAKALVD
AGYDGIVSAGVGNGNLYKSVFDTLATAAKTGTAVVRSSRVPTGATTQDAEVDDAKYGFVASGTLNPQKARVLLQLALTQT
KDPQQIQQIFNQY
;
_entity_poly.pdbx_strand_id   A,B,C,D
#
loop_
_chem_comp.id
_chem_comp.type
_chem_comp.name
_chem_comp.formula
CIT non-polymer 'CITRIC ACID' 'C6 H8 O7'
#
# COMPACT_ATOMS: atom_id res chain seq x y z
N LEU A 8 22.33 -24.08 -11.99
CA LEU A 8 22.22 -22.55 -11.85
C LEU A 8 22.60 -22.08 -10.45
N PRO A 9 23.45 -21.06 -10.33
CA PRO A 9 23.94 -20.66 -9.00
C PRO A 9 22.86 -20.10 -8.06
N ASN A 10 23.07 -20.33 -6.77
CA ASN A 10 22.22 -19.85 -5.65
C ASN A 10 22.59 -18.40 -5.34
N ILE A 11 21.64 -17.48 -5.50
CA ILE A 11 21.83 -16.01 -5.29
C ILE A 11 20.81 -15.53 -4.25
N THR A 12 21.28 -14.81 -3.25
CA THR A 12 20.42 -14.22 -2.21
C THR A 12 20.29 -12.75 -2.54
N ILE A 13 19.08 -12.24 -2.57
CA ILE A 13 18.77 -10.81 -2.61
C ILE A 13 18.52 -10.35 -1.17
N LEU A 14 19.29 -9.39 -0.69
CA LEU A 14 19.02 -8.71 0.58
C LEU A 14 18.42 -7.36 0.21
N ALA A 15 17.14 -7.15 0.47
CA ALA A 15 16.42 -5.90 0.10
C ALA A 15 16.48 -4.89 1.24
N THR A 16 16.70 -3.60 0.94
CA THR A 16 16.81 -2.51 1.95
C THR A 16 15.84 -1.37 1.61
N GLY A 17 15.19 -1.47 0.46
CA GLY A 17 14.13 -0.52 0.03
C GLY A 17 14.56 0.25 -1.21
N GLY A 18 14.61 1.57 -1.16
CA GLY A 18 15.02 2.36 -2.33
C GLY A 18 13.92 2.46 -3.36
N THR A 19 14.08 3.34 -4.34
CA THR A 19 13.06 3.61 -5.41
C THR A 19 12.80 2.35 -6.23
N ILE A 20 13.75 1.38 -6.24
CA ILE A 20 13.58 0.09 -7.00
C ILE A 20 12.34 -0.63 -6.42
N ALA A 21 12.02 -0.31 -5.17
CA ALA A 21 10.90 -0.81 -4.34
C ALA A 21 9.89 0.33 -4.04
N GLY A 22 9.84 1.38 -4.87
CA GLY A 22 8.93 2.54 -4.70
C GLY A 22 7.73 2.44 -5.62
N GLY A 23 6.73 3.29 -5.35
CA GLY A 23 5.47 3.37 -6.11
C GLY A 23 4.80 4.74 -5.98
N GLY A 24 4.19 5.22 -7.06
CA GLY A 24 3.30 6.39 -7.08
C GLY A 24 1.96 6.00 -7.68
N ASP A 25 0.96 6.90 -7.71
CA ASP A 25 -0.44 6.56 -8.11
C ASP A 25 -0.54 6.63 -9.63
N SER A 26 0.48 7.19 -10.29
CA SER A 26 0.53 7.37 -11.76
C SER A 26 1.82 6.77 -12.33
N ALA A 27 1.73 6.18 -13.52
CA ALA A 27 2.89 5.62 -14.25
C ALA A 27 3.66 6.76 -14.92
N THR A 28 3.02 7.93 -15.00
CA THR A 28 3.46 9.15 -15.74
C THR A 28 4.02 10.20 -14.79
N LYS A 29 3.32 10.49 -13.69
CA LYS A 29 3.70 11.54 -12.71
C LYS A 29 4.99 11.12 -11.99
N SER A 30 5.81 12.08 -11.59
CA SER A 30 7.14 11.89 -10.95
C SER A 30 6.95 11.59 -9.44
N ASN A 31 5.78 11.92 -8.87
CA ASN A 31 5.49 11.70 -7.42
C ASN A 31 5.64 10.20 -7.09
N TYR A 32 6.37 9.88 -6.02
CA TYR A 32 6.39 8.49 -5.49
C TYR A 32 6.81 8.49 -4.03
N THR A 33 6.50 7.41 -3.33
CA THR A 33 7.02 7.12 -1.97
C THR A 33 7.89 5.86 -2.06
N VAL A 34 8.89 5.79 -1.21
CA VAL A 34 9.99 4.79 -1.29
C VAL A 34 9.65 3.62 -0.38
N GLY A 35 10.29 2.47 -0.62
CA GLY A 35 10.36 1.31 0.30
C GLY A 35 8.98 0.82 0.69
N LYS A 36 8.11 0.64 -0.30
CA LYS A 36 6.66 0.37 -0.10
C LYS A 36 6.26 -1.00 -0.70
N VAL A 37 7.20 -1.65 -1.38
CA VAL A 37 7.05 -2.91 -2.13
C VAL A 37 8.01 -3.89 -1.47
N GLY A 38 7.61 -5.13 -1.26
CA GLY A 38 8.50 -6.19 -0.74
C GLY A 38 9.37 -6.78 -1.83
N VAL A 39 10.43 -7.48 -1.44
CA VAL A 39 11.39 -8.18 -2.35
C VAL A 39 10.66 -9.15 -3.29
N GLU A 40 9.59 -9.86 -2.83
CA GLU A 40 8.92 -10.96 -3.60
C GLU A 40 8.35 -10.32 -4.86
N ASN A 41 7.85 -9.11 -4.67
CA ASN A 41 7.26 -8.30 -5.74
C ASN A 41 8.36 -7.95 -6.77
N LEU A 42 9.56 -7.59 -6.32
CA LEU A 42 10.65 -7.22 -7.27
C LEU A 42 11.03 -8.46 -8.04
N VAL A 43 11.22 -9.56 -7.32
CA VAL A 43 11.58 -10.87 -7.95
C VAL A 43 10.53 -11.23 -9.03
N ASN A 44 9.26 -11.03 -8.74
CA ASN A 44 8.13 -11.56 -9.58
C ASN A 44 7.96 -10.63 -10.78
N ALA A 45 8.49 -9.41 -10.77
CA ALA A 45 8.45 -8.50 -11.95
C ALA A 45 9.61 -8.81 -12.91
N VAL A 46 10.51 -9.74 -12.55
CA VAL A 46 11.61 -10.19 -13.46
C VAL A 46 11.46 -11.70 -13.70
N PRO A 47 10.48 -12.11 -14.53
CA PRO A 47 10.17 -13.54 -14.71
C PRO A 47 11.39 -14.30 -15.22
N GLN A 48 12.17 -13.66 -16.11
CA GLN A 48 13.40 -14.28 -16.71
C GLN A 48 14.49 -14.57 -15.67
N LEU A 49 14.35 -14.23 -14.37
CA LEU A 49 15.43 -14.44 -13.35
C LEU A 49 15.68 -15.94 -13.18
N LYS A 50 14.61 -16.73 -13.19
CA LYS A 50 14.67 -18.22 -13.18
C LYS A 50 15.69 -18.74 -14.19
N ASP A 51 15.97 -18.04 -15.30
CA ASP A 51 16.86 -18.56 -16.38
C ASP A 51 18.32 -18.52 -15.94
N ILE A 52 18.63 -17.72 -14.92
CA ILE A 52 20.05 -17.38 -14.60
C ILE A 52 20.38 -17.69 -13.14
N ALA A 53 19.39 -17.85 -12.25
CA ALA A 53 19.70 -18.13 -10.84
C ALA A 53 18.50 -18.73 -10.09
N ASN A 54 18.83 -19.42 -9.01
CA ASN A 54 17.87 -19.80 -7.94
C ASN A 54 17.94 -18.64 -6.93
N VAL A 55 16.93 -17.80 -7.01
CA VAL A 55 16.81 -16.51 -6.28
C VAL A 55 16.08 -16.78 -4.96
N LYS A 56 16.64 -16.30 -3.86
CA LYS A 56 15.99 -16.28 -2.53
C LYS A 56 16.01 -14.83 -2.04
N GLY A 57 14.87 -14.25 -1.71
CA GLY A 57 14.76 -12.88 -1.15
C GLY A 57 14.60 -12.88 0.36
N GLU A 58 15.29 -11.99 1.06
CA GLU A 58 15.06 -11.63 2.48
C GLU A 58 15.01 -10.11 2.61
N GLN A 59 14.05 -9.60 3.37
CA GLN A 59 13.80 -8.15 3.52
C GLN A 59 14.54 -7.73 4.78
N VAL A 60 15.65 -7.00 4.67
CA VAL A 60 16.49 -6.64 5.85
C VAL A 60 15.82 -5.42 6.51
N VAL A 61 15.54 -4.39 5.71
CA VAL A 61 14.78 -3.15 6.07
C VAL A 61 14.02 -2.78 4.80
N ASN A 62 13.20 -1.73 4.84
CA ASN A 62 12.43 -1.17 3.69
C ASN A 62 12.43 0.35 3.87
N ILE A 63 13.54 1.03 3.51
CA ILE A 63 13.76 2.47 3.72
C ILE A 63 14.25 3.12 2.43
N GLY A 64 13.96 4.43 2.30
CA GLY A 64 14.73 5.31 1.40
C GLY A 64 16.20 5.38 1.83
N SER A 65 17.17 5.32 0.90
CA SER A 65 18.61 5.33 1.29
C SER A 65 19.01 6.71 1.88
N GLN A 66 18.14 7.72 1.74
CA GLN A 66 18.26 9.06 2.40
C GLN A 66 18.23 8.90 3.92
N ASP A 67 17.68 7.80 4.41
CA ASP A 67 17.60 7.42 5.85
C ASP A 67 18.58 6.28 6.16
N MET A 68 19.49 5.89 5.24
CA MET A 68 20.51 4.86 5.56
C MET A 68 21.31 5.28 6.80
N ASN A 69 21.85 4.35 7.55
CA ASN A 69 22.49 4.66 8.86
C ASN A 69 23.46 3.54 9.24
N ASP A 70 24.26 3.80 10.28
CA ASP A 70 25.34 2.91 10.76
C ASP A 70 24.73 1.53 11.06
N ASN A 71 23.60 1.51 11.73
CA ASN A 71 23.05 0.22 12.19
C ASN A 71 22.69 -0.67 10.98
N VAL A 72 22.19 -0.12 9.88
CA VAL A 72 21.87 -0.97 8.70
C VAL A 72 23.18 -1.46 8.07
N TRP A 73 24.20 -0.58 8.06
CA TRP A 73 25.55 -1.00 7.61
C TRP A 73 26.06 -2.20 8.44
N LEU A 74 26.08 -2.08 9.77
CA LEU A 74 26.59 -3.24 10.59
C LEU A 74 25.72 -4.47 10.31
N THR A 75 24.41 -4.29 10.15
CA THR A 75 23.49 -5.46 10.00
C THR A 75 23.84 -6.15 8.67
N LEU A 76 24.07 -5.37 7.60
CA LEU A 76 24.36 -5.94 6.25
C LEU A 76 25.67 -6.69 6.26
N ALA A 77 26.73 -6.10 6.82
CA ALA A 77 28.07 -6.67 6.78
C ALA A 77 28.07 -7.99 7.55
N LYS A 78 27.46 -7.98 8.73
CA LYS A 78 27.45 -9.17 9.62
C LYS A 78 26.65 -10.31 8.96
N LYS A 79 25.54 -10.00 8.35
CA LYS A 79 24.68 -10.97 7.63
C LYS A 79 25.43 -11.57 6.42
N ILE A 80 26.05 -10.75 5.57
CA ILE A 80 26.79 -11.32 4.39
C ILE A 80 27.89 -12.25 4.90
N ASN A 81 28.69 -11.78 5.85
CA ASN A 81 29.84 -12.51 6.43
C ASN A 81 29.30 -13.81 7.05
N THR A 82 28.15 -13.75 7.72
CA THR A 82 27.58 -14.93 8.44
C THR A 82 27.08 -15.92 7.40
N ASP A 83 26.37 -15.44 6.39
CA ASP A 83 25.70 -16.35 5.42
C ASP A 83 26.59 -16.71 4.24
N CYS A 84 27.80 -16.19 4.17
CA CYS A 84 28.71 -16.42 3.01
C CYS A 84 28.63 -17.89 2.52
N ASP A 85 28.75 -18.84 3.45
CA ASP A 85 28.89 -20.30 3.12
C ASP A 85 27.54 -20.87 2.65
N LYS A 86 26.44 -20.15 2.83
CA LYS A 86 25.08 -20.63 2.47
C LYS A 86 24.66 -20.22 1.04
N THR A 87 25.45 -19.48 0.24
CA THR A 87 24.94 -18.93 -1.05
C THR A 87 26.13 -18.75 -2.01
N ASP A 88 25.81 -18.53 -3.30
CA ASP A 88 26.88 -18.40 -4.33
C ASP A 88 27.15 -16.92 -4.57
N GLY A 89 26.20 -16.06 -4.17
CA GLY A 89 26.36 -14.60 -4.27
C GLY A 89 25.21 -13.81 -3.70
N PHE A 90 25.46 -12.53 -3.42
CA PHE A 90 24.47 -11.56 -2.91
C PHE A 90 24.22 -10.45 -3.93
N VAL A 91 22.95 -10.09 -4.08
CA VAL A 91 22.48 -8.80 -4.64
C VAL A 91 21.84 -8.01 -3.52
N ILE A 92 22.11 -6.72 -3.42
CA ILE A 92 21.50 -5.81 -2.41
C ILE A 92 20.73 -4.73 -3.15
N THR A 93 19.41 -4.79 -3.02
CA THR A 93 18.46 -3.78 -3.54
C THR A 93 18.49 -2.64 -2.51
N HIS A 94 18.73 -1.44 -3.01
CA HIS A 94 19.00 -0.27 -2.17
C HIS A 94 18.69 1.01 -2.92
N GLY A 95 18.47 2.08 -2.17
CA GLY A 95 18.20 3.38 -2.79
C GLY A 95 19.47 3.89 -3.48
N VAL A 96 19.30 4.79 -4.42
CA VAL A 96 20.43 5.38 -5.20
C VAL A 96 21.13 6.43 -4.37
N ASP A 97 20.40 7.14 -3.52
CA ASP A 97 20.84 8.40 -2.90
C ASP A 97 22.17 8.19 -2.14
N THR A 98 22.28 7.12 -1.32
CA THR A 98 23.48 6.79 -0.47
C THR A 98 24.11 5.44 -0.87
N MET A 99 23.75 4.89 -2.00
CA MET A 99 24.31 3.61 -2.48
C MET A 99 25.86 3.67 -2.45
N GLU A 100 26.44 4.79 -2.88
CA GLU A 100 27.92 4.92 -2.98
C GLU A 100 28.51 4.85 -1.57
N GLU A 101 27.72 5.08 -0.51
CA GLU A 101 28.28 5.07 0.86
C GLU A 101 28.26 3.63 1.36
N THR A 102 27.09 3.00 1.27
CA THR A 102 26.85 1.59 1.67
C THR A 102 27.84 0.71 0.88
N ALA A 103 27.93 0.90 -0.42
CA ALA A 103 28.81 0.09 -1.30
C ALA A 103 30.24 0.15 -0.72
N TYR A 104 30.76 1.32 -0.31
CA TYR A 104 32.19 1.42 0.09
C TYR A 104 32.32 0.82 1.50
N PHE A 105 31.35 1.08 2.37
CA PHE A 105 31.33 0.45 3.71
C PHE A 105 31.44 -1.08 3.59
N LEU A 106 30.57 -1.73 2.83
CA LEU A 106 30.60 -3.19 2.62
C LEU A 106 31.91 -3.60 1.90
N ASP A 107 32.36 -2.81 0.92
CA ASP A 107 33.65 -3.11 0.26
C ASP A 107 34.78 -3.20 1.30
N LEU A 108 34.73 -2.45 2.40
CA LEU A 108 35.84 -2.46 3.39
C LEU A 108 35.60 -3.48 4.52
N THR A 109 34.39 -4.03 4.68
CA THR A 109 34.04 -4.81 5.87
C THR A 109 33.62 -6.22 5.51
N VAL A 110 33.11 -6.50 4.30
CA VAL A 110 32.74 -7.91 3.99
C VAL A 110 34.01 -8.74 3.70
N LYS A 111 34.07 -9.94 4.26
CA LYS A 111 35.22 -10.89 4.18
C LYS A 111 34.81 -12.08 3.30
N CYS A 112 33.59 -12.10 2.84
CA CYS A 112 33.02 -13.03 1.85
C CYS A 112 33.60 -12.66 0.49
N ASP A 113 34.36 -13.54 -0.19
CA ASP A 113 34.96 -13.05 -1.47
C ASP A 113 34.13 -13.47 -2.68
N LYS A 114 32.96 -14.10 -2.43
CA LYS A 114 31.86 -14.31 -3.40
C LYS A 114 31.22 -12.97 -3.80
N PRO A 115 30.76 -12.84 -5.05
CA PRO A 115 30.26 -11.57 -5.56
C PRO A 115 29.22 -10.97 -4.61
N VAL A 116 29.45 -9.72 -4.19
CA VAL A 116 28.43 -8.84 -3.56
C VAL A 116 28.07 -7.68 -4.50
N VAL A 117 26.84 -7.65 -4.96
CA VAL A 117 26.44 -6.69 -6.02
C VAL A 117 25.31 -5.83 -5.49
N MET A 118 25.44 -4.51 -5.52
CA MET A 118 24.31 -3.63 -5.14
C MET A 118 23.56 -3.16 -6.37
N VAL A 119 22.27 -2.86 -6.24
CA VAL A 119 21.47 -2.41 -7.40
C VAL A 119 20.33 -1.54 -6.91
N GLY A 120 19.99 -0.52 -7.70
CA GLY A 120 18.84 0.35 -7.47
C GLY A 120 18.20 0.75 -8.78
N ALA A 121 17.38 1.79 -8.74
CA ALA A 121 16.63 2.29 -9.92
C ALA A 121 16.33 3.74 -9.66
N MET A 122 16.27 4.48 -10.75
CA MET A 122 15.95 5.91 -10.70
C MET A 122 14.44 6.12 -10.89
N ARG A 123 13.74 5.23 -11.53
CA ARG A 123 12.28 5.35 -11.70
C ARG A 123 11.58 4.31 -10.81
N PRO A 124 10.41 4.66 -10.23
CA PRO A 124 9.73 3.72 -9.35
C PRO A 124 9.22 2.51 -10.18
N SER A 125 8.91 1.40 -9.49
CA SER A 125 8.41 0.13 -10.09
C SER A 125 7.11 0.41 -10.87
N THR A 126 6.37 1.43 -10.44
CA THR A 126 5.06 1.82 -11.02
C THR A 126 5.25 2.63 -12.32
N SER A 127 6.45 3.07 -12.69
CA SER A 127 6.52 4.13 -13.74
C SER A 127 6.68 3.49 -15.12
N MET A 128 6.37 4.22 -16.16
CA MET A 128 6.57 3.78 -17.55
C MET A 128 8.06 3.62 -17.83
N SER A 129 8.46 2.56 -18.54
CA SER A 129 9.88 2.24 -18.81
C SER A 129 10.66 2.19 -17.49
N ALA A 130 10.15 1.58 -16.43
CA ALA A 130 10.86 1.42 -15.14
C ALA A 130 12.21 0.79 -15.40
N ASP A 131 13.25 1.28 -14.73
CA ASP A 131 14.64 0.81 -14.95
C ASP A 131 14.90 -0.39 -14.02
N GLY A 132 14.15 -0.56 -12.94
CA GLY A 132 14.51 -1.49 -11.86
C GLY A 132 14.54 -2.94 -12.34
N PRO A 133 13.54 -3.42 -13.13
CA PRO A 133 13.53 -4.83 -13.56
C PRO A 133 14.80 -5.26 -14.34
N PHE A 134 15.18 -4.56 -15.41
CA PHE A 134 16.43 -4.95 -16.12
C PHE A 134 17.65 -4.73 -15.20
N ASN A 135 17.63 -3.71 -14.34
CA ASN A 135 18.75 -3.46 -13.40
C ASN A 135 18.94 -4.69 -12.51
N LEU A 136 17.83 -5.13 -11.93
CA LEU A 136 17.92 -6.32 -11.06
C LEU A 136 18.35 -7.53 -11.89
N TYR A 137 17.81 -7.72 -13.09
CA TYR A 137 18.27 -8.87 -13.93
C TYR A 137 19.81 -8.82 -14.04
N ASN A 138 20.29 -7.68 -14.51
CA ASN A 138 21.74 -7.44 -14.73
C ASN A 138 22.52 -7.56 -13.41
N ALA A 139 21.97 -7.22 -12.22
CA ALA A 139 22.70 -7.36 -10.93
C ALA A 139 22.88 -8.85 -10.56
N VAL A 140 21.86 -9.65 -10.91
CA VAL A 140 21.91 -11.11 -10.67
C VAL A 140 22.93 -11.76 -11.62
N VAL A 141 22.95 -11.31 -12.89
CA VAL A 141 23.90 -11.86 -13.92
C VAL A 141 25.28 -11.72 -13.29
N THR A 142 25.54 -10.53 -12.74
CA THR A 142 26.86 -10.14 -12.25
C THR A 142 27.13 -11.00 -11.04
N ALA A 143 26.13 -11.17 -10.16
CA ALA A 143 26.35 -11.88 -8.89
C ALA A 143 26.62 -13.36 -9.19
N ALA A 144 26.11 -13.85 -10.31
CA ALA A 144 26.19 -15.28 -10.70
C ALA A 144 27.46 -15.50 -11.51
N ASP A 145 28.22 -14.44 -11.82
CA ASP A 145 29.38 -14.57 -12.73
C ASP A 145 30.57 -14.89 -11.84
N LYS A 146 31.18 -16.08 -12.04
CA LYS A 146 32.42 -16.49 -11.34
C LYS A 146 33.51 -15.41 -11.48
N ALA A 147 33.57 -14.71 -12.63
CA ALA A 147 34.59 -13.66 -12.90
C ALA A 147 34.35 -12.43 -12.01
N SER A 148 33.18 -12.26 -11.42
CA SER A 148 32.83 -11.14 -10.50
C SER A 148 33.49 -11.29 -9.13
N ALA A 149 34.02 -12.46 -8.81
CA ALA A 149 34.56 -12.74 -7.47
C ALA A 149 35.88 -12.00 -7.32
N ASN A 150 36.28 -11.65 -6.11
CA ASN A 150 37.61 -11.04 -5.77
C ASN A 150 37.78 -9.65 -6.42
N ARG A 151 36.68 -8.96 -6.74
CA ARG A 151 36.66 -7.61 -7.33
C ARG A 151 36.22 -6.62 -6.25
N GLY A 152 35.94 -7.14 -5.06
CA GLY A 152 35.32 -6.36 -3.97
C GLY A 152 33.84 -6.15 -4.18
N VAL A 153 33.25 -5.24 -3.44
CA VAL A 153 31.78 -4.97 -3.57
C VAL A 153 31.50 -4.09 -4.79
N LEU A 154 30.47 -4.46 -5.54
CA LEU A 154 30.09 -3.91 -6.83
C LEU A 154 28.74 -3.19 -6.73
N VAL A 155 28.55 -2.23 -7.63
CA VAL A 155 27.26 -1.61 -8.00
C VAL A 155 27.03 -1.84 -9.47
N VAL A 156 25.89 -2.40 -9.81
CA VAL A 156 25.47 -2.68 -11.20
C VAL A 156 24.24 -1.83 -11.49
N MET A 157 24.38 -0.92 -12.43
CA MET A 157 23.33 0.03 -12.85
C MET A 157 23.58 0.36 -14.32
N ASN A 158 22.52 0.45 -15.10
CA ASN A 158 22.60 0.87 -16.52
C ASN A 158 23.67 0.06 -17.29
N ASP A 159 23.70 -1.27 -17.16
CA ASP A 159 24.46 -2.21 -18.03
C ASP A 159 25.95 -2.17 -17.70
N THR A 160 26.32 -1.67 -16.53
CA THR A 160 27.70 -1.37 -16.12
C THR A 160 27.95 -1.91 -14.74
N VAL A 161 29.10 -2.55 -14.56
CA VAL A 161 29.62 -3.02 -13.24
C VAL A 161 30.64 -2.03 -12.74
N LEU A 162 30.39 -1.40 -11.60
CA LEU A 162 31.21 -0.34 -11.01
C LEU A 162 31.77 -0.85 -9.71
N ASP A 163 32.99 -0.45 -9.35
CA ASP A 163 33.59 -0.81 -8.04
C ASP A 163 33.01 0.12 -6.96
N GLY A 164 32.74 -0.44 -5.78
CA GLY A 164 32.21 0.29 -4.62
C GLY A 164 33.05 1.48 -4.22
N ARG A 165 34.38 1.48 -4.42
CA ARG A 165 35.17 2.61 -3.94
C ARG A 165 34.88 3.84 -4.83
N ASP A 166 35.03 3.76 -6.16
CA ASP A 166 35.02 4.98 -7.03
C ASP A 166 33.57 5.34 -7.43
N VAL A 167 32.65 4.43 -7.27
CA VAL A 167 31.31 4.64 -7.82
C VAL A 167 30.63 5.81 -7.10
N THR A 168 29.97 6.67 -7.86
CA THR A 168 29.16 7.78 -7.29
C THR A 168 27.97 8.03 -8.20
N THR A 169 26.93 8.65 -7.65
CA THR A 169 25.76 9.11 -8.41
C THR A 169 26.05 10.54 -8.91
N THR A 170 25.99 10.77 -10.22
CA THR A 170 26.45 12.04 -10.86
C THR A 170 25.28 12.92 -11.27
N ASN A 171 24.05 12.38 -11.35
CA ASN A 171 22.85 13.15 -11.82
C ASN A 171 21.65 12.85 -10.89
N THR A 172 20.88 13.89 -10.58
CA THR A 172 19.68 13.78 -9.71
C THR A 172 18.61 12.86 -10.30
N THR A 173 18.45 12.71 -11.62
CA THR A 173 17.27 11.95 -12.15
C THR A 173 17.63 10.90 -13.20
N ASP A 174 18.81 10.93 -13.79
CA ASP A 174 19.14 10.19 -15.04
C ASP A 174 19.36 8.70 -14.70
N VAL A 175 18.73 7.82 -15.43
CA VAL A 175 18.92 6.35 -15.22
C VAL A 175 20.41 6.02 -15.35
N ALA A 176 21.19 6.79 -16.09
CA ALA A 176 22.64 6.56 -16.35
C ALA A 176 23.50 7.21 -15.26
N THR A 177 22.92 7.67 -14.15
CA THR A 177 23.64 8.49 -13.15
C THR A 177 24.89 7.79 -12.60
N PHE A 178 24.91 6.47 -12.41
CA PHE A 178 26.04 5.87 -11.65
C PHE A 178 27.30 5.71 -12.51
N LYS A 179 28.39 6.33 -12.09
CA LYS A 179 29.69 6.32 -12.79
C LYS A 179 30.83 6.20 -11.77
N SER A 180 31.92 5.56 -12.18
CA SER A 180 33.21 5.60 -11.48
C SER A 180 34.03 6.72 -12.13
N VAL A 181 33.86 7.89 -11.56
CA VAL A 181 34.21 9.18 -12.22
C VAL A 181 35.74 9.38 -12.27
N ASN A 182 36.56 8.73 -11.45
CA ASN A 182 38.03 8.89 -11.48
C ASN A 182 38.71 7.79 -12.32
N TYR A 183 38.33 6.51 -12.14
CA TYR A 183 39.07 5.32 -12.66
C TYR A 183 38.22 4.40 -13.56
N GLY A 184 36.93 4.69 -13.72
CA GLY A 184 36.06 4.11 -14.75
C GLY A 184 35.54 2.75 -14.32
N PRO A 185 34.66 2.15 -15.14
CA PRO A 185 33.96 0.95 -14.73
C PRO A 185 34.88 -0.27 -14.76
N LEU A 186 34.38 -1.39 -14.22
CA LEU A 186 35.12 -2.69 -14.23
C LEU A 186 34.79 -3.50 -15.48
N GLY A 187 33.54 -3.49 -15.91
CA GLY A 187 33.09 -4.19 -17.14
C GLY A 187 31.72 -3.73 -17.56
N TYR A 188 31.31 -4.13 -18.73
CA TYR A 188 30.02 -3.78 -19.36
C TYR A 188 29.27 -5.09 -19.61
N ILE A 189 27.97 -5.01 -19.45
CA ILE A 189 27.10 -6.21 -19.54
C ILE A 189 26.37 -6.08 -20.85
N HIS A 190 26.54 -7.04 -21.76
CA HIS A 190 25.65 -7.14 -22.94
C HIS A 190 25.07 -8.55 -23.07
N ASN A 191 23.76 -8.65 -23.27
CA ASN A 191 23.09 -9.96 -23.48
C ASN A 191 23.52 -10.94 -22.39
N GLY A 192 23.52 -10.57 -21.10
CA GLY A 192 23.77 -11.48 -19.96
C GLY A 192 25.23 -11.90 -19.78
N LYS A 193 26.19 -11.32 -20.53
CA LYS A 193 27.64 -11.64 -20.44
C LYS A 193 28.45 -10.37 -20.10
N ILE A 194 29.56 -10.52 -19.40
CA ILE A 194 30.37 -9.38 -18.91
C ILE A 194 31.79 -9.50 -19.48
N ASP A 195 32.31 -8.42 -20.05
CA ASP A 195 33.75 -8.34 -20.41
C ASP A 195 34.41 -7.42 -19.40
N TYR A 196 35.05 -8.06 -18.44
CA TYR A 196 35.78 -7.38 -17.35
C TYR A 196 37.14 -6.93 -17.89
N GLN A 197 37.49 -5.67 -17.74
CA GLN A 197 38.84 -5.25 -18.15
C GLN A 197 39.57 -4.56 -17.01
N ARG A 198 39.01 -4.51 -15.79
CA ARG A 198 39.62 -3.75 -14.69
C ARG A 198 39.26 -4.41 -13.38
N THR A 199 40.06 -4.17 -12.37
CA THR A 199 39.77 -4.61 -10.98
C THR A 199 40.40 -3.55 -10.12
N PRO A 200 39.76 -3.12 -9.01
CA PRO A 200 40.31 -2.04 -8.20
C PRO A 200 41.58 -2.56 -7.54
N ALA A 201 42.64 -1.77 -7.57
CA ALA A 201 43.94 -2.04 -6.90
C ALA A 201 43.84 -1.73 -5.39
N ARG A 202 43.12 -0.70 -4.96
CA ARG A 202 43.00 -0.41 -3.51
C ARG A 202 42.54 -1.71 -2.83
N LYS A 203 43.02 -1.95 -1.63
CA LYS A 203 42.64 -3.12 -0.81
C LYS A 203 41.20 -3.05 -0.35
N HIS A 204 40.51 -4.18 -0.51
CA HIS A 204 39.11 -4.35 -0.15
C HIS A 204 38.84 -5.70 0.53
N THR A 205 37.69 -5.82 1.17
CA THR A 205 37.14 -7.10 1.70
C THR A 205 38.18 -7.79 2.60
N SER A 206 38.58 -9.02 2.27
CA SER A 206 39.44 -9.91 3.12
C SER A 206 40.87 -9.36 3.20
N ASP A 207 41.19 -8.28 2.50
CA ASP A 207 42.55 -7.68 2.57
C ASP A 207 42.52 -6.48 3.51
N THR A 208 41.38 -6.06 4.08
CA THR A 208 41.38 -4.91 5.00
C THR A 208 41.48 -5.42 6.42
N PRO A 209 42.09 -4.70 7.36
CA PRO A 209 42.08 -5.10 8.75
C PRO A 209 40.77 -4.80 9.50
N PHE A 210 39.77 -4.22 8.84
CA PHE A 210 38.55 -3.76 9.56
C PHE A 210 37.62 -4.96 9.75
N ASP A 211 37.24 -5.16 11.00
CA ASP A 211 36.40 -6.31 11.43
C ASP A 211 35.24 -5.68 12.17
N VAL A 212 34.03 -5.85 11.64
CA VAL A 212 32.85 -5.23 12.30
C VAL A 212 32.01 -6.31 13.01
N SER A 213 32.43 -7.57 12.97
CA SER A 213 31.68 -8.75 13.53
C SER A 213 31.24 -8.51 15.00
N LYS A 214 32.02 -7.80 15.81
CA LYS A 214 31.70 -7.58 17.25
C LYS A 214 31.16 -6.17 17.50
N LEU A 215 31.13 -5.31 16.49
CA LEU A 215 30.87 -3.87 16.70
C LEU A 215 29.35 -3.67 16.83
N ASN A 216 28.93 -2.82 17.77
CA ASN A 216 27.53 -2.47 18.05
C ASN A 216 27.22 -1.10 17.47
N GLU A 217 28.28 -0.31 17.25
CA GLU A 217 28.23 1.10 16.78
C GLU A 217 29.53 1.43 16.03
N LEU A 218 29.54 2.57 15.34
CA LEU A 218 30.71 3.16 14.62
C LEU A 218 31.09 4.50 15.25
N PRO A 219 32.39 4.87 15.27
CA PRO A 219 32.79 6.20 15.71
C PRO A 219 31.98 7.31 15.02
N LYS A 220 31.77 8.42 15.72
CA LYS A 220 31.00 9.60 15.24
C LYS A 220 31.83 10.47 14.30
N VAL A 221 31.40 10.55 13.05
CA VAL A 221 32.05 11.36 11.99
C VAL A 221 30.99 12.17 11.26
N GLY A 222 31.22 13.47 11.20
CA GLY A 222 30.38 14.48 10.56
C GLY A 222 31.04 15.08 9.33
N ILE A 223 30.26 15.75 8.51
CA ILE A 223 30.72 16.41 7.27
C ILE A 223 30.30 17.88 7.32
N VAL A 224 31.27 18.77 7.11
CA VAL A 224 31.05 20.24 7.02
C VAL A 224 31.36 20.69 5.58
N TYR A 225 30.57 21.63 5.07
CA TYR A 225 30.68 22.16 3.70
C TYR A 225 31.48 23.46 3.69
N ASN A 226 32.36 23.65 2.71
CA ASN A 226 33.06 24.93 2.53
C ASN A 226 32.49 25.62 1.30
N TYR A 227 32.46 26.96 1.38
CA TYR A 227 31.89 27.95 0.41
C TYR A 227 32.35 29.36 0.83
N ALA A 228 32.07 30.37 0.02
CA ALA A 228 32.41 31.77 0.35
C ALA A 228 31.62 32.17 1.61
N ASN A 229 32.32 32.71 2.59
CA ASN A 229 31.68 33.26 3.81
C ASN A 229 31.15 32.09 4.65
N ALA A 230 31.73 30.90 4.53
CA ALA A 230 31.22 29.73 5.29
C ALA A 230 31.19 30.05 6.78
N SER A 231 30.07 29.76 7.45
CA SER A 231 29.98 29.75 8.93
C SER A 231 30.86 28.62 9.51
N ASP A 232 31.55 28.89 10.62
CA ASP A 232 32.26 27.90 11.45
C ASP A 232 31.27 27.16 12.39
N LEU A 233 29.98 27.52 12.41
CA LEU A 233 29.00 27.03 13.43
C LEU A 233 28.79 25.52 13.27
N PRO A 234 28.63 24.96 12.06
CA PRO A 234 28.54 23.50 11.90
C PRO A 234 29.73 22.72 12.47
N ALA A 235 30.94 23.19 12.16
CA ALA A 235 32.22 22.63 12.65
C ALA A 235 32.25 22.68 14.19
N LYS A 236 31.95 23.84 14.78
CA LYS A 236 31.89 24.06 16.25
C LYS A 236 30.85 23.14 16.91
N ALA A 237 29.69 22.96 16.29
CA ALA A 237 28.60 22.08 16.78
C ALA A 237 29.12 20.63 16.88
N LEU A 238 29.84 20.14 15.85
CA LEU A 238 30.42 18.77 15.85
C LEU A 238 31.50 18.63 16.93
N VAL A 239 32.41 19.61 17.04
CA VAL A 239 33.48 19.63 18.10
C VAL A 239 32.83 19.66 19.49
N ASP A 240 31.87 20.57 19.73
CA ASP A 240 31.16 20.67 21.05
C ASP A 240 30.46 19.36 21.40
N ALA A 241 29.98 18.55 20.43
CA ALA A 241 29.36 17.25 20.76
C ALA A 241 30.43 16.16 20.86
N GLY A 242 31.74 16.50 20.88
CA GLY A 242 32.87 15.53 21.02
C GLY A 242 32.89 14.50 19.89
N TYR A 243 32.70 14.91 18.64
CA TYR A 243 32.78 13.97 17.48
C TYR A 243 34.19 13.36 17.38
N ASP A 244 34.28 12.05 17.08
CA ASP A 244 35.58 11.36 16.89
C ASP A 244 36.26 11.92 15.63
N GLY A 245 35.49 12.19 14.57
CA GLY A 245 36.10 12.67 13.31
C GLY A 245 35.28 13.74 12.65
N ILE A 246 35.93 14.67 11.95
CA ILE A 246 35.23 15.58 10.99
C ILE A 246 35.85 15.44 9.59
N VAL A 247 35.00 15.33 8.59
CA VAL A 247 35.40 15.43 7.16
C VAL A 247 35.01 16.80 6.65
N SER A 248 35.95 17.46 6.00
CA SER A 248 35.74 18.78 5.34
C SER A 248 35.41 18.53 3.88
N ALA A 249 34.24 18.93 3.40
CA ALA A 249 33.97 19.10 1.95
C ALA A 249 34.59 20.44 1.50
N GLY A 250 35.87 20.41 1.18
CA GLY A 250 36.64 21.60 0.80
C GLY A 250 36.22 22.15 -0.55
N VAL A 251 36.65 23.36 -0.82
CA VAL A 251 36.53 24.03 -2.15
C VAL A 251 37.82 23.69 -2.90
N GLY A 252 37.74 23.52 -4.22
CA GLY A 252 38.94 23.25 -5.04
C GLY A 252 39.60 21.96 -4.57
N ASN A 253 40.93 21.98 -4.47
CA ASN A 253 41.81 20.91 -3.95
C ASN A 253 41.73 20.94 -2.42
N GLY A 254 40.53 20.73 -1.89
CA GLY A 254 40.27 20.48 -0.47
C GLY A 254 40.63 21.65 0.43
N ASN A 255 40.52 22.91 -0.05
CA ASN A 255 40.82 24.14 0.73
C ASN A 255 39.63 24.45 1.65
N LEU A 256 39.90 25.17 2.72
CA LEU A 256 38.92 25.50 3.78
C LEU A 256 38.81 27.01 3.89
N TYR A 257 37.59 27.54 4.05
CA TYR A 257 37.38 28.94 4.50
C TYR A 257 38.10 29.14 5.84
N LYS A 258 38.68 30.32 6.11
CA LYS A 258 39.60 30.55 7.26
C LYS A 258 38.93 30.22 8.61
N SER A 259 37.69 30.65 8.80
CA SER A 259 36.87 30.30 10.00
C SER A 259 36.77 28.77 10.21
N VAL A 260 36.41 28.05 9.14
CA VAL A 260 36.30 26.56 9.20
C VAL A 260 37.70 26.00 9.50
N PHE A 261 38.73 26.49 8.83
CA PHE A 261 40.16 26.10 9.05
C PHE A 261 40.50 26.15 10.54
N ASP A 262 40.25 27.31 11.15
CA ASP A 262 40.67 27.59 12.56
C ASP A 262 39.98 26.64 13.53
N THR A 263 38.68 26.37 13.32
CA THR A 263 37.93 25.41 14.19
C THR A 263 38.48 23.99 13.99
N LEU A 264 38.69 23.51 12.75
CA LEU A 264 39.24 22.14 12.54
C LEU A 264 40.70 22.01 13.04
N ALA A 265 41.54 23.06 12.90
CA ALA A 265 42.96 23.10 13.40
C ALA A 265 42.95 22.86 14.90
N THR A 266 42.14 23.64 15.62
CA THR A 266 41.90 23.57 17.08
C THR A 266 41.44 22.13 17.41
N ALA A 267 40.42 21.65 16.69
CA ALA A 267 39.81 20.32 16.96
C ALA A 267 40.89 19.25 16.83
N ALA A 268 41.73 19.33 15.79
CA ALA A 268 42.77 18.32 15.49
C ALA A 268 43.82 18.30 16.64
N LYS A 269 44.07 19.44 17.30
CA LYS A 269 45.09 19.53 18.37
C LYS A 269 44.58 18.89 19.67
N THR A 270 43.25 18.80 19.86
CA THR A 270 42.63 18.06 21.00
C THR A 270 42.34 16.58 20.65
N GLY A 271 42.74 16.08 19.46
CA GLY A 271 42.59 14.66 19.05
C GLY A 271 41.40 14.33 18.13
N THR A 272 40.51 15.25 17.76
CA THR A 272 39.54 15.02 16.66
C THR A 272 40.37 14.67 15.40
N ALA A 273 40.05 13.56 14.72
CA ALA A 273 40.54 13.21 13.36
C ALA A 273 39.88 14.15 12.35
N VAL A 274 40.66 14.75 11.47
CA VAL A 274 40.18 15.76 10.49
C VAL A 274 40.70 15.34 9.13
N VAL A 275 39.78 15.09 8.19
CA VAL A 275 40.08 14.67 6.81
C VAL A 275 39.62 15.79 5.90
N ARG A 276 40.54 16.34 5.15
CA ARG A 276 40.26 17.21 3.98
C ARG A 276 39.72 16.39 2.80
N SER A 277 38.45 16.60 2.46
CA SER A 277 37.93 16.10 1.15
C SER A 277 37.57 17.32 0.34
N SER A 278 36.80 17.14 -0.74
CA SER A 278 36.43 18.22 -1.67
C SER A 278 34.98 18.05 -2.11
N ARG A 279 34.26 19.17 -2.19
CA ARG A 279 32.91 19.27 -2.77
C ARG A 279 33.02 19.07 -4.30
N VAL A 280 34.21 19.21 -4.84
CA VAL A 280 34.46 19.09 -6.30
C VAL A 280 34.24 17.64 -6.74
N PRO A 281 33.42 17.34 -7.76
CA PRO A 281 32.94 15.96 -7.96
C PRO A 281 33.95 14.92 -8.45
N THR A 282 35.12 15.32 -8.96
CA THR A 282 36.18 14.42 -9.44
C THR A 282 37.55 14.93 -9.00
N GLY A 283 38.56 14.08 -9.04
CA GLY A 283 39.94 14.48 -8.65
C GLY A 283 40.25 14.24 -7.19
N ALA A 284 41.53 13.99 -6.92
CA ALA A 284 42.11 13.76 -5.58
C ALA A 284 42.14 15.10 -4.83
N THR A 285 41.79 15.05 -3.54
CA THR A 285 42.26 16.01 -2.52
C THR A 285 43.69 15.56 -2.12
N THR A 286 44.71 16.26 -2.61
CA THR A 286 46.13 15.83 -2.55
C THR A 286 46.78 16.37 -1.29
N GLN A 287 47.89 15.72 -0.91
CA GLN A 287 48.92 16.31 -0.01
C GLN A 287 49.74 17.33 -0.82
N ASP A 288 50.57 18.13 -0.14
CA ASP A 288 51.60 18.99 -0.79
C ASP A 288 50.92 19.98 -1.73
N ALA A 289 49.78 20.51 -1.28
CA ALA A 289 49.08 21.64 -1.94
C ALA A 289 49.16 22.86 -1.02
N GLU A 290 48.04 23.52 -0.77
CA GLU A 290 47.96 24.81 -0.09
C GLU A 290 47.96 24.58 1.43
N VAL A 291 47.70 23.34 1.87
CA VAL A 291 47.53 23.04 3.31
C VAL A 291 48.71 22.19 3.81
N ASP A 292 49.38 22.61 4.90
CA ASP A 292 50.46 21.82 5.51
C ASP A 292 49.79 20.79 6.44
N ASP A 293 49.48 19.60 5.93
CA ASP A 293 48.66 18.62 6.68
C ASP A 293 49.44 18.15 7.91
N ALA A 294 50.73 17.83 7.77
CA ALA A 294 51.56 17.30 8.88
C ALA A 294 51.53 18.35 10.01
N LYS A 295 51.58 19.64 9.65
CA LYS A 295 51.61 20.74 10.64
C LYS A 295 50.34 20.75 11.50
N TYR A 296 49.16 20.48 10.93
CA TYR A 296 47.85 20.64 11.59
C TYR A 296 47.35 19.29 12.11
N GLY A 297 48.01 18.20 11.71
CA GLY A 297 47.51 16.84 11.97
C GLY A 297 46.23 16.57 11.18
N PHE A 298 46.11 17.05 9.95
CA PHE A 298 45.00 16.74 9.01
C PHE A 298 45.38 15.54 8.14
N VAL A 299 44.39 14.91 7.50
CA VAL A 299 44.53 13.78 6.54
C VAL A 299 43.92 14.20 5.21
N ALA A 300 44.58 13.88 4.11
CA ALA A 300 44.12 14.20 2.75
C ALA A 300 43.32 13.02 2.24
N SER A 301 42.11 13.26 1.70
CA SER A 301 41.13 12.17 1.36
C SER A 301 41.53 11.42 0.09
N GLY A 302 42.43 11.98 -0.75
CA GLY A 302 42.64 11.41 -2.11
C GLY A 302 41.35 11.52 -2.92
N THR A 303 41.00 10.50 -3.66
CA THR A 303 39.87 10.59 -4.62
C THR A 303 38.56 10.39 -3.85
N LEU A 304 38.65 10.15 -2.54
CA LEU A 304 37.43 9.90 -1.72
C LEU A 304 36.62 11.21 -1.51
N ASN A 305 35.39 11.23 -1.98
CA ASN A 305 34.46 12.36 -1.82
C ASN A 305 34.08 12.35 -0.33
N PRO A 306 33.39 13.40 0.14
CA PRO A 306 33.29 13.65 1.58
C PRO A 306 32.57 12.49 2.28
N GLN A 307 31.49 11.98 1.64
CA GLN A 307 30.61 10.92 2.24
C GLN A 307 31.42 9.63 2.24
N LYS A 308 32.27 9.45 1.24
CA LYS A 308 33.05 8.19 1.12
C LYS A 308 34.22 8.26 2.11
N ALA A 309 34.78 9.47 2.33
CA ALA A 309 35.87 9.71 3.32
C ALA A 309 35.34 9.47 4.72
N ARG A 310 34.09 9.84 4.96
CA ARG A 310 33.47 9.53 6.29
C ARG A 310 33.57 8.03 6.58
N VAL A 311 33.18 7.23 5.60
CA VAL A 311 33.12 5.76 5.72
C VAL A 311 34.48 5.27 6.17
N LEU A 312 35.53 5.69 5.47
CA LEU A 312 36.88 5.17 5.76
C LEU A 312 37.35 5.77 7.09
N LEU A 313 36.98 7.01 7.38
CA LEU A 313 37.43 7.63 8.67
C LEU A 313 36.78 6.91 9.88
N GLN A 314 35.52 6.56 9.78
CA GLN A 314 34.79 5.83 10.83
C GLN A 314 35.55 4.49 11.08
N LEU A 315 35.82 3.74 10.04
CA LEU A 315 36.49 2.46 10.15
C LEU A 315 37.94 2.64 10.61
N ALA A 316 38.66 3.66 10.13
CA ALA A 316 40.02 3.98 10.60
C ALA A 316 40.03 4.21 12.13
N LEU A 317 39.03 4.93 12.67
CA LEU A 317 38.95 5.35 14.10
C LEU A 317 38.68 4.16 15.03
N THR A 318 38.21 3.04 14.47
CA THR A 318 38.09 1.74 15.15
C THR A 318 39.45 1.06 15.31
N GLN A 319 40.52 1.47 14.61
CA GLN A 319 41.91 0.92 14.73
C GLN A 319 42.82 1.92 15.46
N THR A 320 42.63 3.21 15.23
CA THR A 320 43.65 4.22 15.60
C THR A 320 43.02 5.60 15.51
N LYS A 321 43.59 6.51 16.31
CA LYS A 321 43.29 7.97 16.39
C LYS A 321 44.53 8.73 15.95
N ASP A 322 45.59 8.06 15.49
CA ASP A 322 46.86 8.75 15.07
C ASP A 322 46.74 9.36 13.67
N PRO A 323 46.97 10.67 13.43
CA PRO A 323 46.82 11.22 12.08
C PRO A 323 47.75 10.63 10.99
N GLN A 324 48.95 10.18 11.37
CA GLN A 324 49.90 9.58 10.40
C GLN A 324 49.36 8.22 9.93
N GLN A 325 48.86 7.45 10.88
CA GLN A 325 48.36 6.09 10.56
C GLN A 325 47.02 6.23 9.82
N ILE A 326 46.21 7.26 10.13
CA ILE A 326 44.95 7.49 9.37
C ILE A 326 45.33 7.92 7.94
N GLN A 327 46.40 8.72 7.77
CA GLN A 327 46.92 9.08 6.40
C GLN A 327 47.29 7.80 5.64
N GLN A 328 48.02 6.89 6.28
CA GLN A 328 48.46 5.60 5.66
C GLN A 328 47.21 4.81 5.23
N ILE A 329 46.23 4.70 6.11
CA ILE A 329 44.93 4.03 5.78
C ILE A 329 44.29 4.67 4.53
N PHE A 330 44.23 6.01 4.45
CA PHE A 330 43.66 6.73 3.28
C PHE A 330 44.56 6.51 2.04
N ASN A 331 45.80 6.02 2.17
CA ASN A 331 46.72 5.80 1.01
C ASN A 331 46.62 4.33 0.57
N GLN A 332 45.97 3.45 1.32
CA GLN A 332 45.95 2.01 0.96
C GLN A 332 44.57 1.45 0.64
N TYR A 333 43.51 1.98 1.28
CA TYR A 333 42.11 1.46 1.14
C TYR A 333 41.23 2.46 0.40
N LEU B 8 41.01 50.17 -30.57
CA LEU B 8 41.14 49.02 -29.58
C LEU B 8 40.30 49.27 -28.35
N PRO B 9 39.59 48.23 -27.86
CA PRO B 9 38.76 48.36 -26.66
C PRO B 9 39.52 48.72 -25.38
N ASN B 10 38.94 49.61 -24.59
CA ASN B 10 39.42 49.87 -23.20
C ASN B 10 38.90 48.73 -22.31
N ILE B 11 39.79 48.00 -21.65
CA ILE B 11 39.38 46.84 -20.83
C ILE B 11 39.98 47.07 -19.47
N THR B 12 39.15 46.99 -18.43
CA THR B 12 39.53 47.08 -16.99
C THR B 12 39.65 45.67 -16.42
N ILE B 13 40.81 45.37 -15.86
CA ILE B 13 41.05 44.16 -15.04
C ILE B 13 40.86 44.54 -13.58
N LEU B 14 39.92 43.90 -12.90
CA LEU B 14 39.76 43.99 -11.41
C LEU B 14 40.40 42.74 -10.83
N ALA B 15 41.53 42.87 -10.13
CA ALA B 15 42.24 41.70 -9.56
C ALA B 15 41.77 41.37 -8.13
N THR B 16 41.64 40.08 -7.76
CA THR B 16 41.10 39.69 -6.41
C THR B 16 42.01 38.66 -5.75
N GLY B 17 42.97 38.15 -6.52
CA GLY B 17 43.92 37.12 -6.07
C GLY B 17 43.82 35.84 -6.88
N GLY B 18 44.03 34.75 -6.16
CA GLY B 18 43.99 33.39 -6.68
C GLY B 18 45.33 32.92 -7.17
N THR B 19 45.38 31.68 -7.56
CA THR B 19 46.62 31.05 -8.07
C THR B 19 47.10 31.78 -9.32
N ILE B 20 46.22 32.35 -10.13
CA ILE B 20 46.68 33.10 -11.35
C ILE B 20 47.70 34.17 -10.93
N ALA B 21 47.69 34.57 -9.66
CA ALA B 21 48.62 35.56 -9.07
C ALA B 21 49.50 34.88 -8.02
N GLY B 22 49.55 33.56 -8.04
N LYS B 36 49.47 36.61 -4.28
CA LYS B 36 50.37 37.66 -3.73
C LYS B 36 50.93 38.58 -4.86
N VAL B 37 51.29 38.07 -6.04
CA VAL B 37 51.68 38.86 -7.26
C VAL B 37 50.62 39.96 -7.55
N GLY B 38 51.09 41.20 -7.80
CA GLY B 38 50.25 42.40 -7.98
C GLY B 38 49.59 42.45 -9.36
N VAL B 39 48.49 43.21 -9.47
CA VAL B 39 47.70 43.38 -10.73
C VAL B 39 48.60 43.77 -11.90
N GLU B 40 49.57 44.68 -11.70
CA GLU B 40 50.32 45.23 -12.83
C GLU B 40 51.33 44.18 -13.31
N ASN B 41 51.92 43.42 -12.39
CA ASN B 41 52.82 42.29 -12.78
C ASN B 41 52.08 41.32 -13.71
N LEU B 42 50.83 40.93 -13.39
CA LEU B 42 50.06 39.93 -14.20
C LEU B 42 50.00 40.42 -15.64
N VAL B 43 49.62 41.70 -15.83
CA VAL B 43 49.44 42.30 -17.19
C VAL B 43 50.79 42.19 -17.93
N ASN B 44 51.86 42.67 -17.29
CA ASN B 44 53.24 42.82 -17.86
C ASN B 44 53.75 41.44 -18.31
N ALA B 45 53.29 40.37 -17.67
CA ALA B 45 53.67 38.99 -18.07
C ALA B 45 53.04 38.66 -19.42
N VAL B 46 52.02 39.41 -19.86
CA VAL B 46 51.33 39.08 -21.15
C VAL B 46 51.37 40.31 -22.08
N PRO B 47 52.55 40.62 -22.62
CA PRO B 47 52.68 41.79 -23.48
C PRO B 47 51.75 41.70 -24.70
N GLN B 48 51.37 40.50 -25.17
CA GLN B 48 50.43 40.39 -26.32
C GLN B 48 49.04 41.01 -26.02
N LEU B 49 48.70 41.28 -24.77
CA LEU B 49 47.42 42.00 -24.45
C LEU B 49 47.34 43.33 -25.21
N LYS B 50 48.49 43.98 -25.47
CA LYS B 50 48.53 45.30 -26.18
C LYS B 50 48.03 45.10 -27.62
N ASP B 51 48.09 43.88 -28.15
CA ASP B 51 47.58 43.51 -29.49
C ASP B 51 46.06 43.66 -29.57
N ILE B 52 45.31 43.53 -28.46
CA ILE B 52 43.82 43.37 -28.54
C ILE B 52 43.11 44.39 -27.65
N ALA B 53 43.75 44.98 -26.64
CA ALA B 53 43.07 46.00 -25.82
C ALA B 53 44.09 46.93 -25.20
N ASN B 54 43.59 48.10 -24.83
CA ASN B 54 44.18 49.00 -23.80
C ASN B 54 43.60 48.53 -22.45
N VAL B 55 44.45 47.92 -21.65
CA VAL B 55 44.05 47.28 -20.38
C VAL B 55 44.61 48.14 -19.24
N LYS B 56 43.73 48.49 -18.31
CA LYS B 56 44.09 49.16 -17.05
C LYS B 56 43.77 48.19 -15.93
N GLY B 57 44.66 48.01 -14.96
CA GLY B 57 44.51 47.08 -13.81
C GLY B 57 44.22 47.81 -12.51
N GLU B 58 43.22 47.36 -11.74
CA GLU B 58 43.02 47.80 -10.32
C GLU B 58 42.94 46.60 -9.35
N GLN B 59 43.66 46.70 -8.23
CA GLN B 59 43.71 45.66 -7.18
C GLN B 59 42.51 45.90 -6.28
N VAL B 60 41.59 44.96 -6.20
CA VAL B 60 40.40 45.04 -5.28
C VAL B 60 40.72 44.35 -3.97
N VAL B 61 41.31 43.15 -4.03
CA VAL B 61 41.89 42.35 -2.91
C VAL B 61 42.95 41.42 -3.52
N ASN B 62 43.75 40.75 -2.69
CA ASN B 62 44.71 39.70 -3.08
C ASN B 62 44.53 38.61 -2.05
N ILE B 63 43.58 37.70 -2.27
CA ILE B 63 43.16 36.61 -1.33
C ILE B 63 42.97 35.34 -2.16
N GLY B 64 43.23 34.19 -1.54
CA GLY B 64 42.77 32.89 -2.08
C GLY B 64 41.25 32.90 -2.05
N SER B 65 40.62 32.46 -3.12
CA SER B 65 39.15 32.49 -3.24
C SER B 65 38.50 31.51 -2.23
N GLN B 66 39.27 30.69 -1.50
CA GLN B 66 38.72 29.86 -0.39
C GLN B 66 38.31 30.80 0.75
N ASP B 67 38.79 32.07 0.74
CA ASP B 67 38.48 33.11 1.77
C ASP B 67 37.63 34.23 1.15
N MET B 68 37.06 34.01 -0.04
CA MET B 68 36.06 34.91 -0.66
C MET B 68 34.88 35.10 0.33
N ASN B 69 34.18 36.22 0.31
CA ASN B 69 33.21 36.60 1.38
C ASN B 69 32.25 37.64 0.82
N ASP B 70 31.14 37.83 1.52
CA ASP B 70 30.06 38.81 1.17
C ASP B 70 30.61 40.21 0.88
N ASN B 71 31.61 40.71 1.66
CA ASN B 71 32.12 42.10 1.57
C ASN B 71 32.78 42.28 0.19
N VAL B 72 33.62 41.33 -0.20
CA VAL B 72 34.25 41.34 -1.54
C VAL B 72 33.17 41.34 -2.63
N TRP B 73 32.16 40.47 -2.51
CA TRP B 73 31.10 40.40 -3.54
C TRP B 73 30.43 41.76 -3.71
N LEU B 74 30.10 42.39 -2.57
CA LEU B 74 29.42 43.71 -2.52
C LEU B 74 30.35 44.76 -3.17
N THR B 75 31.63 44.79 -2.81
CA THR B 75 32.65 45.69 -3.41
C THR B 75 32.60 45.57 -4.91
N LEU B 76 32.71 44.34 -5.41
CA LEU B 76 32.86 44.09 -6.86
C LEU B 76 31.63 44.58 -7.60
N ALA B 77 30.43 44.17 -7.16
CA ALA B 77 29.12 44.54 -7.76
C ALA B 77 29.05 46.07 -7.90
N LYS B 78 29.41 46.81 -6.83
CA LYS B 78 29.29 48.30 -6.77
C LYS B 78 30.35 48.93 -7.67
N LYS B 79 31.60 48.44 -7.61
CA LYS B 79 32.71 48.95 -8.47
C LYS B 79 32.36 48.83 -9.96
N ILE B 80 31.79 47.71 -10.40
CA ILE B 80 31.48 47.47 -11.84
C ILE B 80 30.29 48.36 -12.23
N ASN B 81 29.27 48.42 -11.38
CA ASN B 81 28.03 49.24 -11.57
C ASN B 81 28.45 50.73 -11.68
N THR B 82 29.35 51.19 -10.82
CA THR B 82 29.83 52.59 -10.82
C THR B 82 30.74 52.91 -12.03
N ASP B 83 31.65 52.00 -12.43
CA ASP B 83 32.66 52.23 -13.50
C ASP B 83 32.21 51.73 -14.88
N CYS B 84 30.99 51.20 -15.04
CA CYS B 84 30.46 50.67 -16.33
C CYS B 84 30.77 51.64 -17.49
N ASP B 85 30.35 52.90 -17.32
CA ASP B 85 30.37 53.93 -18.39
C ASP B 85 31.82 54.41 -18.63
N LYS B 86 32.82 54.00 -17.84
CA LYS B 86 34.25 54.43 -17.98
C LYS B 86 35.09 53.42 -18.76
N THR B 87 34.55 52.28 -19.18
CA THR B 87 35.33 51.20 -19.84
C THR B 87 34.39 50.45 -20.78
N ASP B 88 34.96 49.61 -21.63
CA ASP B 88 34.24 48.87 -22.70
C ASP B 88 33.99 47.46 -22.21
N GLY B 89 34.73 47.05 -21.16
CA GLY B 89 34.72 45.65 -20.72
C GLY B 89 35.45 45.43 -19.43
N PHE B 90 35.07 44.35 -18.71
CA PHE B 90 35.70 43.96 -17.42
C PHE B 90 36.21 42.52 -17.50
N VAL B 91 37.42 42.32 -16.98
CA VAL B 91 38.04 41.00 -16.64
C VAL B 91 38.30 41.02 -15.14
N ILE B 92 37.82 40.01 -14.45
CA ILE B 92 38.07 39.81 -12.99
C ILE B 92 38.95 38.58 -12.82
N THR B 93 40.17 38.80 -12.35
CA THR B 93 41.14 37.74 -12.00
C THR B 93 40.80 37.27 -10.60
N HIS B 94 40.66 35.94 -10.43
CA HIS B 94 40.07 35.33 -9.22
C HIS B 94 40.56 33.90 -9.02
N GLY B 95 40.50 33.45 -7.78
CA GLY B 95 40.75 32.04 -7.48
C GLY B 95 39.71 31.13 -8.13
N VAL B 96 40.15 29.92 -8.42
CA VAL B 96 39.34 28.81 -8.98
C VAL B 96 38.29 28.30 -7.97
N ASP B 97 38.62 28.21 -6.69
CA ASP B 97 37.86 27.46 -5.63
C ASP B 97 36.40 27.95 -5.52
N THR B 98 36.17 29.26 -5.49
CA THR B 98 34.79 29.81 -5.37
C THR B 98 34.44 30.70 -6.57
N MET B 99 35.23 30.63 -7.63
CA MET B 99 34.92 31.36 -8.89
C MET B 99 33.44 31.26 -9.29
N GLU B 100 32.88 30.04 -9.27
CA GLU B 100 31.48 29.73 -9.62
C GLU B 100 30.52 30.48 -8.67
N GLU B 101 30.93 30.83 -7.45
CA GLU B 101 29.98 31.53 -6.52
C GLU B 101 30.00 33.03 -6.86
N THR B 102 31.19 33.63 -6.93
CA THR B 102 31.38 35.05 -7.34
C THR B 102 30.72 35.25 -8.72
N ALA B 103 30.85 34.33 -9.65
CA ALA B 103 30.41 34.57 -11.03
C ALA B 103 28.88 34.76 -11.02
N TYR B 104 28.16 33.89 -10.30
CA TYR B 104 26.68 33.87 -10.19
C TYR B 104 26.22 35.06 -9.33
N PHE B 105 26.91 35.40 -8.25
CA PHE B 105 26.62 36.64 -7.50
C PHE B 105 26.67 37.87 -8.46
N LEU B 106 27.77 38.06 -9.19
CA LEU B 106 27.89 39.23 -10.12
C LEU B 106 26.86 39.12 -11.24
N ASP B 107 26.55 37.89 -11.65
CA ASP B 107 25.55 37.60 -12.71
C ASP B 107 24.22 38.23 -12.26
N LEU B 108 23.92 38.16 -10.98
CA LEU B 108 22.58 38.54 -10.47
C LEU B 108 22.54 40.02 -10.06
N THR B 109 23.69 40.67 -9.80
CA THR B 109 23.76 42.02 -9.15
C THR B 109 24.37 43.10 -10.07
N VAL B 110 25.16 42.71 -11.09
CA VAL B 110 25.80 43.64 -12.05
C VAL B 110 24.72 44.21 -12.97
N LYS B 111 24.66 45.54 -13.12
CA LYS B 111 23.67 46.21 -14.03
C LYS B 111 24.35 46.67 -15.31
N CYS B 112 25.67 46.53 -15.38
CA CYS B 112 26.48 46.76 -16.59
C CYS B 112 26.19 45.63 -17.55
N ASP B 113 25.68 45.90 -18.76
CA ASP B 113 25.49 44.85 -19.80
C ASP B 113 26.63 44.87 -20.81
N LYS B 114 27.73 45.58 -20.49
CA LYS B 114 29.06 45.40 -21.14
C LYS B 114 29.73 44.13 -20.61
N PRO B 115 30.60 43.47 -21.42
CA PRO B 115 31.13 42.17 -21.03
C PRO B 115 31.81 42.22 -19.65
N VAL B 116 31.42 41.30 -18.77
CA VAL B 116 32.12 41.02 -17.47
C VAL B 116 32.59 39.55 -17.47
N VAL B 117 33.90 39.35 -17.52
CA VAL B 117 34.57 38.03 -17.76
C VAL B 117 35.43 37.70 -16.53
N MET B 118 35.27 36.52 -15.90
CA MET B 118 36.13 36.12 -14.77
C MET B 118 37.09 35.09 -15.31
N VAL B 119 38.31 35.03 -14.74
CA VAL B 119 39.39 34.13 -15.18
C VAL B 119 40.24 33.83 -13.95
N GLY B 120 40.79 32.61 -13.92
CA GLY B 120 41.83 32.18 -12.98
C GLY B 120 42.78 31.21 -13.65
N ALA B 121 43.43 30.39 -12.83
CA ALA B 121 44.47 29.45 -13.31
C ALA B 121 44.54 28.32 -12.31
N MET B 122 44.73 27.10 -12.81
CA MET B 122 44.99 25.93 -11.94
C MET B 122 46.45 25.86 -11.56
N ARG B 123 47.36 26.43 -12.36
CA ARG B 123 48.84 26.37 -12.09
C ARG B 123 49.39 27.77 -11.82
N PRO B 124 50.34 27.92 -10.89
CA PRO B 124 50.98 29.23 -10.67
C PRO B 124 51.83 29.72 -11.86
N SER B 125 52.21 31.02 -11.86
CA SER B 125 53.00 31.77 -12.90
C SER B 125 54.35 31.09 -13.22
N THR B 126 54.97 30.55 -12.19
CA THR B 126 56.31 29.96 -12.09
C THR B 126 56.26 28.47 -12.47
N SER B 127 55.09 27.86 -12.66
CA SER B 127 54.98 26.41 -12.98
C SER B 127 55.32 26.12 -14.45
N MET B 128 55.80 24.93 -14.75
CA MET B 128 55.89 24.46 -16.14
C MET B 128 54.49 24.57 -16.75
N SER B 129 54.42 25.04 -17.99
CA SER B 129 53.17 25.08 -18.81
C SER B 129 52.05 25.79 -18.00
N ALA B 130 52.36 26.88 -17.30
CA ALA B 130 51.40 27.68 -16.51
C ALA B 130 50.22 28.11 -17.41
N ASP B 131 48.98 28.00 -16.93
CA ASP B 131 47.78 28.17 -17.79
C ASP B 131 47.40 29.65 -17.75
N GLY B 132 47.78 30.36 -16.69
CA GLY B 132 47.41 31.77 -16.43
C GLY B 132 47.55 32.74 -17.60
N PRO B 133 48.74 32.81 -18.26
CA PRO B 133 48.94 33.73 -19.37
C PRO B 133 47.91 33.63 -20.50
N PHE B 134 47.75 32.47 -21.14
CA PHE B 134 46.79 32.31 -22.25
C PHE B 134 45.34 32.49 -21.75
N ASN B 135 45.07 32.07 -20.51
CA ASN B 135 43.74 32.23 -19.83
C ASN B 135 43.37 33.73 -19.79
N LEU B 136 44.31 34.54 -19.28
CA LEU B 136 44.14 36.01 -19.22
C LEU B 136 43.95 36.59 -20.64
N TYR B 137 44.77 36.14 -21.57
CA TYR B 137 44.72 36.58 -22.98
C TYR B 137 43.29 36.32 -23.46
N ASN B 138 42.80 35.06 -23.28
CA ASN B 138 41.50 34.65 -23.88
C ASN B 138 40.40 35.40 -23.13
N ALA B 139 40.57 35.71 -21.83
CA ALA B 139 39.57 36.48 -21.04
C ALA B 139 39.46 37.91 -21.63
N VAL B 140 40.60 38.49 -21.99
CA VAL B 140 40.57 39.85 -22.58
C VAL B 140 39.95 39.73 -23.99
N VAL B 141 40.27 38.69 -24.78
CA VAL B 141 39.64 38.51 -26.12
C VAL B 141 38.12 38.53 -25.87
N THR B 142 37.69 37.85 -24.80
CA THR B 142 36.23 37.64 -24.59
C THR B 142 35.60 38.95 -24.14
N ALA B 143 36.24 39.66 -23.19
CA ALA B 143 35.78 40.99 -22.73
C ALA B 143 35.82 42.02 -23.89
N ALA B 144 36.63 41.82 -24.93
CA ALA B 144 36.83 42.82 -26.02
C ALA B 144 35.84 42.57 -27.13
N ASP B 145 35.29 41.36 -27.20
CA ASP B 145 34.32 40.97 -28.26
C ASP B 145 32.96 41.60 -27.94
N LYS B 146 32.37 42.36 -28.87
CA LYS B 146 31.06 43.01 -28.65
C LYS B 146 29.91 41.97 -28.61
N ALA B 147 30.04 40.86 -29.32
CA ALA B 147 29.11 39.71 -29.22
C ALA B 147 29.06 39.17 -27.80
N SER B 148 30.00 39.49 -26.91
CA SER B 148 29.99 38.99 -25.50
C SER B 148 28.95 39.74 -24.64
N ALA B 149 28.55 40.96 -25.03
CA ALA B 149 27.58 41.84 -24.31
C ALA B 149 26.21 41.17 -24.20
N ASN B 150 25.50 41.34 -23.08
CA ASN B 150 24.11 40.89 -22.85
C ASN B 150 24.05 39.37 -22.71
N ARG B 151 25.14 38.71 -22.31
CA ARG B 151 25.12 37.25 -22.06
C ARG B 151 25.22 37.01 -20.55
N GLY B 152 25.22 38.09 -19.79
CA GLY B 152 25.48 38.06 -18.34
C GLY B 152 26.93 37.87 -18.02
N VAL B 153 27.25 37.66 -16.74
CA VAL B 153 28.65 37.50 -16.25
C VAL B 153 29.20 36.15 -16.74
N LEU B 154 30.41 36.18 -17.30
CA LEU B 154 31.04 35.01 -17.93
C LEU B 154 32.28 34.57 -17.14
N VAL B 155 32.61 33.28 -17.27
CA VAL B 155 33.89 32.62 -16.86
C VAL B 155 34.54 32.11 -18.16
N VAL B 156 35.78 32.50 -18.40
CA VAL B 156 36.57 32.06 -19.56
C VAL B 156 37.76 31.27 -19.03
N MET B 157 37.75 29.97 -19.26
CA MET B 157 38.84 29.07 -18.86
C MET B 157 39.02 28.03 -19.97
N ASN B 158 40.24 27.63 -20.22
CA ASN B 158 40.51 26.50 -21.14
C ASN B 158 39.79 26.73 -22.47
N ASP B 159 39.91 27.91 -23.05
CA ASP B 159 39.47 28.27 -24.41
C ASP B 159 37.94 28.18 -24.51
N THR B 160 37.25 28.30 -23.39
CA THR B 160 35.78 28.14 -23.36
C THR B 160 35.15 29.36 -22.67
N VAL B 161 34.02 29.80 -23.21
CA VAL B 161 33.17 30.87 -22.61
C VAL B 161 31.96 30.21 -21.94
N LEU B 162 31.90 30.34 -20.61
CA LEU B 162 30.89 29.68 -19.72
C LEU B 162 30.02 30.73 -19.02
N ASP B 163 28.70 30.55 -19.03
CA ASP B 163 27.74 31.44 -18.33
C ASP B 163 27.90 31.26 -16.81
N GLY B 164 27.72 32.37 -16.09
CA GLY B 164 27.99 32.42 -14.63
C GLY B 164 27.04 31.53 -13.81
N ARG B 165 25.83 31.26 -14.30
CA ARG B 165 24.84 30.42 -13.56
C ARG B 165 25.28 28.94 -13.64
N ASP B 166 25.52 28.36 -14.82
CA ASP B 166 25.71 26.88 -14.91
C ASP B 166 27.16 26.48 -14.64
N VAL B 167 28.11 27.40 -14.68
CA VAL B 167 29.55 27.03 -14.66
C VAL B 167 29.92 26.54 -13.27
N THR B 168 30.77 25.51 -13.23
CA THR B 168 31.26 24.95 -11.96
C THR B 168 32.60 24.29 -12.21
N THR B 169 33.41 24.18 -11.16
CA THR B 169 34.70 23.44 -11.16
C THR B 169 34.36 21.94 -10.97
N THR B 170 34.77 21.07 -11.91
CA THR B 170 34.47 19.60 -11.93
C THR B 170 35.64 18.71 -11.42
N ASN B 171 36.89 19.24 -11.33
CA ASN B 171 38.09 18.46 -10.97
C ASN B 171 39.01 19.28 -10.08
N THR B 172 39.63 18.62 -9.11
CA THR B 172 40.44 19.34 -8.11
C THR B 172 41.73 19.96 -8.72
N THR B 173 42.29 19.46 -9.83
CA THR B 173 43.63 19.88 -10.36
C THR B 173 43.68 20.05 -11.88
N ASP B 174 42.69 19.57 -12.62
CA ASP B 174 42.72 19.60 -14.10
C ASP B 174 42.60 21.06 -14.60
N VAL B 175 43.42 21.45 -15.60
CA VAL B 175 43.31 22.79 -16.24
C VAL B 175 41.91 22.93 -16.88
N ALA B 176 41.28 21.82 -17.32
CA ALA B 176 39.96 21.82 -18.03
C ALA B 176 38.83 21.71 -17.01
N THR B 177 39.09 21.94 -15.71
CA THR B 177 38.08 21.79 -14.64
C THR B 177 36.72 22.51 -14.94
N PHE B 178 36.71 23.72 -15.49
CA PHE B 178 35.51 24.57 -15.50
C PHE B 178 34.61 24.13 -16.63
N LYS B 179 33.37 23.76 -16.31
CA LYS B 179 32.39 23.29 -17.30
C LYS B 179 31.00 23.81 -16.89
N SER B 180 30.12 24.00 -17.87
CA SER B 180 28.68 24.26 -17.60
C SER B 180 27.95 22.92 -17.71
N VAL B 181 27.87 22.18 -16.60
CA VAL B 181 27.66 20.71 -16.60
C VAL B 181 26.21 20.35 -16.97
N ASN B 182 25.28 21.30 -17.00
CA ASN B 182 23.86 20.99 -17.27
C ASN B 182 23.49 21.47 -18.67
N TYR B 183 23.86 22.71 -19.04
CA TYR B 183 23.38 23.35 -20.30
C TYR B 183 24.52 23.63 -21.31
N GLY B 184 25.77 23.41 -20.91
CA GLY B 184 26.92 23.44 -21.83
C GLY B 184 27.45 24.88 -21.99
N PRO B 185 28.58 25.07 -22.71
CA PRO B 185 29.20 26.39 -22.86
C PRO B 185 28.44 27.31 -23.85
N LEU B 186 28.75 28.60 -23.83
CA LEU B 186 28.18 29.58 -24.77
C LEU B 186 29.00 29.62 -26.07
N GLY B 187 30.31 29.35 -26.00
CA GLY B 187 31.25 29.57 -27.14
C GLY B 187 32.62 29.02 -26.87
N TYR B 188 33.30 28.62 -27.93
CA TYR B 188 34.73 28.24 -27.95
C TYR B 188 35.52 29.34 -28.64
N ILE B 189 36.71 29.58 -28.09
CA ILE B 189 37.72 30.59 -28.49
C ILE B 189 38.78 29.84 -29.27
N HIS B 190 39.08 30.28 -30.48
CA HIS B 190 40.18 29.71 -31.30
C HIS B 190 40.79 30.85 -32.12
N ASN B 191 42.09 31.06 -32.01
CA ASN B 191 42.78 32.12 -32.79
C ASN B 191 42.12 33.47 -32.42
N GLY B 192 41.87 33.75 -31.14
CA GLY B 192 41.36 35.08 -30.70
C GLY B 192 39.94 35.42 -31.17
N LYS B 193 39.17 34.46 -31.67
CA LYS B 193 37.78 34.62 -32.13
C LYS B 193 36.86 33.59 -31.43
N ILE B 194 35.63 33.98 -31.13
CA ILE B 194 34.64 33.14 -30.43
C ILE B 194 33.50 32.87 -31.40
N ASP B 195 33.12 31.61 -31.62
CA ASP B 195 31.85 31.27 -32.31
C ASP B 195 30.79 31.08 -31.22
N TYR B 196 29.97 32.10 -30.95
CA TYR B 196 28.95 32.05 -29.87
C TYR B 196 27.71 31.32 -30.42
N GLN B 197 27.21 30.25 -29.78
CA GLN B 197 26.07 29.47 -30.33
C GLN B 197 24.93 29.34 -29.32
N ARG B 198 25.04 30.00 -28.17
CA ARG B 198 24.12 29.83 -27.02
C ARG B 198 24.21 31.05 -26.12
N THR B 199 23.14 31.36 -25.43
CA THR B 199 23.03 32.46 -24.46
C THR B 199 22.14 31.97 -23.32
N PRO B 200 22.40 32.32 -22.05
CA PRO B 200 21.58 31.81 -20.95
C PRO B 200 20.18 32.41 -21.01
N ALA B 201 19.11 31.61 -20.90
CA ALA B 201 17.71 32.07 -20.97
C ALA B 201 17.34 32.69 -19.63
N ARG B 202 17.94 32.18 -18.55
CA ARG B 202 17.58 32.64 -17.20
C ARG B 202 17.96 34.11 -17.15
N LYS B 203 17.15 34.88 -16.45
CA LYS B 203 17.30 36.34 -16.30
C LYS B 203 18.52 36.68 -15.44
N HIS B 204 19.28 37.64 -15.94
CA HIS B 204 20.62 38.03 -15.39
C HIS B 204 20.74 39.56 -15.52
N THR B 205 21.76 40.08 -14.84
CA THR B 205 22.22 41.48 -14.81
C THR B 205 21.00 42.41 -14.66
N SER B 206 20.72 43.22 -15.68
CA SER B 206 19.71 44.31 -15.58
C SER B 206 18.31 43.74 -15.74
N ASP B 207 18.15 42.42 -15.88
CA ASP B 207 16.81 41.77 -15.97
C ASP B 207 16.43 41.22 -14.60
N THR B 208 17.24 41.45 -13.57
CA THR B 208 16.94 41.01 -12.20
C THR B 208 16.59 42.20 -11.31
N PRO B 209 15.70 42.03 -10.31
CA PRO B 209 15.37 43.13 -9.37
C PRO B 209 16.42 43.29 -8.26
N PHE B 210 17.41 42.42 -8.18
CA PHE B 210 18.40 42.49 -7.06
C PHE B 210 19.21 43.75 -7.25
N ASP B 211 19.18 44.61 -6.24
CA ASP B 211 19.90 45.90 -6.24
C ASP B 211 20.75 45.96 -4.97
N VAL B 212 22.06 45.91 -5.12
CA VAL B 212 23.01 45.81 -3.97
C VAL B 212 23.75 47.14 -3.74
N SER B 213 23.40 48.18 -4.52
CA SER B 213 24.15 49.48 -4.53
C SER B 213 24.25 50.07 -3.11
N LYS B 214 23.24 49.91 -2.26
CA LYS B 214 23.17 50.51 -0.89
C LYS B 214 23.21 49.47 0.24
N LEU B 215 23.57 48.20 -0.06
CA LEU B 215 23.69 47.10 0.94
C LEU B 215 25.15 47.00 1.42
N ASN B 216 25.33 46.84 2.73
CA ASN B 216 26.65 46.65 3.39
C ASN B 216 26.78 45.21 3.93
N GLU B 217 25.68 44.46 3.96
CA GLU B 217 25.66 43.02 4.33
C GLU B 217 24.53 42.32 3.56
N LEU B 218 24.63 40.99 3.48
CA LEU B 218 23.63 40.09 2.88
C LEU B 218 23.01 39.26 4.01
N PRO B 219 21.75 38.81 3.84
CA PRO B 219 21.25 37.77 4.73
C PRO B 219 22.23 36.60 4.99
N LYS B 220 22.21 36.11 6.23
CA LYS B 220 23.03 34.97 6.68
C LYS B 220 22.39 33.69 6.12
N VAL B 221 23.00 33.07 5.12
CA VAL B 221 22.60 31.74 4.58
C VAL B 221 23.75 30.74 4.76
N GLY B 222 23.47 29.59 5.41
CA GLY B 222 24.38 28.47 5.65
C GLY B 222 24.02 27.27 4.78
N ILE B 223 24.95 26.32 4.69
CA ILE B 223 24.82 25.08 3.89
C ILE B 223 25.09 23.88 4.78
N VAL B 224 24.18 22.92 4.78
CA VAL B 224 24.42 21.66 5.52
C VAL B 224 24.44 20.49 4.52
N TYR B 225 25.21 19.47 4.87
CA TYR B 225 25.52 18.33 3.99
C TYR B 225 24.65 17.18 4.47
N ASN B 226 24.14 16.39 3.54
CA ASN B 226 23.38 15.14 3.83
C ASN B 226 24.20 13.95 3.36
N TYR B 227 24.07 12.84 4.08
CA TYR B 227 24.80 11.56 3.97
C TYR B 227 24.14 10.61 5.00
N ALA B 228 24.57 9.37 5.00
CA ALA B 228 24.04 8.31 5.87
C ALA B 228 24.35 8.70 7.33
N ASN B 229 23.34 8.57 8.18
CA ASN B 229 23.51 8.81 9.63
C ASN B 229 23.93 10.27 9.88
N ALA B 230 23.54 11.16 8.99
CA ALA B 230 23.85 12.60 9.13
C ALA B 230 23.37 13.10 10.50
N SER B 231 24.24 13.81 11.22
CA SER B 231 23.92 14.65 12.40
C SER B 231 22.97 15.77 12.02
N ASP B 232 22.01 16.10 12.89
CA ASP B 232 21.21 17.35 12.83
C ASP B 232 21.97 18.52 13.50
N LEU B 233 23.17 18.31 14.05
CA LEU B 233 23.82 19.40 14.86
C LEU B 233 24.23 20.59 13.99
N PRO B 234 24.81 20.41 12.79
CA PRO B 234 25.03 21.56 11.91
C PRO B 234 23.78 22.44 11.65
N ALA B 235 22.68 21.79 11.25
CA ALA B 235 21.39 22.44 10.91
C ALA B 235 20.87 23.16 12.16
N LYS B 236 20.98 22.54 13.32
CA LYS B 236 20.51 23.11 14.62
C LYS B 236 21.33 24.32 15.02
N ALA B 237 22.63 24.36 14.72
CA ALA B 237 23.56 25.49 15.06
C ALA B 237 23.18 26.72 14.21
N LEU B 238 22.79 26.48 12.98
CA LEU B 238 22.34 27.56 12.07
C LEU B 238 21.00 28.17 12.53
N VAL B 239 20.00 27.34 12.81
CA VAL B 239 18.68 27.70 13.40
C VAL B 239 18.88 28.44 14.72
N ASP B 240 19.74 27.91 15.59
CA ASP B 240 20.07 28.50 16.93
C ASP B 240 20.69 29.88 16.75
N ALA B 241 21.52 30.09 15.73
CA ALA B 241 22.11 31.40 15.40
C ALA B 241 21.08 32.34 14.74
N GLY B 242 19.83 31.93 14.50
CA GLY B 242 18.87 32.78 13.76
C GLY B 242 19.31 33.08 12.33
N TYR B 243 19.76 32.10 11.56
CA TYR B 243 20.15 32.27 10.14
C TYR B 243 18.89 32.62 9.36
N ASP B 244 19.02 33.47 8.34
CA ASP B 244 17.90 33.89 7.46
C ASP B 244 17.50 32.75 6.53
N GLY B 245 18.48 31.94 6.13
CA GLY B 245 18.23 30.78 5.26
C GLY B 245 19.23 29.69 5.49
N ILE B 246 18.82 28.48 5.12
CA ILE B 246 19.66 27.26 5.12
C ILE B 246 19.48 26.60 3.76
N VAL B 247 20.58 26.28 3.08
CA VAL B 247 20.55 25.39 1.88
C VAL B 247 20.95 24.01 2.35
N SER B 248 20.17 23.01 1.94
CA SER B 248 20.46 21.57 2.09
C SER B 248 21.20 21.07 0.85
N ALA B 249 22.40 20.54 1.06
CA ALA B 249 23.06 19.75 0.01
C ALA B 249 22.53 18.34 0.18
N GLY B 250 21.36 18.11 -0.39
CA GLY B 250 20.68 16.82 -0.28
C GLY B 250 21.35 15.66 -0.97
N VAL B 251 20.84 14.48 -0.72
CA VAL B 251 21.30 13.25 -1.40
C VAL B 251 20.33 12.99 -2.57
N GLY B 252 20.85 12.48 -3.67
CA GLY B 252 20.06 12.26 -4.90
C GLY B 252 19.30 13.52 -5.27
N ASN B 253 17.99 13.34 -5.55
CA ASN B 253 17.07 14.43 -5.94
C ASN B 253 16.70 15.30 -4.72
N GLY B 254 17.71 15.92 -4.07
CA GLY B 254 17.50 16.88 -2.97
C GLY B 254 16.95 16.28 -1.67
N ASN B 255 17.10 14.96 -1.42
CA ASN B 255 16.48 14.32 -0.22
C ASN B 255 17.30 14.57 1.04
N LEU B 256 16.66 14.32 2.19
CA LEU B 256 17.20 14.79 3.49
C LEU B 256 17.22 13.58 4.42
N TYR B 257 18.33 13.35 5.08
CA TYR B 257 18.37 12.35 6.17
C TYR B 257 17.25 12.73 7.18
N LYS B 258 16.54 11.77 7.76
CA LYS B 258 15.35 12.07 8.64
C LYS B 258 15.66 13.14 9.71
N SER B 259 16.77 13.06 10.44
CA SER B 259 17.13 14.05 11.50
C SER B 259 17.17 15.46 10.89
N VAL B 260 17.82 15.58 9.72
CA VAL B 260 18.04 16.90 9.06
C VAL B 260 16.68 17.42 8.57
N PHE B 261 15.85 16.52 8.01
CA PHE B 261 14.46 16.83 7.54
C PHE B 261 13.68 17.39 8.75
N ASP B 262 13.76 16.74 9.92
CA ASP B 262 13.00 17.16 11.12
C ASP B 262 13.46 18.57 11.52
N THR B 263 14.78 18.80 11.63
CA THR B 263 15.31 20.11 12.04
C THR B 263 14.96 21.18 11.01
N LEU B 264 15.08 20.90 9.69
CA LEU B 264 14.68 21.88 8.62
C LEU B 264 13.15 22.09 8.48
N ALA B 265 12.33 21.07 8.70
CA ALA B 265 10.84 21.26 8.78
C ALA B 265 10.50 22.35 9.82
N THR B 266 11.10 22.25 10.99
CA THR B 266 11.03 23.23 12.11
C THR B 266 11.54 24.59 11.64
N ALA B 267 12.76 24.67 11.09
CA ALA B 267 13.39 25.93 10.63
C ALA B 267 12.40 26.70 9.74
N ALA B 268 11.87 26.03 8.73
CA ALA B 268 11.04 26.65 7.65
C ALA B 268 9.80 27.36 8.22
N LYS B 269 9.18 26.88 9.31
CA LYS B 269 7.96 27.46 9.93
C LYS B 269 8.35 28.35 11.12
N THR B 270 9.60 28.80 11.18
CA THR B 270 10.18 29.50 12.35
C THR B 270 11.07 30.67 11.89
N GLY B 271 10.94 31.11 10.64
CA GLY B 271 11.63 32.30 10.12
C GLY B 271 13.00 31.99 9.48
N THR B 272 13.25 30.74 9.11
CA THR B 272 14.41 30.36 8.26
C THR B 272 13.88 29.88 6.93
N ALA B 273 14.19 30.54 5.81
CA ALA B 273 13.91 29.97 4.46
C ALA B 273 14.78 28.72 4.25
N VAL B 274 14.20 27.66 3.70
CA VAL B 274 14.94 26.38 3.46
C VAL B 274 14.92 26.10 1.97
N VAL B 275 16.12 25.96 1.40
CA VAL B 275 16.28 25.53 -0.03
C VAL B 275 16.86 24.11 -0.03
N ARG B 276 16.14 23.21 -0.71
CA ARG B 276 16.64 21.86 -1.06
C ARG B 276 17.47 21.98 -2.37
N SER B 277 18.79 21.84 -2.22
CA SER B 277 19.72 21.56 -3.36
C SER B 277 20.23 20.12 -3.28
N SER B 278 21.32 19.83 -3.97
CA SER B 278 21.87 18.45 -4.00
C SER B 278 23.38 18.46 -4.07
N ARG B 279 24.02 17.49 -3.36
CA ARG B 279 25.48 17.25 -3.41
C ARG B 279 25.83 16.60 -4.74
N VAL B 280 24.83 16.07 -5.44
CA VAL B 280 25.01 15.41 -6.76
C VAL B 280 25.37 16.48 -7.78
N PRO B 281 26.43 16.27 -8.58
CA PRO B 281 27.07 17.36 -9.29
C PRO B 281 26.33 17.89 -10.50
N THR B 282 25.36 17.15 -11.03
CA THR B 282 24.52 17.56 -12.19
C THR B 282 23.05 17.24 -11.93
N GLY B 283 22.19 17.91 -12.69
CA GLY B 283 20.72 17.71 -12.63
C GLY B 283 20.03 18.60 -11.61
N ALA B 284 18.74 18.84 -11.78
CA ALA B 284 17.92 19.72 -10.92
C ALA B 284 17.52 18.95 -9.66
N THR B 285 17.49 19.61 -8.50
CA THR B 285 16.57 19.24 -7.40
C THR B 285 15.13 19.62 -7.79
N THR B 286 14.22 18.66 -8.00
CA THR B 286 12.85 18.92 -8.53
C THR B 286 11.84 18.98 -7.37
N GLN B 287 10.76 19.71 -7.60
CA GLN B 287 9.45 19.49 -6.94
C GLN B 287 8.91 18.15 -7.44
N ASP B 288 7.84 17.69 -6.78
CA ASP B 288 6.99 16.55 -7.22
C ASP B 288 7.77 15.24 -7.24
N ALA B 289 8.69 15.03 -6.29
CA ALA B 289 9.46 13.77 -6.24
C ALA B 289 9.09 13.08 -4.92
N GLU B 290 9.99 13.01 -3.94
CA GLU B 290 9.65 12.39 -2.63
C GLU B 290 9.23 13.47 -1.62
N VAL B 291 9.50 14.75 -1.86
CA VAL B 291 9.32 15.77 -0.79
C VAL B 291 8.15 16.72 -1.14
N ASP B 292 7.18 16.78 -0.21
CA ASP B 292 6.04 17.75 -0.29
C ASP B 292 6.52 19.17 0.10
N ASP B 293 7.19 19.88 -0.82
CA ASP B 293 7.81 21.21 -0.59
C ASP B 293 6.76 22.20 -0.06
N ALA B 294 5.55 22.19 -0.63
CA ALA B 294 4.44 23.10 -0.23
C ALA B 294 4.07 22.84 1.23
N LYS B 295 3.85 21.57 1.60
CA LYS B 295 3.55 21.20 3.01
C LYS B 295 4.62 21.69 3.97
N TYR B 296 5.92 21.63 3.65
CA TYR B 296 7.02 21.98 4.59
C TYR B 296 7.37 23.48 4.51
N GLY B 297 6.90 24.21 3.48
CA GLY B 297 7.41 25.57 3.14
C GLY B 297 8.88 25.56 2.69
N PHE B 298 9.31 24.51 2.00
CA PHE B 298 10.67 24.42 1.37
C PHE B 298 10.62 24.81 -0.11
N VAL B 299 11.80 25.19 -0.62
CA VAL B 299 12.05 25.65 -2.02
C VAL B 299 13.00 24.65 -2.65
N ALA B 300 12.69 24.21 -3.88
CA ALA B 300 13.50 23.32 -4.73
C ALA B 300 14.50 24.17 -5.54
N SER B 301 15.80 23.86 -5.45
CA SER B 301 16.86 24.73 -6.03
C SER B 301 16.84 24.64 -7.55
N GLY B 302 16.23 23.60 -8.18
CA GLY B 302 16.49 23.36 -9.61
C GLY B 302 17.98 22.98 -9.83
N THR B 303 18.64 23.46 -10.88
CA THR B 303 20.01 23.02 -11.27
C THR B 303 21.02 23.77 -10.43
N LEU B 304 20.58 24.67 -9.55
CA LEU B 304 21.55 25.40 -8.71
C LEU B 304 22.13 24.42 -7.69
N ASN B 305 23.45 24.26 -7.71
CA ASN B 305 24.12 23.46 -6.67
C ASN B 305 24.07 24.22 -5.34
N PRO B 306 24.46 23.59 -4.22
CA PRO B 306 24.28 24.22 -2.91
C PRO B 306 24.85 25.66 -2.86
N GLN B 307 26.09 25.85 -3.31
CA GLN B 307 26.81 27.14 -3.12
C GLN B 307 26.17 28.19 -4.04
N LYS B 308 25.61 27.78 -5.19
CA LYS B 308 24.92 28.73 -6.10
C LYS B 308 23.55 29.07 -5.49
N ALA B 309 22.87 28.05 -4.97
CA ALA B 309 21.56 28.18 -4.29
C ALA B 309 21.73 29.18 -3.14
N ARG B 310 22.85 29.13 -2.42
CA ARG B 310 23.08 30.09 -1.31
C ARG B 310 23.07 31.50 -1.91
N VAL B 311 23.72 31.68 -3.06
CA VAL B 311 23.84 33.04 -3.70
C VAL B 311 22.44 33.62 -3.93
N LEU B 312 21.62 32.90 -4.68
CA LEU B 312 20.24 33.30 -5.03
C LEU B 312 19.40 33.38 -3.75
N LEU B 313 19.56 32.47 -2.76
CA LEU B 313 18.73 32.57 -1.51
C LEU B 313 19.06 33.87 -0.77
N GLN B 314 20.33 34.24 -0.66
CA GLN B 314 20.74 35.51 0.01
C GLN B 314 19.99 36.64 -0.68
N LEU B 315 20.06 36.68 -2.02
CA LEU B 315 19.50 37.81 -2.79
C LEU B 315 17.98 37.80 -2.73
N ALA B 316 17.35 36.63 -2.78
CA ALA B 316 15.87 36.54 -2.71
C ALA B 316 15.46 37.15 -1.37
N LEU B 317 16.22 36.89 -0.31
CA LEU B 317 15.90 37.32 1.08
C LEU B 317 16.08 38.85 1.24
N THR B 318 16.71 39.58 0.30
CA THR B 318 16.74 41.07 0.34
C THR B 318 15.38 41.62 -0.18
N GLN B 319 14.55 40.77 -0.76
CA GLN B 319 13.24 41.16 -1.32
C GLN B 319 12.08 40.53 -0.54
N THR B 320 12.22 39.31 -0.02
CA THR B 320 11.07 38.60 0.59
C THR B 320 11.55 37.53 1.58
N LYS B 321 10.68 37.17 2.50
CA LYS B 321 10.85 35.92 3.30
C LYS B 321 9.79 34.91 2.91
N ASP B 322 8.92 35.18 1.94
CA ASP B 322 7.79 34.25 1.66
C ASP B 322 8.28 33.05 0.86
N PRO B 323 8.13 31.78 1.36
CA PRO B 323 8.61 30.58 0.67
C PRO B 323 8.11 30.51 -0.77
N GLN B 324 6.86 30.91 -1.01
CA GLN B 324 6.26 30.83 -2.36
C GLN B 324 6.90 31.87 -3.29
N GLN B 325 7.21 33.06 -2.78
CA GLN B 325 7.88 34.10 -3.62
C GLN B 325 9.34 33.70 -3.87
N ILE B 326 10.00 33.05 -2.91
CA ILE B 326 11.40 32.56 -3.08
C ILE B 326 11.40 31.47 -4.18
N GLN B 327 10.45 30.55 -4.18
CA GLN B 327 10.33 29.47 -5.21
C GLN B 327 10.21 30.13 -6.59
N GLN B 328 9.41 31.19 -6.73
CA GLN B 328 9.21 31.94 -8.02
C GLN B 328 10.57 32.49 -8.48
N ILE B 329 11.37 32.99 -7.54
CA ILE B 329 12.73 33.55 -7.83
C ILE B 329 13.63 32.42 -8.37
N PHE B 330 13.52 31.23 -7.79
CA PHE B 330 14.37 30.06 -8.09
C PHE B 330 13.89 29.53 -9.43
N ASN B 331 12.69 29.88 -9.87
CA ASN B 331 12.16 29.44 -11.20
C ASN B 331 12.51 30.48 -12.27
N GLN B 332 13.04 31.65 -11.90
CA GLN B 332 13.23 32.75 -12.89
C GLN B 332 14.70 33.11 -13.16
N TYR B 333 15.58 32.95 -12.17
CA TYR B 333 16.96 33.50 -12.13
C TYR B 333 17.96 32.34 -11.96
N LEU C 8 -18.08 12.16 -24.97
CA LEU C 8 -18.02 11.06 -23.84
C LEU C 8 -18.67 11.56 -22.54
N PRO C 9 -19.49 10.72 -21.89
CA PRO C 9 -20.18 11.12 -20.66
C PRO C 9 -19.25 11.48 -19.50
N ASN C 10 -19.72 12.35 -18.65
CA ASN C 10 -19.07 12.67 -17.35
C ASN C 10 -19.57 11.68 -16.28
N ILE C 11 -18.65 10.93 -15.71
CA ILE C 11 -18.95 9.91 -14.67
C ILE C 11 -18.19 10.26 -13.39
N THR C 12 -18.87 10.33 -12.26
CA THR C 12 -18.23 10.51 -10.97
C THR C 12 -18.12 9.15 -10.27
N ILE C 13 -16.93 8.78 -9.83
CA ILE C 13 -16.65 7.61 -8.95
C ILE C 13 -16.60 8.09 -7.50
N LEU C 14 -17.53 7.63 -6.69
CA LEU C 14 -17.54 7.80 -5.23
C LEU C 14 -16.98 6.53 -4.60
N ALA C 15 -15.76 6.62 -4.05
CA ALA C 15 -14.98 5.51 -3.44
C ALA C 15 -15.29 5.36 -1.96
N THR C 16 -15.57 4.14 -1.51
CA THR C 16 -15.88 3.85 -0.08
C THR C 16 -14.86 2.90 0.55
N GLY C 17 -13.95 2.33 -0.26
CA GLY C 17 -12.99 1.32 0.17
C GLY C 17 -13.23 -0.05 -0.46
N GLY C 18 -13.27 -1.07 0.36
CA GLY C 18 -13.42 -2.44 -0.11
C GLY C 18 -12.13 -3.09 -0.58
N THR C 19 -12.24 -4.38 -0.91
CA THR C 19 -11.14 -5.19 -1.52
C THR C 19 -10.74 -4.66 -2.89
N ILE C 20 -11.66 -4.07 -3.65
CA ILE C 20 -11.32 -3.38 -4.94
C ILE C 20 -10.15 -2.42 -4.71
N ALA C 21 -10.04 -1.81 -3.54
CA ALA C 21 -8.98 -0.83 -3.16
C ALA C 21 -8.00 -1.46 -2.17
N GLY C 22 -7.96 -2.79 -2.07
CA GLY C 22 -7.17 -3.56 -1.08
C GLY C 22 -5.86 -4.09 -1.70
N GLY C 23 -4.94 -4.61 -0.90
CA GLY C 23 -3.63 -5.13 -1.35
C GLY C 23 -3.09 -6.17 -0.39
N GLY C 24 -2.28 -7.11 -0.85
CA GLY C 24 -1.50 -8.05 -0.03
C GLY C 24 -0.06 -8.07 -0.50
N ASP C 25 0.87 -8.72 0.23
CA ASP C 25 2.32 -8.75 -0.08
C ASP C 25 2.60 -9.69 -1.26
N SER C 26 1.61 -10.47 -1.72
CA SER C 26 1.80 -11.58 -2.70
C SER C 26 0.64 -11.60 -3.71
N ALA C 27 0.94 -11.85 -4.97
CA ALA C 27 -0.01 -11.95 -6.10
C ALA C 27 -0.89 -13.20 -5.93
N THR C 28 -0.40 -14.11 -5.12
CA THR C 28 -0.70 -15.55 -5.25
C THR C 28 -1.38 -16.03 -3.94
N LYS C 29 -1.04 -15.42 -2.80
CA LYS C 29 -1.66 -15.70 -1.47
C LYS C 29 -2.98 -14.91 -1.29
N SER C 30 -3.83 -15.35 -0.40
CA SER C 30 -5.21 -14.85 -0.23
C SER C 30 -5.24 -13.70 0.80
N ASN C 31 -4.13 -13.46 1.52
CA ASN C 31 -4.10 -12.54 2.70
C ASN C 31 -4.18 -11.14 2.13
N TYR C 32 -5.05 -10.27 2.66
CA TYR C 32 -5.02 -8.85 2.27
C TYR C 32 -5.67 -7.99 3.34
N THR C 33 -5.56 -6.67 3.14
CA THR C 33 -6.26 -5.61 3.91
C THR C 33 -6.91 -4.67 2.89
N VAL C 34 -8.00 -4.05 3.30
CA VAL C 34 -8.93 -3.18 2.52
C VAL C 34 -8.55 -1.71 2.70
N GLY C 35 -9.06 -0.86 1.80
CA GLY C 35 -8.80 0.59 1.79
C GLY C 35 -7.32 0.90 1.99
N LYS C 36 -6.42 0.16 1.35
CA LYS C 36 -5.05 0.64 1.08
C LYS C 36 -5.19 1.84 0.14
N VAL C 37 -5.50 1.58 -1.15
CA VAL C 37 -5.33 2.57 -2.27
C VAL C 37 -6.53 3.53 -2.35
N GLY C 38 -6.25 4.76 -2.82
CA GLY C 38 -7.23 5.82 -3.09
C GLY C 38 -7.80 5.70 -4.49
N VAL C 39 -8.83 6.49 -4.77
CA VAL C 39 -9.59 6.40 -6.04
C VAL C 39 -8.64 6.70 -7.22
N GLU C 40 -7.69 7.64 -7.06
CA GLU C 40 -6.80 8.10 -8.16
C GLU C 40 -6.05 6.84 -8.65
N ASN C 41 -5.60 6.01 -7.72
CA ASN C 41 -4.80 4.82 -8.08
C ASN C 41 -5.65 3.86 -8.95
N LEU C 42 -6.88 3.57 -8.49
CA LEU C 42 -7.82 2.63 -9.20
C LEU C 42 -8.06 3.12 -10.63
N VAL C 43 -8.35 4.41 -10.76
CA VAL C 43 -8.71 5.01 -12.07
C VAL C 43 -7.50 4.86 -12.98
N ASN C 44 -6.32 5.22 -12.48
CA ASN C 44 -5.05 5.25 -13.26
C ASN C 44 -4.72 3.80 -13.63
N ALA C 45 -5.12 2.84 -12.81
CA ALA C 45 -4.87 1.42 -13.14
C ALA C 45 -5.75 0.99 -14.34
N VAL C 46 -6.79 1.72 -14.69
CA VAL C 46 -7.63 1.40 -15.89
C VAL C 46 -7.60 2.58 -16.88
N PRO C 47 -6.48 2.73 -17.63
CA PRO C 47 -6.38 3.77 -18.65
C PRO C 47 -7.47 3.64 -19.73
N GLN C 48 -8.01 2.45 -19.93
CA GLN C 48 -9.05 2.24 -20.93
C GLN C 48 -10.32 3.01 -20.52
N LEU C 49 -10.44 3.50 -19.29
CA LEU C 49 -11.63 4.31 -18.91
C LEU C 49 -11.75 5.55 -19.79
N LYS C 50 -10.63 6.08 -20.24
CA LYS C 50 -10.60 7.32 -21.06
C LYS C 50 -11.21 7.06 -22.42
N ASP C 51 -11.32 5.79 -22.82
CA ASP C 51 -11.98 5.41 -24.09
C ASP C 51 -13.50 5.70 -23.99
N ILE C 52 -14.11 5.69 -22.79
CA ILE C 52 -15.60 5.54 -22.67
C ILE C 52 -16.17 6.64 -21.78
N ALA C 53 -15.35 7.30 -20.93
CA ALA C 53 -15.90 8.34 -20.03
C ALA C 53 -14.80 9.34 -19.63
N ASN C 54 -15.25 10.52 -19.25
CA ASN C 54 -14.54 11.54 -18.42
C ASN C 54 -14.84 11.26 -16.96
N VAL C 55 -13.89 10.63 -16.29
CA VAL C 55 -14.03 10.07 -14.90
C VAL C 55 -13.46 11.07 -13.91
N LYS C 56 -14.25 11.50 -12.92
CA LYS C 56 -13.80 12.26 -11.72
C LYS C 56 -13.95 11.33 -10.52
N GLY C 57 -12.92 11.19 -9.70
CA GLY C 57 -12.99 10.41 -8.46
C GLY C 57 -13.10 11.30 -7.23
N GLU C 58 -13.92 10.91 -6.24
CA GLU C 58 -13.90 11.51 -4.88
C GLU C 58 -13.89 10.36 -3.87
N GLN C 59 -13.00 10.45 -2.87
CA GLN C 59 -12.92 9.47 -1.74
C GLN C 59 -13.95 9.92 -0.71
N VAL C 60 -15.02 9.18 -0.48
CA VAL C 60 -15.94 9.59 0.60
C VAL C 60 -15.51 8.93 1.90
N VAL C 61 -15.18 7.64 1.95
CA VAL C 61 -14.57 6.99 3.15
C VAL C 61 -13.60 5.98 2.60
N ASN C 62 -12.80 5.33 3.42
CA ASN C 62 -11.95 4.19 2.95
C ASN C 62 -12.05 3.07 3.97
N ILE C 63 -13.11 2.27 3.92
CA ILE C 63 -13.35 1.20 4.94
C ILE C 63 -13.68 -0.13 4.22
N GLY C 64 -13.44 -1.25 4.90
CA GLY C 64 -14.01 -2.56 4.54
C GLY C 64 -15.51 -2.48 4.70
N SER C 65 -16.31 -3.05 3.77
CA SER C 65 -17.80 -2.90 3.84
C SER C 65 -18.34 -3.69 5.04
N GLN C 66 -17.53 -4.54 5.66
CA GLN C 66 -17.89 -5.23 6.94
C GLN C 66 -18.17 -4.17 7.99
N ASP C 67 -17.65 -2.96 7.80
CA ASP C 67 -17.80 -1.86 8.78
C ASP C 67 -18.70 -0.76 8.24
N MET C 68 -19.49 -1.09 7.21
CA MET C 68 -20.47 -0.13 6.63
C MET C 68 -21.50 0.24 7.71
N ASN C 69 -22.05 1.44 7.66
CA ASN C 69 -22.95 1.91 8.74
C ASN C 69 -23.89 2.98 8.19
N ASP C 70 -24.84 3.35 9.03
CA ASP C 70 -25.90 4.33 8.72
C ASP C 70 -25.31 5.67 8.25
N ASN C 71 -24.26 6.15 8.93
CA ASN C 71 -23.67 7.47 8.67
C ASN C 71 -23.12 7.52 7.25
N VAL C 72 -22.51 6.47 6.76
CA VAL C 72 -21.97 6.39 5.36
C VAL C 72 -23.14 6.33 4.38
N TRP C 73 -24.19 5.59 4.69
CA TRP C 73 -25.39 5.56 3.83
C TRP C 73 -25.93 6.97 3.66
N LEU C 74 -26.17 7.68 4.76
CA LEU C 74 -26.72 9.06 4.69
C LEU C 74 -25.79 9.93 3.84
N THR C 75 -24.49 9.87 4.05
CA THR C 75 -23.52 10.70 3.29
C THR C 75 -23.66 10.32 1.81
N LEU C 76 -23.73 9.03 1.46
CA LEU C 76 -23.82 8.63 0.03
C LEU C 76 -25.13 9.17 -0.58
N ALA C 77 -26.26 9.02 0.08
CA ALA C 77 -27.56 9.37 -0.51
C ALA C 77 -27.58 10.89 -0.74
N LYS C 78 -27.07 11.63 0.21
CA LYS C 78 -27.15 13.09 0.16
C LYS C 78 -26.22 13.60 -0.93
N LYS C 79 -25.01 13.05 -0.97
CA LYS C 79 -24.05 13.41 -2.05
C LYS C 79 -24.63 13.16 -3.46
N ILE C 80 -25.15 11.98 -3.74
CA ILE C 80 -25.71 11.66 -5.07
C ILE C 80 -26.86 12.63 -5.36
N ASN C 81 -27.80 12.82 -4.44
CA ASN C 81 -28.93 13.75 -4.62
C ASN C 81 -28.41 15.18 -4.89
N THR C 82 -27.41 15.66 -4.15
CA THR C 82 -26.86 17.04 -4.25
C THR C 82 -26.18 17.18 -5.60
N ASP C 83 -25.40 16.22 -6.01
CA ASP C 83 -24.51 16.40 -7.18
C ASP C 83 -25.15 15.86 -8.47
N CYS C 84 -26.36 15.29 -8.42
CA CYS C 84 -27.07 14.70 -9.59
C CYS C 84 -26.92 15.60 -10.83
N ASP C 85 -27.11 16.91 -10.66
CA ASP C 85 -27.16 17.94 -11.72
C ASP C 85 -25.77 18.15 -12.31
N LYS C 86 -24.71 17.77 -11.62
CA LYS C 86 -23.31 18.08 -12.02
C LYS C 86 -22.67 16.94 -12.83
N THR C 87 -23.35 15.80 -13.10
CA THR C 87 -22.66 14.65 -13.72
C THR C 87 -23.64 13.88 -14.56
N ASP C 88 -23.12 12.98 -15.38
CA ASP C 88 -23.99 12.08 -16.21
C ASP C 88 -24.30 10.76 -15.49
N GLY C 89 -23.53 10.40 -14.48
CA GLY C 89 -23.72 9.11 -13.80
C GLY C 89 -22.72 8.87 -12.71
N PHE C 90 -23.04 7.97 -11.79
CA PHE C 90 -22.22 7.64 -10.58
C PHE C 90 -21.81 6.15 -10.62
N VAL C 91 -20.53 5.90 -10.33
CA VAL C 91 -20.04 4.58 -9.94
C VAL C 91 -19.61 4.69 -8.47
N ILE C 92 -20.04 3.73 -7.64
CA ILE C 92 -19.61 3.62 -6.21
C ILE C 92 -18.78 2.36 -6.06
N THR C 93 -17.53 2.55 -5.70
CA THR C 93 -16.56 1.49 -5.35
C THR C 93 -16.77 1.15 -3.87
N HIS C 94 -16.92 -0.12 -3.61
CA HIS C 94 -17.50 -0.64 -2.35
C HIS C 94 -17.02 -2.06 -2.12
N GLY C 95 -16.87 -2.41 -0.86
CA GLY C 95 -16.72 -3.81 -0.45
C GLY C 95 -17.90 -4.66 -0.90
N VAL C 96 -17.60 -5.94 -1.04
CA VAL C 96 -18.53 -7.04 -1.41
C VAL C 96 -19.47 -7.34 -0.24
N ASP C 97 -18.95 -7.29 1.01
CA ASP C 97 -19.56 -7.94 2.17
C ASP C 97 -20.97 -7.38 2.36
N THR C 98 -21.16 -6.06 2.25
CA THR C 98 -22.46 -5.41 2.53
C THR C 98 -22.97 -4.59 1.35
N MET C 99 -22.43 -4.84 0.18
CA MET C 99 -22.85 -4.13 -1.03
C MET C 99 -24.35 -4.31 -1.30
N GLU C 100 -24.89 -5.47 -1.00
CA GLU C 100 -26.33 -5.71 -1.25
C GLU C 100 -27.20 -4.87 -0.30
N GLU C 101 -26.63 -4.36 0.78
CA GLU C 101 -27.39 -3.55 1.76
C GLU C 101 -27.30 -2.10 1.29
N THR C 102 -26.10 -1.59 1.10
CA THR C 102 -25.87 -0.21 0.58
C THR C 102 -26.63 -0.04 -0.75
N ALA C 103 -26.60 -1.01 -1.65
CA ALA C 103 -27.28 -0.88 -2.95
C ALA C 103 -28.76 -0.66 -2.74
N TYR C 104 -29.35 -1.40 -1.83
CA TYR C 104 -30.80 -1.32 -1.61
C TYR C 104 -31.15 -0.02 -0.89
N PHE C 105 -30.28 0.40 0.04
CA PHE C 105 -30.53 1.67 0.73
C PHE C 105 -30.63 2.81 -0.30
N LEU C 106 -29.65 2.91 -1.16
CA LEU C 106 -29.56 3.95 -2.23
C LEU C 106 -30.73 3.77 -3.22
N ASP C 107 -31.12 2.53 -3.50
CA ASP C 107 -32.26 2.24 -4.41
C ASP C 107 -33.50 2.89 -3.83
N LEU C 108 -33.64 3.02 -2.51
CA LEU C 108 -34.87 3.54 -1.87
C LEU C 108 -34.75 5.06 -1.64
N THR C 109 -33.53 5.63 -1.63
CA THR C 109 -33.33 6.97 -1.06
C THR C 109 -32.77 7.93 -2.11
N VAL C 110 -32.10 7.41 -3.12
CA VAL C 110 -31.58 8.25 -4.24
C VAL C 110 -32.74 8.79 -5.09
N LYS C 111 -32.73 10.07 -5.42
CA LYS C 111 -33.81 10.77 -6.18
C LYS C 111 -33.25 11.14 -7.57
N CYS C 112 -32.00 10.87 -7.80
CA CYS C 112 -31.31 11.10 -9.11
C CYS C 112 -31.70 9.93 -10.01
N ASP C 113 -32.25 10.12 -11.22
CA ASP C 113 -32.64 8.94 -12.07
C ASP C 113 -31.59 8.64 -13.18
N LYS C 114 -30.52 9.42 -13.17
CA LYS C 114 -29.25 9.03 -13.86
C LYS C 114 -28.67 7.73 -13.30
N PRO C 115 -27.86 7.00 -14.07
CA PRO C 115 -27.32 5.74 -13.58
C PRO C 115 -26.51 5.90 -12.31
N VAL C 116 -26.81 5.02 -11.34
CA VAL C 116 -25.99 4.81 -10.12
C VAL C 116 -25.62 3.35 -10.06
N VAL C 117 -24.32 3.10 -10.18
CA VAL C 117 -23.79 1.74 -10.31
C VAL C 117 -22.79 1.47 -9.20
N MET C 118 -22.96 0.36 -8.50
CA MET C 118 -22.01 -0.08 -7.47
C MET C 118 -21.15 -1.17 -8.06
N VAL C 119 -19.89 -1.18 -7.62
CA VAL C 119 -18.91 -2.17 -8.06
C VAL C 119 -17.95 -2.47 -6.93
N GLY C 120 -17.47 -3.71 -6.92
CA GLY C 120 -16.41 -4.20 -6.04
C GLY C 120 -15.58 -5.25 -6.73
N ALA C 121 -14.82 -6.01 -5.95
CA ALA C 121 -13.87 -7.03 -6.43
C ALA C 121 -13.71 -8.05 -5.34
N MET C 122 -13.55 -9.30 -5.71
CA MET C 122 -13.34 -10.39 -4.74
C MET C 122 -11.85 -10.54 -4.49
N ARG C 123 -11.02 -10.11 -5.42
CA ARG C 123 -9.54 -10.15 -5.31
C ARG C 123 -8.98 -8.73 -5.22
N PRO C 124 -7.94 -8.52 -4.38
CA PRO C 124 -7.26 -7.24 -4.30
C PRO C 124 -6.53 -7.01 -5.64
N SER C 125 -6.25 -5.75 -5.96
CA SER C 125 -5.53 -5.25 -7.16
C SER C 125 -4.16 -5.93 -7.30
N THR C 126 -3.54 -6.32 -6.18
CA THR C 126 -2.22 -7.01 -6.13
C THR C 126 -2.35 -8.47 -6.63
N SER C 127 -3.56 -9.02 -6.73
CA SER C 127 -3.74 -10.44 -7.04
C SER C 127 -3.42 -10.76 -8.49
N MET C 128 -2.93 -11.93 -8.74
CA MET C 128 -2.93 -12.49 -10.10
C MET C 128 -4.40 -12.64 -10.61
N SER C 129 -4.64 -12.29 -11.86
CA SER C 129 -5.99 -12.23 -12.45
C SER C 129 -6.97 -11.44 -11.56
N ALA C 130 -6.54 -10.28 -11.02
CA ALA C 130 -7.43 -9.42 -10.23
C ALA C 130 -8.69 -9.11 -11.04
N ASP C 131 -9.86 -9.17 -10.40
CA ASP C 131 -11.18 -8.93 -11.06
C ASP C 131 -11.46 -7.41 -11.09
N GLY C 132 -10.87 -6.61 -10.18
CA GLY C 132 -11.26 -5.19 -9.98
C GLY C 132 -11.20 -4.32 -11.24
N PRO C 133 -10.09 -4.32 -12.02
CA PRO C 133 -9.99 -3.45 -13.19
C PRO C 133 -11.14 -3.63 -14.19
N PHE C 134 -11.37 -4.86 -14.71
CA PHE C 134 -12.46 -5.08 -15.68
C PHE C 134 -13.79 -4.87 -15.01
N ASN C 135 -13.92 -5.15 -13.73
CA ASN C 135 -15.17 -4.77 -13.03
C ASN C 135 -15.40 -3.27 -13.12
N LEU C 136 -14.38 -2.52 -12.77
CA LEU C 136 -14.58 -1.07 -12.77
C LEU C 136 -14.90 -0.56 -14.18
N TYR C 137 -14.19 -1.05 -15.18
CA TYR C 137 -14.46 -0.73 -16.59
C TYR C 137 -15.94 -0.98 -16.90
N ASN C 138 -16.45 -2.16 -16.55
CA ASN C 138 -17.83 -2.57 -16.86
C ASN C 138 -18.82 -1.70 -16.07
N ALA C 139 -18.46 -1.27 -14.84
CA ALA C 139 -19.32 -0.38 -14.03
C ALA C 139 -19.42 0.96 -14.74
N VAL C 140 -18.31 1.44 -15.29
CA VAL C 140 -18.40 2.74 -16.00
C VAL C 140 -19.20 2.55 -17.29
N VAL C 141 -19.03 1.44 -18.00
CA VAL C 141 -19.78 1.24 -19.27
C VAL C 141 -21.23 1.39 -18.90
N THR C 142 -21.61 0.72 -17.79
CA THR C 142 -23.02 0.67 -17.34
C THR C 142 -23.47 2.08 -16.97
N ALA C 143 -22.66 2.85 -16.24
CA ALA C 143 -23.10 4.18 -15.77
C ALA C 143 -23.18 5.13 -16.98
N ALA C 144 -22.42 4.86 -18.02
CA ALA C 144 -22.34 5.71 -19.21
C ALA C 144 -23.47 5.35 -20.21
N ASP C 145 -24.21 4.26 -20.01
CA ASP C 145 -25.23 3.81 -20.98
C ASP C 145 -26.55 4.53 -20.69
N LYS C 146 -27.07 5.36 -21.61
CA LYS C 146 -28.34 6.10 -21.37
C LYS C 146 -29.48 5.13 -20.96
N ALA C 147 -29.47 3.90 -21.46
CA ALA C 147 -30.52 2.91 -21.18
C ALA C 147 -30.41 2.39 -19.73
N SER C 148 -29.36 2.71 -18.98
CA SER C 148 -29.21 2.31 -17.54
C SER C 148 -30.07 3.24 -16.67
N ALA C 149 -30.57 4.34 -17.22
CA ALA C 149 -31.34 5.34 -16.47
C ALA C 149 -32.72 4.77 -16.11
N ASN C 150 -33.29 5.14 -14.98
CA ASN C 150 -34.65 4.73 -14.60
C ASN C 150 -34.77 3.25 -14.25
N ARG C 151 -33.68 2.56 -13.90
CA ARG C 151 -33.69 1.14 -13.54
C ARG C 151 -33.44 0.98 -12.03
N GLY C 152 -33.26 2.09 -11.34
CA GLY C 152 -32.89 2.12 -9.93
C GLY C 152 -31.40 1.97 -9.75
N VAL C 153 -30.96 1.78 -8.52
CA VAL C 153 -29.50 1.59 -8.24
C VAL C 153 -29.13 0.16 -8.64
N LEU C 154 -27.96 0.05 -9.25
CA LEU C 154 -27.48 -1.15 -9.93
C LEU C 154 -26.18 -1.59 -9.26
N VAL C 155 -25.94 -2.90 -9.31
CA VAL C 155 -24.63 -3.51 -9.02
C VAL C 155 -24.14 -4.17 -10.31
N VAL C 156 -22.91 -3.88 -10.68
CA VAL C 156 -22.31 -4.51 -11.86
C VAL C 156 -21.12 -5.33 -11.41
N MET C 157 -21.22 -6.64 -11.57
CA MET C 157 -20.12 -7.56 -11.22
C MET C 157 -20.19 -8.72 -12.19
N ASN C 158 -19.03 -9.25 -12.53
CA ASN C 158 -18.86 -10.40 -13.45
C ASN C 158 -19.73 -10.18 -14.69
N ASP C 159 -19.59 -9.05 -15.39
CA ASP C 159 -20.20 -8.86 -16.73
C ASP C 159 -21.75 -8.82 -16.67
N THR C 160 -22.35 -8.66 -15.49
CA THR C 160 -23.81 -8.72 -15.23
C THR C 160 -24.24 -7.42 -14.58
N VAL C 161 -25.35 -6.89 -15.04
CA VAL C 161 -26.05 -5.75 -14.43
C VAL C 161 -27.20 -6.30 -13.56
N LEU C 162 -27.16 -6.02 -12.26
CA LEU C 162 -28.09 -6.57 -11.22
C LEU C 162 -28.83 -5.44 -10.52
N ASP C 163 -30.14 -5.57 -10.29
CA ASP C 163 -30.84 -4.51 -9.59
C ASP C 163 -30.50 -4.62 -8.12
N GLY C 164 -30.49 -3.47 -7.47
CA GLY C 164 -30.11 -3.28 -6.07
C GLY C 164 -31.04 -3.97 -5.10
N ARG C 165 -32.31 -4.17 -5.44
CA ARG C 165 -33.23 -4.89 -4.55
C ARG C 165 -32.90 -6.40 -4.47
N ASP C 166 -32.82 -7.10 -5.59
CA ASP C 166 -32.74 -8.60 -5.58
C ASP C 166 -31.28 -9.06 -5.41
N VAL C 167 -30.30 -8.18 -5.64
CA VAL C 167 -28.90 -8.63 -5.80
C VAL C 167 -28.41 -9.12 -4.44
N THR C 168 -27.68 -10.21 -4.39
CA THR C 168 -27.05 -10.67 -3.12
C THR C 168 -25.76 -11.38 -3.47
N THR C 169 -24.85 -11.51 -2.52
CA THR C 169 -23.58 -12.26 -2.70
C THR C 169 -23.84 -13.72 -2.26
N THR C 170 -23.58 -14.66 -3.15
CA THR C 170 -23.97 -16.08 -2.98
C THR C 170 -22.80 -16.95 -2.52
N ASN C 171 -21.56 -16.49 -2.67
CA ASN C 171 -20.35 -17.32 -2.32
C ASN C 171 -19.32 -16.46 -1.61
N THR C 172 -18.61 -17.08 -0.70
CA THR C 172 -17.56 -16.42 0.10
C THR C 172 -16.36 -15.97 -0.75
N THR C 173 -16.01 -16.62 -1.86
CA THR C 173 -14.76 -16.33 -2.58
C THR C 173 -14.90 -16.18 -4.10
N ASP C 174 -15.96 -16.66 -4.74
CA ASP C 174 -16.08 -16.73 -6.21
C ASP C 174 -16.26 -15.33 -6.80
N VAL C 175 -15.51 -15.00 -7.82
CA VAL C 175 -15.66 -13.77 -8.64
C VAL C 175 -17.08 -13.65 -9.16
N ALA C 176 -17.81 -14.78 -9.31
CA ALA C 176 -19.18 -14.80 -9.88
C ALA C 176 -20.22 -14.73 -8.76
N THR C 177 -19.86 -14.34 -7.54
CA THR C 177 -20.76 -14.45 -6.36
C THR C 177 -22.04 -13.63 -6.53
N PHE C 178 -22.02 -12.47 -7.13
CA PHE C 178 -23.23 -11.62 -7.10
C PHE C 178 -24.32 -12.09 -8.06
N LYS C 179 -25.49 -12.42 -7.52
CA LYS C 179 -26.64 -12.85 -8.34
C LYS C 179 -27.91 -12.15 -7.83
N SER C 180 -28.87 -12.01 -8.72
CA SER C 180 -30.27 -11.70 -8.38
C SER C 180 -31.04 -13.01 -8.31
N VAL C 181 -31.03 -13.59 -7.11
CA VAL C 181 -31.33 -15.03 -6.89
C VAL C 181 -32.83 -15.34 -7.08
N ASN C 182 -33.72 -14.35 -7.02
CA ASN C 182 -35.16 -14.58 -7.15
C ASN C 182 -35.63 -14.18 -8.54
N TYR C 183 -35.24 -12.99 -9.06
CA TYR C 183 -35.81 -12.50 -10.35
C TYR C 183 -34.79 -12.28 -11.46
N GLY C 184 -33.51 -12.51 -11.21
CA GLY C 184 -32.57 -12.59 -12.33
C GLY C 184 -31.99 -11.21 -12.63
N PRO C 185 -30.98 -11.18 -13.49
CA PRO C 185 -30.31 -9.92 -13.79
C PRO C 185 -31.15 -9.09 -14.76
N LEU C 186 -30.73 -7.85 -14.93
CA LEU C 186 -31.38 -6.88 -15.87
C LEU C 186 -30.71 -6.97 -17.24
N GLY C 187 -29.39 -7.21 -17.23
CA GLY C 187 -28.61 -7.20 -18.49
C GLY C 187 -27.26 -7.82 -18.36
N TYR C 188 -26.71 -8.25 -19.48
CA TYR C 188 -25.37 -8.83 -19.59
C TYR C 188 -24.57 -7.84 -20.43
N ILE C 189 -23.29 -7.72 -20.05
CA ILE C 189 -22.30 -6.84 -20.73
C ILE C 189 -21.36 -7.72 -21.54
N HIS C 190 -21.20 -7.42 -22.80
CA HIS C 190 -20.20 -8.04 -23.70
C HIS C 190 -19.65 -6.96 -24.61
N ASN C 191 -18.33 -6.87 -24.75
CA ASN C 191 -17.69 -5.90 -25.67
C ASN C 191 -18.17 -4.48 -25.32
N GLY C 192 -18.36 -4.14 -24.03
CA GLY C 192 -18.70 -2.74 -23.67
C GLY C 192 -20.15 -2.39 -24.05
N LYS C 193 -21.01 -3.36 -24.36
CA LYS C 193 -22.44 -3.07 -24.69
C LYS C 193 -23.37 -3.93 -23.83
N ILE C 194 -24.54 -3.41 -23.56
CA ILE C 194 -25.53 -4.05 -22.67
C ILE C 194 -26.79 -4.38 -23.47
N ASP C 195 -27.26 -5.60 -23.37
CA ASP C 195 -28.62 -5.93 -23.81
C ASP C 195 -29.51 -6.02 -22.58
N TYR C 196 -30.22 -4.97 -22.31
CA TYR C 196 -31.18 -4.96 -21.18
C TYR C 196 -32.43 -5.76 -21.58
N GLN C 197 -32.85 -6.73 -20.78
CA GLN C 197 -34.14 -7.39 -21.06
C GLN C 197 -35.09 -7.31 -19.86
N ARG C 198 -34.75 -6.59 -18.78
CA ARG C 198 -35.57 -6.56 -17.54
C ARG C 198 -35.36 -5.22 -16.84
N THR C 199 -36.35 -4.84 -16.05
CA THR C 199 -36.26 -3.68 -15.11
C THR C 199 -37.09 -4.01 -13.88
N PRO C 200 -36.67 -3.57 -12.68
CA PRO C 200 -37.39 -3.91 -11.47
C PRO C 200 -38.77 -3.26 -11.49
N ALA C 201 -39.84 -4.03 -11.29
CA ALA C 201 -41.20 -3.48 -11.08
C ALA C 201 -41.32 -2.76 -9.74
N ARG C 202 -40.69 -3.23 -8.65
CA ARG C 202 -40.91 -2.65 -7.32
C ARG C 202 -40.52 -1.18 -7.41
N LYS C 203 -41.20 -0.29 -6.70
CA LYS C 203 -40.88 1.16 -6.74
C LYS C 203 -39.48 1.44 -6.22
N HIS C 204 -38.74 2.28 -6.92
CA HIS C 204 -37.44 2.70 -6.42
C HIS C 204 -37.28 4.21 -6.60
N THR C 205 -36.16 4.71 -6.11
CA THR C 205 -35.58 6.07 -6.26
C THR C 205 -36.72 7.10 -6.18
N SER C 206 -37.01 7.80 -7.26
CA SER C 206 -37.91 9.00 -7.23
C SER C 206 -39.36 8.59 -7.01
N ASP C 207 -39.70 7.28 -7.03
CA ASP C 207 -41.09 6.79 -6.82
C ASP C 207 -41.28 6.35 -5.38
N THR C 208 -40.30 6.58 -4.50
CA THR C 208 -40.45 6.15 -3.09
C THR C 208 -40.65 7.41 -2.27
N PRO C 209 -41.38 7.33 -1.14
CA PRO C 209 -41.55 8.52 -0.30
C PRO C 209 -40.38 8.77 0.63
N PHE C 210 -39.36 7.90 0.61
CA PHE C 210 -38.28 7.95 1.62
C PHE C 210 -37.40 9.17 1.28
N ASP C 211 -37.21 10.05 2.23
CA ASP C 211 -36.41 11.28 2.01
C ASP C 211 -35.49 11.39 3.20
N VAL C 212 -34.22 11.17 2.99
CA VAL C 212 -33.21 11.20 4.09
C VAL C 212 -32.42 12.53 4.05
N SER C 213 -32.83 13.52 3.25
CA SER C 213 -32.06 14.78 3.03
C SER C 213 -31.80 15.50 4.36
N LYS C 214 -32.68 15.41 5.35
CA LYS C 214 -32.56 16.16 6.64
C LYS C 214 -32.34 15.20 7.82
N LEU C 215 -32.17 13.88 7.61
CA LEU C 215 -31.99 12.94 8.73
C LEU C 215 -30.50 12.87 9.09
N ASN C 216 -30.21 12.97 10.38
CA ASN C 216 -28.88 12.77 10.98
C ASN C 216 -28.63 11.34 11.45
N GLU C 217 -29.67 10.52 11.58
CA GLU C 217 -29.59 9.11 12.07
C GLU C 217 -30.76 8.33 11.48
N LEU C 218 -30.72 7.00 11.59
CA LEU C 218 -31.85 6.15 11.10
C LEU C 218 -32.45 5.38 12.29
N PRO C 219 -33.76 5.02 12.26
CA PRO C 219 -34.35 4.18 13.30
C PRO C 219 -33.48 2.93 13.57
N LYS C 220 -33.42 2.51 14.82
CA LYS C 220 -32.68 1.28 15.25
C LYS C 220 -33.43 0.01 14.88
N VAL C 221 -32.72 -0.82 14.14
CA VAL C 221 -33.25 -2.12 13.74
C VAL C 221 -32.12 -3.13 13.82
N GLY C 222 -32.41 -4.24 14.50
CA GLY C 222 -31.46 -5.33 14.70
C GLY C 222 -31.98 -6.59 14.08
N ILE C 223 -31.10 -7.57 13.91
CA ILE C 223 -31.44 -8.86 13.26
C ILE C 223 -31.16 -9.95 14.27
N VAL C 224 -32.12 -10.84 14.52
CA VAL C 224 -31.92 -12.06 15.32
C VAL C 224 -32.06 -13.29 14.42
N TYR C 225 -31.32 -14.33 14.75
CA TYR C 225 -31.17 -15.55 13.94
C TYR C 225 -31.97 -16.65 14.63
N ASN C 226 -32.68 -17.44 13.83
CA ASN C 226 -33.36 -18.66 14.30
C ASN C 226 -32.61 -19.92 13.87
N TYR C 227 -32.64 -20.93 14.77
CA TYR C 227 -32.03 -22.27 14.63
C TYR C 227 -32.65 -23.15 15.73
N ALA C 228 -32.30 -24.42 15.74
CA ALA C 228 -32.75 -25.39 16.77
C ALA C 228 -32.24 -24.91 18.12
N ASN C 229 -33.11 -24.93 19.13
CA ASN C 229 -32.73 -24.52 20.49
C ASN C 229 -32.30 -23.06 20.51
N ALA C 230 -32.87 -22.18 19.68
CA ALA C 230 -32.42 -20.75 19.63
C ALA C 230 -32.59 -20.08 21.02
N SER C 231 -31.63 -19.30 21.48
CA SER C 231 -31.75 -18.39 22.63
C SER C 231 -32.69 -17.22 22.26
N ASP C 232 -33.56 -16.84 23.18
CA ASP C 232 -34.30 -15.55 23.14
C ASP C 232 -33.49 -14.36 23.67
N LEU C 233 -32.25 -14.54 24.11
CA LEU C 233 -31.46 -13.45 24.76
C LEU C 233 -31.13 -12.36 23.77
N PRO C 234 -30.68 -12.63 22.53
CA PRO C 234 -30.50 -11.56 21.54
C PRO C 234 -31.74 -10.67 21.36
N ALA C 235 -32.90 -11.29 21.12
CA ALA C 235 -34.20 -10.63 20.95
C ALA C 235 -34.49 -9.78 22.20
N LYS C 236 -34.30 -10.35 23.37
CA LYS C 236 -34.57 -9.60 24.63
C LYS C 236 -33.62 -8.41 24.75
N ALA C 237 -32.36 -8.56 24.32
CA ALA C 237 -31.37 -7.48 24.50
C ALA C 237 -31.78 -6.30 23.62
N LEU C 238 -32.37 -6.55 22.46
CA LEU C 238 -32.80 -5.46 21.54
C LEU C 238 -34.06 -4.81 22.10
N VAL C 239 -34.99 -5.63 22.61
CA VAL C 239 -36.21 -5.11 23.27
C VAL C 239 -35.77 -4.20 24.42
N ASP C 240 -34.88 -4.66 25.28
CA ASP C 240 -34.46 -3.94 26.49
C ASP C 240 -33.84 -2.61 26.09
N ALA C 241 -33.14 -2.54 24.98
CA ALA C 241 -32.49 -1.30 24.53
C ALA C 241 -33.48 -0.38 23.80
N GLY C 242 -34.76 -0.72 23.70
CA GLY C 242 -35.77 0.13 23.01
C GLY C 242 -35.58 0.19 21.53
N TYR C 243 -35.14 -0.90 20.85
CA TYR C 243 -35.03 -0.93 19.37
C TYR C 243 -36.38 -0.56 18.77
N ASP C 244 -36.33 0.25 17.72
CA ASP C 244 -37.52 0.64 16.91
C ASP C 244 -38.05 -0.56 16.14
N GLY C 245 -37.15 -1.42 15.71
CA GLY C 245 -37.56 -2.58 14.90
C GLY C 245 -36.65 -3.73 15.08
N ILE C 246 -37.19 -4.93 14.86
CA ILE C 246 -36.38 -6.17 14.85
C ILE C 246 -36.75 -6.98 13.62
N VAL C 247 -35.74 -7.48 12.93
CA VAL C 247 -35.91 -8.38 11.79
C VAL C 247 -35.51 -9.77 12.29
N SER C 248 -36.38 -10.75 12.12
CA SER C 248 -36.14 -12.19 12.35
C SER C 248 -35.63 -12.85 11.07
N ALA C 249 -34.43 -13.42 11.16
CA ALA C 249 -33.88 -14.35 10.17
C ALA C 249 -34.45 -15.70 10.53
N GLY C 250 -35.66 -15.97 10.04
CA GLY C 250 -36.47 -17.14 10.40
C GLY C 250 -35.96 -18.42 9.80
N VAL C 251 -36.49 -19.57 10.23
CA VAL C 251 -36.12 -20.83 9.58
C VAL C 251 -37.22 -21.11 8.56
N GLY C 252 -36.87 -21.80 7.47
CA GLY C 252 -37.82 -22.07 6.37
C GLY C 252 -38.55 -20.80 5.94
N ASN C 253 -39.88 -20.91 5.82
CA ASN C 253 -40.76 -19.79 5.41
C ASN C 253 -40.98 -18.81 6.58
N GLY C 254 -39.91 -18.23 7.11
CA GLY C 254 -39.97 -17.15 8.09
C GLY C 254 -40.39 -17.62 9.46
N ASN C 255 -40.18 -18.91 9.81
CA ASN C 255 -40.65 -19.45 11.10
C ASN C 255 -39.65 -19.10 12.20
N LEU C 256 -40.13 -19.12 13.42
CA LEU C 256 -39.36 -18.69 14.61
C LEU C 256 -39.41 -19.80 15.65
N TYR C 257 -38.32 -20.01 16.35
CA TYR C 257 -38.27 -20.80 17.60
C TYR C 257 -39.25 -20.16 18.61
N LYS C 258 -39.89 -20.99 19.41
CA LYS C 258 -41.03 -20.59 20.28
C LYS C 258 -40.61 -19.44 21.21
N SER C 259 -39.45 -19.50 21.85
CA SER C 259 -39.09 -18.46 22.83
C SER C 259 -38.75 -17.17 22.10
N VAL C 260 -38.17 -17.26 20.90
CA VAL C 260 -37.94 -16.05 20.06
C VAL C 260 -39.30 -15.48 19.65
N PHE C 261 -40.22 -16.33 19.21
CA PHE C 261 -41.60 -15.95 18.82
C PHE C 261 -42.26 -15.22 20.00
N ASP C 262 -42.23 -15.80 21.20
CA ASP C 262 -42.90 -15.21 22.41
C ASP C 262 -42.27 -13.85 22.73
N THR C 263 -40.95 -13.71 22.75
CA THR C 263 -40.33 -12.37 22.91
C THR C 263 -40.82 -11.38 21.82
N LEU C 264 -40.87 -11.76 20.55
CA LEU C 264 -41.12 -10.75 19.48
C LEU C 264 -42.63 -10.39 19.46
N ALA C 265 -43.53 -11.31 19.78
CA ALA C 265 -44.97 -11.06 19.91
C ALA C 265 -45.23 -10.05 21.03
N THR C 266 -44.65 -10.26 22.23
CA THR C 266 -44.77 -9.28 23.35
C THR C 266 -44.25 -7.91 22.88
N ALA C 267 -43.09 -7.87 22.25
CA ALA C 267 -42.52 -6.57 21.80
C ALA C 267 -43.44 -5.93 20.75
N ALA C 268 -43.95 -6.70 19.79
CA ALA C 268 -44.86 -6.12 18.78
C ALA C 268 -46.07 -5.46 19.49
N LYS C 269 -46.57 -6.02 20.61
CA LYS C 269 -47.71 -5.34 21.31
C LYS C 269 -47.24 -4.07 21.98
N THR C 270 -45.97 -3.93 22.32
CA THR C 270 -45.51 -2.68 22.98
C THR C 270 -45.30 -1.65 21.86
N GLY C 271 -45.26 -2.03 20.59
CA GLY C 271 -45.03 -1.05 19.51
C GLY C 271 -43.69 -1.19 18.81
N THR C 272 -42.77 -2.08 19.21
CA THR C 272 -41.63 -2.58 18.39
C THR C 272 -42.14 -3.13 17.03
N ALA C 273 -41.62 -2.65 15.89
CA ALA C 273 -41.91 -3.23 14.55
C ALA C 273 -41.17 -4.55 14.37
N VAL C 274 -41.86 -5.60 13.96
CA VAL C 274 -41.32 -6.98 13.85
C VAL C 274 -41.55 -7.49 12.42
N VAL C 275 -40.46 -7.67 11.69
CA VAL C 275 -40.46 -8.23 10.33
C VAL C 275 -39.92 -9.65 10.41
N ARG C 276 -40.72 -10.56 9.85
CA ARG C 276 -40.29 -11.96 9.57
C ARG C 276 -39.64 -12.00 8.22
N SER C 277 -38.34 -12.34 8.20
CA SER C 277 -37.58 -12.68 6.98
C SER C 277 -37.09 -14.13 7.21
N SER C 278 -36.09 -14.58 6.45
CA SER C 278 -35.68 -16.00 6.45
C SER C 278 -34.19 -16.09 6.29
N ARG C 279 -33.54 -17.05 6.94
CA ARG C 279 -32.09 -17.35 6.71
C ARG C 279 -31.91 -18.12 5.39
N VAL C 280 -33.02 -18.56 4.82
CA VAL C 280 -33.05 -19.39 3.60
C VAL C 280 -32.73 -18.47 2.43
N PRO C 281 -31.73 -18.81 1.60
CA PRO C 281 -31.13 -17.80 0.71
C PRO C 281 -31.99 -17.36 -0.47
N THR C 282 -33.05 -18.09 -0.83
CA THR C 282 -33.95 -17.66 -1.89
C THR C 282 -35.39 -17.86 -1.48
N GLY C 283 -36.30 -17.20 -2.18
CA GLY C 283 -37.75 -17.36 -1.94
C GLY C 283 -38.30 -16.33 -0.93
N ALA C 284 -39.61 -16.08 -1.03
CA ALA C 284 -40.38 -15.11 -0.23
C ALA C 284 -40.65 -15.72 1.16
N THR C 285 -40.47 -14.91 2.20
CA THR C 285 -41.18 -15.09 3.47
C THR C 285 -42.62 -14.60 3.27
N THR C 286 -43.54 -15.55 3.23
CA THR C 286 -44.92 -15.28 2.79
C THR C 286 -45.80 -15.05 3.99
N GLN C 287 -46.89 -14.30 3.77
CA GLN C 287 -48.09 -14.32 4.63
C GLN C 287 -48.86 -15.62 4.32
N ASP C 288 -49.85 -15.96 5.14
CA ASP C 288 -50.78 -17.09 4.91
C ASP C 288 -50.05 -18.42 4.95
N ALA C 289 -49.03 -18.56 5.80
CA ALA C 289 -48.34 -19.84 5.99
C ALA C 289 -48.60 -20.30 7.42
N GLU C 290 -47.59 -20.43 8.29
CA GLU C 290 -47.78 -20.93 9.65
C GLU C 290 -47.94 -19.79 10.66
N VAL C 291 -47.70 -18.55 10.29
CA VAL C 291 -47.77 -17.41 11.24
C VAL C 291 -48.94 -16.48 10.82
N ASP C 292 -49.85 -16.19 11.74
CA ASP C 292 -50.96 -15.22 11.49
C ASP C 292 -50.40 -13.84 11.78
N ASP C 293 -49.76 -13.22 10.78
CA ASP C 293 -49.03 -11.95 11.01
C ASP C 293 -50.00 -10.91 11.59
N ALA C 294 -51.21 -10.82 11.05
CA ALA C 294 -52.24 -9.81 11.44
C ALA C 294 -52.52 -9.99 12.92
N LYS C 295 -52.63 -11.22 13.38
CA LYS C 295 -52.85 -11.48 14.83
C LYS C 295 -51.72 -10.88 15.68
N TYR C 296 -50.44 -11.15 15.38
CA TYR C 296 -49.29 -10.78 16.24
C TYR C 296 -48.84 -9.36 15.94
N GLY C 297 -49.29 -8.77 14.85
CA GLY C 297 -48.79 -7.41 14.49
C GLY C 297 -47.43 -7.50 13.81
N PHE C 298 -47.16 -8.55 13.09
CA PHE C 298 -45.84 -8.79 12.44
C PHE C 298 -45.97 -8.43 10.96
N VAL C 299 -44.81 -8.20 10.31
CA VAL C 299 -44.77 -7.91 8.85
C VAL C 299 -43.94 -9.02 8.17
N ALA C 300 -44.44 -9.58 7.08
CA ALA C 300 -43.73 -10.61 6.29
C ALA C 300 -42.82 -9.92 5.28
N SER C 301 -41.57 -10.36 5.16
CA SER C 301 -40.57 -9.58 4.39
C SER C 301 -40.70 -9.81 2.86
N GLY C 302 -41.49 -10.79 2.40
CA GLY C 302 -41.40 -11.19 0.97
C GLY C 302 -40.00 -11.70 0.60
N THR C 303 -39.47 -11.33 -0.56
CA THR C 303 -38.14 -11.86 -1.04
C THR C 303 -37.01 -11.13 -0.35
N LEU C 304 -37.31 -10.13 0.45
CA LEU C 304 -36.22 -9.41 1.17
C LEU C 304 -35.56 -10.32 2.24
N ASN C 305 -34.23 -10.50 2.12
CA ASN C 305 -33.43 -11.24 3.09
C ASN C 305 -33.33 -10.37 4.34
N PRO C 306 -32.82 -10.91 5.44
CA PRO C 306 -32.93 -10.18 6.71
C PRO C 306 -32.26 -8.81 6.62
N GLN C 307 -31.04 -8.78 6.05
CA GLN C 307 -30.23 -7.55 5.97
C GLN C 307 -30.89 -6.52 5.05
N LYS C 308 -31.60 -6.94 4.03
CA LYS C 308 -32.38 -6.07 3.13
C LYS C 308 -33.70 -5.65 3.82
N ALA C 309 -34.31 -6.54 4.57
CA ALA C 309 -35.55 -6.23 5.31
C ALA C 309 -35.21 -5.13 6.29
N ARG C 310 -34.04 -5.22 6.89
CA ARG C 310 -33.58 -4.21 7.85
C ARG C 310 -33.60 -2.86 7.13
N VAL C 311 -33.05 -2.76 5.92
CA VAL C 311 -32.93 -1.47 5.20
C VAL C 311 -34.33 -0.86 5.01
N LEU C 312 -35.27 -1.66 4.49
CA LEU C 312 -36.63 -1.13 4.29
C LEU C 312 -37.33 -0.83 5.63
N LEU C 313 -37.17 -1.64 6.66
CA LEU C 313 -37.84 -1.42 7.95
C LEU C 313 -37.31 -0.10 8.56
N GLN C 314 -36.02 0.15 8.44
CA GLN C 314 -35.50 1.42 8.98
C GLN C 314 -36.22 2.57 8.25
N LEU C 315 -36.31 2.50 6.94
CA LEU C 315 -36.88 3.60 6.15
C LEU C 315 -38.38 3.67 6.37
N ALA C 316 -39.08 2.53 6.49
CA ALA C 316 -40.51 2.54 6.81
C ALA C 316 -40.74 3.30 8.11
N LEU C 317 -39.87 3.07 9.09
CA LEU C 317 -40.02 3.60 10.47
C LEU C 317 -39.76 5.10 10.47
N THR C 318 -39.17 5.66 9.41
CA THR C 318 -39.07 7.13 9.27
C THR C 318 -40.42 7.72 8.86
N GLN C 319 -41.41 6.94 8.38
CA GLN C 319 -42.78 7.41 7.98
C GLN C 319 -43.89 6.92 8.93
N THR C 320 -43.79 5.75 9.54
CA THR C 320 -44.90 5.12 10.31
C THR C 320 -44.34 4.02 11.21
N LYS C 321 -44.99 3.75 12.34
CA LYS C 321 -44.71 2.58 13.23
C LYS C 321 -45.95 1.66 13.19
N ASP C 322 -46.90 1.92 12.29
CA ASP C 322 -48.14 1.09 12.25
C ASP C 322 -47.89 -0.20 11.42
N PRO C 323 -48.10 -1.39 11.96
CA PRO C 323 -47.79 -2.61 11.21
C PRO C 323 -48.49 -2.81 9.85
N GLN C 324 -49.75 -2.43 9.70
CA GLN C 324 -50.51 -2.57 8.42
C GLN C 324 -49.85 -1.69 7.34
N GLN C 325 -49.42 -0.48 7.71
CA GLN C 325 -48.73 0.46 6.78
C GLN C 325 -47.32 -0.04 6.43
N ILE C 326 -46.62 -0.64 7.37
CA ILE C 326 -45.27 -1.20 7.17
C ILE C 326 -45.45 -2.43 6.27
N GLN C 327 -46.50 -3.25 6.44
CA GLN C 327 -46.76 -4.39 5.53
C GLN C 327 -47.02 -3.84 4.11
N GLN C 328 -47.73 -2.71 3.98
CA GLN C 328 -48.05 -2.14 2.62
C GLN C 328 -46.75 -1.64 2.03
N ILE C 329 -45.88 -1.05 2.82
CA ILE C 329 -44.53 -0.67 2.34
C ILE C 329 -43.75 -1.93 1.85
N PHE C 330 -43.78 -3.02 2.58
CA PHE C 330 -43.05 -4.24 2.20
C PHE C 330 -43.68 -4.85 0.94
N ASN C 331 -44.90 -4.44 0.57
CA ASN C 331 -45.60 -5.00 -0.62
C ASN C 331 -45.38 -4.09 -1.83
N GLN C 332 -44.76 -2.91 -1.67
CA GLN C 332 -44.63 -1.92 -2.76
C GLN C 332 -43.19 -1.61 -3.11
N TYR C 333 -42.24 -1.70 -2.18
CA TYR C 333 -40.82 -1.29 -2.38
C TYR C 333 -39.89 -2.50 -2.24
N LEU D 8 -37.11 -59.00 2.19
CA LEU D 8 -37.35 -57.47 2.30
C LEU D 8 -36.84 -56.90 3.62
N PRO D 9 -36.04 -55.82 3.60
CA PRO D 9 -35.47 -55.28 4.83
C PRO D 9 -36.48 -54.75 5.86
N ASN D 10 -36.15 -54.92 7.13
CA ASN D 10 -36.79 -54.24 8.27
C ASN D 10 -36.30 -52.77 8.28
N ILE D 11 -37.23 -51.82 8.22
CA ILE D 11 -36.97 -50.36 8.25
C ILE D 11 -37.83 -49.76 9.35
N THR D 12 -37.20 -49.11 10.32
CA THR D 12 -37.88 -48.32 11.38
C THR D 12 -38.06 -46.86 10.94
N ILE D 13 -39.25 -46.29 11.10
CA ILE D 13 -39.54 -44.86 10.89
C ILE D 13 -39.65 -44.22 12.28
N LEU D 14 -38.71 -43.34 12.59
CA LEU D 14 -38.77 -42.51 13.79
C LEU D 14 -39.45 -41.22 13.36
N ALA D 15 -40.64 -40.90 13.86
CA ALA D 15 -41.35 -39.66 13.45
C ALA D 15 -41.13 -38.51 14.44
N THR D 16 -40.93 -37.28 13.97
CA THR D 16 -40.68 -36.12 14.88
C THR D 16 -41.65 -34.98 14.61
N GLY D 17 -42.47 -35.12 13.56
CA GLY D 17 -43.46 -34.09 13.17
C GLY D 17 -43.15 -33.51 11.80
N GLY D 18 -43.24 -32.20 11.68
CA GLY D 18 -43.06 -31.53 10.39
C GLY D 18 -44.36 -31.45 9.58
N THR D 19 -44.30 -30.65 8.55
CA THR D 19 -45.38 -30.54 7.56
C THR D 19 -45.68 -31.88 6.92
N ILE D 20 -44.71 -32.79 6.84
CA ILE D 20 -45.03 -34.09 6.20
C ILE D 20 -46.19 -34.73 6.97
N ALA D 21 -46.24 -34.45 8.29
CA ALA D 21 -47.27 -34.98 9.20
C ALA D 21 -48.32 -33.88 9.47
N GLY D 22 -48.34 -32.82 8.67
CA GLY D 22 -49.24 -31.65 8.87
C GLY D 22 -50.59 -31.86 8.21
N GLY D 23 -51.47 -30.86 8.34
CA GLY D 23 -52.78 -30.72 7.65
C GLY D 23 -53.09 -29.25 7.37
N GLY D 24 -53.96 -28.98 6.39
CA GLY D 24 -54.57 -27.66 6.10
C GLY D 24 -56.10 -27.76 6.08
N ASP D 25 -56.80 -26.62 6.05
CA ASP D 25 -58.29 -26.52 5.86
C ASP D 25 -58.72 -27.04 4.47
N SER D 26 -57.90 -26.86 3.41
CA SER D 26 -58.25 -27.20 2.01
C SER D 26 -57.00 -27.53 1.17
N ALA D 27 -57.21 -28.32 0.11
CA ALA D 27 -56.22 -28.83 -0.87
C ALA D 27 -55.37 -27.72 -1.52
N THR D 28 -55.87 -26.48 -1.55
CA THR D 28 -55.35 -25.37 -2.41
C THR D 28 -54.59 -24.32 -1.58
N LYS D 29 -55.10 -24.00 -0.39
CA LYS D 29 -54.59 -22.86 0.43
C LYS D 29 -53.38 -23.33 1.24
N SER D 30 -52.53 -22.37 1.60
CA SER D 30 -51.12 -22.56 2.04
C SER D 30 -51.00 -22.58 3.58
N ASN D 31 -52.11 -22.46 4.31
CA ASN D 31 -52.14 -22.46 5.80
C ASN D 31 -51.96 -23.91 6.25
N TYR D 32 -50.79 -24.26 6.78
CA TYR D 32 -50.46 -25.61 7.31
C TYR D 32 -50.30 -25.49 8.85
N THR D 33 -50.93 -26.37 9.67
CA THR D 33 -50.40 -26.78 11.03
C THR D 33 -49.49 -28.01 10.85
N VAL D 34 -48.58 -28.21 11.81
CA VAL D 34 -47.40 -29.12 11.76
C VAL D 34 -47.53 -30.21 12.81
N GLY D 35 -46.99 -31.41 12.52
CA GLY D 35 -46.98 -32.59 13.41
C GLY D 35 -48.29 -32.78 14.18
N LYS D 36 -49.38 -33.02 13.47
CA LYS D 36 -50.71 -33.42 14.00
C LYS D 36 -50.92 -34.94 13.82
N VAL D 37 -50.53 -35.46 12.65
CA VAL D 37 -50.82 -36.81 12.13
C VAL D 37 -49.76 -37.74 12.72
N GLY D 38 -50.14 -38.95 13.15
CA GLY D 38 -49.26 -39.97 13.75
C GLY D 38 -48.46 -40.69 12.68
N VAL D 39 -47.39 -41.37 13.09
CA VAL D 39 -46.55 -42.21 12.17
C VAL D 39 -47.40 -43.30 11.50
N GLU D 40 -48.35 -43.91 12.23
CA GLU D 40 -49.12 -45.03 11.64
C GLU D 40 -49.97 -44.49 10.47
N ASN D 41 -50.55 -43.32 10.61
CA ASN D 41 -51.35 -42.70 9.52
C ASN D 41 -50.43 -42.45 8.31
N LEU D 42 -49.22 -41.90 8.50
CA LEU D 42 -48.26 -41.64 7.37
C LEU D 42 -47.98 -42.91 6.59
N VAL D 43 -47.59 -43.98 7.31
CA VAL D 43 -47.28 -45.32 6.71
C VAL D 43 -48.50 -45.82 5.91
N ASN D 44 -49.67 -45.87 6.56
CA ASN D 44 -50.95 -46.36 5.96
C ASN D 44 -51.19 -45.62 4.65
N ALA D 45 -50.83 -44.34 4.60
CA ALA D 45 -51.06 -43.48 3.44
C ALA D 45 -50.21 -43.94 2.25
N VAL D 46 -49.17 -44.75 2.46
CA VAL D 46 -48.31 -45.12 1.29
C VAL D 46 -48.27 -46.63 1.23
N PRO D 47 -49.34 -47.32 0.80
CA PRO D 47 -49.35 -48.78 0.83
C PRO D 47 -48.14 -49.41 0.11
N GLN D 48 -47.63 -48.80 -0.92
CA GLN D 48 -46.49 -49.39 -1.66
C GLN D 48 -45.23 -49.52 -0.78
N LEU D 49 -45.11 -48.88 0.37
CA LEU D 49 -43.96 -49.21 1.24
C LEU D 49 -43.84 -50.73 1.49
N LYS D 50 -44.94 -51.48 1.52
CA LYS D 50 -44.86 -52.93 1.87
C LYS D 50 -44.24 -53.71 0.69
N ASP D 51 -44.23 -53.17 -0.55
CA ASP D 51 -43.51 -53.79 -1.70
C ASP D 51 -41.98 -53.67 -1.56
N ILE D 52 -41.44 -52.86 -0.62
CA ILE D 52 -39.96 -52.64 -0.56
C ILE D 52 -39.38 -52.82 0.84
N ALA D 53 -40.18 -52.80 1.92
CA ALA D 53 -39.67 -53.01 3.28
C ALA D 53 -40.75 -53.51 4.24
N ASN D 54 -40.32 -54.11 5.33
CA ASN D 54 -41.21 -54.31 6.50
C ASN D 54 -41.03 -53.09 7.41
N VAL D 55 -42.02 -52.19 7.40
CA VAL D 55 -41.94 -50.85 8.05
C VAL D 55 -42.50 -50.94 9.46
N LYS D 56 -41.78 -50.44 10.45
CA LYS D 56 -42.41 -50.28 11.80
C LYS D 56 -42.23 -48.80 12.18
N GLY D 57 -43.23 -48.13 12.75
CA GLY D 57 -43.12 -46.70 13.06
C GLY D 57 -43.17 -46.42 14.56
N GLU D 58 -42.40 -45.46 15.03
CA GLU D 58 -42.37 -45.01 16.45
C GLU D 58 -42.43 -43.49 16.47
N GLN D 59 -43.33 -42.94 17.27
CA GLN D 59 -43.50 -41.47 17.41
C GLN D 59 -42.48 -41.05 18.48
N VAL D 60 -41.49 -40.24 18.13
CA VAL D 60 -40.51 -39.72 19.12
C VAL D 60 -41.06 -38.44 19.70
N VAL D 61 -41.46 -37.51 18.84
CA VAL D 61 -42.12 -36.23 19.22
C VAL D 61 -43.03 -35.90 18.05
N ASN D 62 -43.91 -34.92 18.17
CA ASN D 62 -44.68 -34.47 16.99
C ASN D 62 -44.65 -32.95 17.00
N ILE D 63 -43.65 -32.34 16.41
CA ILE D 63 -43.39 -30.87 16.51
C ILE D 63 -43.06 -30.34 15.14
N GLY D 64 -43.30 -29.06 14.96
CA GLY D 64 -42.67 -28.24 13.92
C GLY D 64 -41.18 -28.15 14.12
N SER D 65 -40.40 -28.36 13.08
CA SER D 65 -38.94 -28.38 13.28
C SER D 65 -38.43 -26.96 13.61
N GLN D 66 -39.28 -25.94 13.53
CA GLN D 66 -38.86 -24.59 13.98
C GLN D 66 -38.63 -24.66 15.49
N ASP D 67 -39.16 -25.69 16.14
CA ASP D 67 -39.08 -25.86 17.61
C ASP D 67 -38.21 -27.06 17.97
N MET D 68 -37.34 -27.47 17.05
CA MET D 68 -36.39 -28.58 17.26
C MET D 68 -35.40 -28.12 18.34
N ASN D 69 -34.91 -29.02 19.19
CA ASN D 69 -34.03 -28.62 20.34
C ASN D 69 -33.06 -29.77 20.69
N ASP D 70 -32.12 -29.47 21.55
CA ASP D 70 -31.04 -30.41 21.99
C ASP D 70 -31.64 -31.70 22.52
N ASN D 71 -32.77 -31.63 23.19
CA ASN D 71 -33.28 -32.84 23.90
C ASN D 71 -33.80 -33.86 22.86
N VAL D 72 -34.43 -33.37 21.80
CA VAL D 72 -34.86 -34.27 20.69
C VAL D 72 -33.65 -34.83 19.97
N TRP D 73 -32.62 -34.00 19.81
CA TRP D 73 -31.39 -34.48 19.13
C TRP D 73 -30.79 -35.63 19.94
N LEU D 74 -30.64 -35.43 21.25
CA LEU D 74 -30.04 -36.48 22.15
C LEU D 74 -30.96 -37.71 22.10
N THR D 75 -32.28 -37.54 22.12
CA THR D 75 -33.16 -38.74 22.09
C THR D 75 -32.90 -39.51 20.79
N LEU D 76 -32.86 -38.82 19.64
CA LEU D 76 -32.74 -39.51 18.33
C LEU D 76 -31.42 -40.24 18.26
N ALA D 77 -30.33 -39.62 18.64
CA ALA D 77 -29.02 -40.29 18.59
C ALA D 77 -29.06 -41.55 19.51
N LYS D 78 -29.56 -41.43 20.72
CA LYS D 78 -29.53 -42.57 21.69
C LYS D 78 -30.38 -43.72 21.14
N LYS D 79 -31.51 -43.37 20.54
CA LYS D 79 -32.49 -44.34 20.05
C LYS D 79 -31.88 -45.09 18.91
N ILE D 80 -31.22 -44.40 18.01
CA ILE D 80 -30.69 -45.09 16.81
C ILE D 80 -29.52 -45.98 17.25
N ASN D 81 -28.67 -45.49 18.15
CA ASN D 81 -27.47 -46.19 18.64
C ASN D 81 -27.94 -47.43 19.43
N THR D 82 -29.00 -47.31 20.23
CA THR D 82 -29.62 -48.39 21.05
C THR D 82 -30.25 -49.48 20.17
N ASP D 83 -31.01 -49.11 19.14
CA ASP D 83 -31.81 -50.04 18.32
C ASP D 83 -31.14 -50.43 17.01
N CYS D 84 -29.86 -50.09 16.83
CA CYS D 84 -29.11 -50.34 15.57
C CYS D 84 -29.27 -51.83 15.21
N ASP D 85 -29.10 -52.69 16.21
CA ASP D 85 -29.00 -54.16 16.04
C ASP D 85 -30.37 -54.76 15.74
N LYS D 86 -31.46 -54.06 15.99
CA LYS D 86 -32.82 -54.64 15.85
C LYS D 86 -33.43 -54.29 14.49
N THR D 87 -32.76 -53.57 13.60
CA THR D 87 -33.40 -53.09 12.35
C THR D 87 -32.33 -53.05 11.26
N ASP D 88 -32.78 -52.92 10.02
CA ASP D 88 -31.88 -52.93 8.85
C ASP D 88 -31.61 -51.49 8.42
N GLY D 89 -32.42 -50.52 8.86
CA GLY D 89 -32.25 -49.10 8.48
C GLY D 89 -33.30 -48.23 9.13
N PHE D 90 -33.08 -46.92 9.15
CA PHE D 90 -33.92 -45.92 9.84
C PHE D 90 -34.31 -44.86 8.80
N VAL D 91 -35.56 -44.43 8.89
CA VAL D 91 -36.06 -43.19 8.26
C VAL D 91 -36.55 -42.29 9.39
N ILE D 92 -36.17 -41.01 9.36
CA ILE D 92 -36.70 -40.04 10.34
C ILE D 92 -37.54 -39.02 9.57
N THR D 93 -38.86 -38.99 9.80
CA THR D 93 -39.76 -37.92 9.32
C THR D 93 -39.55 -36.67 10.22
N HIS D 94 -39.42 -35.53 9.59
CA HIS D 94 -38.95 -34.30 10.21
C HIS D 94 -39.42 -33.11 9.37
N GLY D 95 -39.58 -31.98 10.06
CA GLY D 95 -39.76 -30.70 9.36
C GLY D 95 -38.56 -30.33 8.49
N VAL D 96 -38.87 -29.46 7.55
CA VAL D 96 -37.91 -28.91 6.59
C VAL D 96 -37.02 -27.87 7.29
N ASP D 97 -37.57 -27.06 8.17
CA ASP D 97 -36.92 -25.79 8.60
C ASP D 97 -35.55 -26.03 9.24
N THR D 98 -35.41 -27.03 10.14
CA THR D 98 -34.11 -27.31 10.78
C THR D 98 -33.56 -28.70 10.41
N MET D 99 -34.07 -29.30 9.35
CA MET D 99 -33.70 -30.66 8.95
C MET D 99 -32.17 -30.75 8.79
N GLU D 100 -31.55 -29.72 8.24
CA GLU D 100 -30.13 -29.70 7.93
C GLU D 100 -29.31 -29.69 9.24
N GLU D 101 -29.90 -29.21 10.35
CA GLU D 101 -29.22 -29.18 11.68
C GLU D 101 -29.25 -30.57 12.32
N THR D 102 -30.44 -31.16 12.41
CA THR D 102 -30.66 -32.54 12.94
C THR D 102 -29.82 -33.50 12.09
N ALA D 103 -29.88 -33.39 10.77
CA ALA D 103 -29.12 -34.34 9.93
C ALA D 103 -27.63 -34.33 10.30
N TYR D 104 -27.08 -33.16 10.51
CA TYR D 104 -25.62 -33.03 10.76
C TYR D 104 -25.32 -33.51 12.20
N PHE D 105 -26.21 -33.23 13.16
CA PHE D 105 -26.00 -33.65 14.55
C PHE D 105 -25.94 -35.19 14.55
N LEU D 106 -26.89 -35.84 13.86
CA LEU D 106 -26.92 -37.31 13.82
C LEU D 106 -25.77 -37.85 12.98
N ASP D 107 -25.38 -37.10 11.95
CA ASP D 107 -24.20 -37.45 11.13
C ASP D 107 -22.97 -37.62 12.03
N LEU D 108 -22.86 -36.84 13.12
CA LEU D 108 -21.63 -36.75 13.94
C LEU D 108 -21.71 -37.70 15.17
N THR D 109 -22.92 -38.12 15.54
CA THR D 109 -23.23 -38.77 16.84
C THR D 109 -23.77 -40.19 16.64
N VAL D 110 -24.32 -40.52 15.48
CA VAL D 110 -24.88 -41.88 15.24
C VAL D 110 -23.72 -42.85 15.00
N LYS D 111 -23.71 -43.97 15.70
CA LYS D 111 -22.59 -44.93 15.59
C LYS D 111 -23.05 -46.17 14.84
N CYS D 112 -24.30 -46.19 14.45
CA CYS D 112 -24.91 -47.19 13.56
C CYS D 112 -24.49 -46.87 12.13
N ASP D 113 -23.83 -47.79 11.40
CA ASP D 113 -23.41 -47.48 9.99
C ASP D 113 -24.39 -48.12 8.99
N LYS D 114 -25.53 -48.59 9.50
CA LYS D 114 -26.74 -48.92 8.73
C LYS D 114 -27.36 -47.62 8.22
N PRO D 115 -28.08 -47.65 7.08
CA PRO D 115 -28.59 -46.42 6.53
C PRO D 115 -29.48 -45.71 7.53
N VAL D 116 -29.29 -44.39 7.60
CA VAL D 116 -30.13 -43.47 8.41
C VAL D 116 -30.51 -42.32 7.48
N VAL D 117 -31.80 -42.18 7.16
CA VAL D 117 -32.29 -41.30 6.06
C VAL D 117 -33.30 -40.37 6.65
N MET D 118 -33.18 -39.08 6.44
CA MET D 118 -34.20 -38.17 6.98
C MET D 118 -35.06 -37.71 5.81
N VAL D 119 -36.32 -37.41 6.06
CA VAL D 119 -37.27 -36.98 5.00
C VAL D 119 -38.31 -35.98 5.55
N GLY D 120 -38.75 -35.09 4.69
CA GLY D 120 -39.86 -34.19 5.01
C GLY D 120 -40.70 -33.91 3.81
N ALA D 121 -41.42 -32.80 3.86
CA ALA D 121 -42.39 -32.40 2.85
C ALA D 121 -42.58 -30.90 2.96
N MET D 122 -42.70 -30.28 1.80
CA MET D 122 -42.94 -28.83 1.65
C MET D 122 -44.44 -28.55 1.68
N ARG D 123 -45.28 -29.51 1.25
CA ARG D 123 -46.75 -29.36 1.27
C ARG D 123 -47.34 -30.38 2.26
N PRO D 124 -48.44 -30.02 2.97
CA PRO D 124 -49.17 -30.99 3.80
C PRO D 124 -49.85 -32.07 2.98
N SER D 125 -50.19 -33.21 3.58
CA SER D 125 -50.71 -34.39 2.86
C SER D 125 -52.08 -34.08 2.26
N THR D 126 -52.81 -33.13 2.84
CA THR D 126 -54.14 -32.71 2.39
C THR D 126 -54.04 -31.88 1.10
N SER D 127 -52.89 -31.36 0.77
CA SER D 127 -52.80 -30.34 -0.31
C SER D 127 -52.69 -31.02 -1.70
N MET D 128 -52.98 -30.27 -2.74
CA MET D 128 -52.93 -30.83 -4.11
C MET D 128 -51.47 -31.14 -4.45
N SER D 129 -51.21 -32.24 -5.12
CA SER D 129 -49.85 -32.64 -5.51
C SER D 129 -48.92 -32.64 -4.27
N ALA D 130 -49.39 -33.12 -3.12
CA ALA D 130 -48.61 -33.26 -1.88
C ALA D 130 -47.32 -34.06 -2.16
N ASP D 131 -46.16 -33.54 -1.76
CA ASP D 131 -44.83 -34.17 -2.01
C ASP D 131 -44.57 -35.30 -1.00
N GLY D 132 -45.21 -35.30 0.18
CA GLY D 132 -44.90 -36.25 1.26
C GLY D 132 -44.91 -37.72 0.85
N PRO D 133 -45.97 -38.21 0.21
CA PRO D 133 -46.09 -39.65 -0.09
C PRO D 133 -44.89 -40.17 -0.87
N PHE D 134 -44.57 -39.60 -2.03
CA PHE D 134 -43.45 -40.15 -2.85
C PHE D 134 -42.14 -39.87 -2.12
N ASN D 135 -42.06 -38.79 -1.33
CA ASN D 135 -40.84 -38.44 -0.54
C ASN D 135 -40.57 -39.60 0.43
N LEU D 136 -41.57 -40.05 1.18
CA LEU D 136 -41.41 -41.16 2.15
C LEU D 136 -41.04 -42.46 1.42
N TYR D 137 -41.72 -42.72 0.30
CA TYR D 137 -41.45 -43.91 -0.53
C TYR D 137 -39.97 -43.92 -0.85
N ASN D 138 -39.46 -42.81 -1.35
CA ASN D 138 -38.05 -42.76 -1.79
C ASN D 138 -37.08 -42.83 -0.60
N ALA D 139 -37.45 -42.28 0.56
CA ALA D 139 -36.61 -42.32 1.78
C ALA D 139 -36.45 -43.79 2.22
N VAL D 140 -37.55 -44.55 2.10
CA VAL D 140 -37.53 -46.01 2.46
C VAL D 140 -36.65 -46.73 1.42
N VAL D 141 -36.85 -46.46 0.13
CA VAL D 141 -35.96 -47.05 -0.92
C VAL D 141 -34.53 -46.86 -0.46
N THR D 142 -34.19 -45.63 -0.14
CA THR D 142 -32.83 -45.26 0.21
C THR D 142 -32.41 -46.08 1.44
N ALA D 143 -33.27 -46.17 2.44
CA ALA D 143 -32.93 -46.83 3.72
C ALA D 143 -32.79 -48.34 3.50
N ALA D 144 -33.43 -48.90 2.48
CA ALA D 144 -33.42 -50.34 2.17
C ALA D 144 -32.29 -50.72 1.24
N ASP D 145 -31.62 -49.76 0.64
CA ASP D 145 -30.51 -50.02 -0.32
C ASP D 145 -29.23 -50.31 0.46
N LYS D 146 -28.64 -51.49 0.32
CA LYS D 146 -27.42 -51.79 1.11
C LYS D 146 -26.32 -50.78 0.70
N ALA D 147 -26.32 -50.28 -0.54
CA ALA D 147 -25.34 -49.26 -1.01
C ALA D 147 -25.41 -47.97 -0.20
N SER D 148 -26.50 -47.71 0.52
CA SER D 148 -26.67 -46.49 1.34
C SER D 148 -25.87 -46.56 2.66
N ALA D 149 -25.45 -47.76 3.11
CA ALA D 149 -24.69 -47.89 4.36
C ALA D 149 -23.30 -47.27 4.18
N ASN D 150 -22.71 -46.78 5.27
CA ASN D 150 -21.37 -46.17 5.40
C ASN D 150 -21.28 -44.83 4.68
N ARG D 151 -22.38 -44.17 4.42
CA ARG D 151 -22.32 -42.88 3.70
C ARG D 151 -22.67 -41.74 4.67
N GLY D 152 -22.87 -42.07 5.93
CA GLY D 152 -23.26 -41.08 6.94
C GLY D 152 -24.76 -40.89 6.97
N VAL D 153 -25.22 -39.90 7.71
CA VAL D 153 -26.65 -39.65 7.77
C VAL D 153 -27.07 -38.86 6.52
N LEU D 154 -28.19 -39.26 5.94
CA LEU D 154 -28.69 -38.78 4.64
C LEU D 154 -30.00 -38.01 4.82
N VAL D 155 -30.26 -37.16 3.85
CA VAL D 155 -31.58 -36.50 3.61
C VAL D 155 -31.98 -36.86 2.20
N VAL D 156 -33.18 -37.34 2.05
CA VAL D 156 -33.66 -37.77 0.72
C VAL D 156 -34.84 -36.90 0.45
N MET D 157 -34.76 -36.02 -0.55
CA MET D 157 -35.87 -35.11 -0.91
C MET D 157 -35.80 -34.88 -2.42
N ASN D 158 -36.95 -34.82 -3.08
CA ASN D 158 -37.02 -34.55 -4.54
C ASN D 158 -36.12 -35.52 -5.34
N ASP D 159 -36.20 -36.83 -5.07
CA ASP D 159 -35.58 -37.91 -5.88
C ASP D 159 -34.04 -37.88 -5.80
N THR D 160 -33.49 -37.31 -4.72
CA THR D 160 -32.08 -36.97 -4.56
C THR D 160 -31.61 -37.40 -3.18
N VAL D 161 -30.44 -38.06 -3.11
CA VAL D 161 -29.80 -38.47 -1.83
C VAL D 161 -28.71 -37.47 -1.48
N LEU D 162 -28.84 -36.78 -0.36
CA LEU D 162 -27.92 -35.69 0.06
C LEU D 162 -27.25 -36.10 1.37
N ASP D 163 -25.96 -35.81 1.51
CA ASP D 163 -25.24 -36.07 2.76
C ASP D 163 -25.60 -34.99 3.79
N GLY D 164 -25.58 -35.39 5.07
CA GLY D 164 -26.13 -34.57 6.15
C GLY D 164 -25.25 -33.36 6.44
N ARG D 165 -24.00 -33.41 6.03
CA ARG D 165 -23.04 -32.33 6.30
C ARG D 165 -23.33 -31.17 5.32
N ASP D 166 -23.33 -31.38 4.02
CA ASP D 166 -23.47 -30.26 3.05
C ASP D 166 -24.95 -29.86 2.82
N VAL D 167 -25.93 -30.69 3.11
CA VAL D 167 -27.33 -30.44 2.69
C VAL D 167 -27.92 -29.25 3.45
N THR D 168 -28.68 -28.45 2.73
CA THR D 168 -29.36 -27.25 3.28
C THR D 168 -30.59 -26.97 2.47
N THR D 169 -31.50 -26.20 3.07
CA THR D 169 -32.74 -25.80 2.41
C THR D 169 -32.45 -24.48 1.69
N THR D 170 -32.67 -24.39 0.38
CA THR D 170 -32.25 -23.21 -0.40
C THR D 170 -33.44 -22.30 -0.73
N ASN D 171 -34.72 -22.74 -0.54
CA ASN D 171 -35.88 -21.89 -0.93
C ASN D 171 -36.95 -22.05 0.14
N THR D 172 -37.68 -21.00 0.37
CA THR D 172 -38.74 -21.03 1.40
C THR D 172 -39.87 -21.97 1.03
N THR D 173 -40.19 -22.16 -0.26
CA THR D 173 -41.42 -22.89 -0.63
C THR D 173 -41.22 -24.03 -1.64
N ASP D 174 -40.13 -24.06 -2.37
CA ASP D 174 -39.97 -24.99 -3.51
C ASP D 174 -39.85 -26.45 -3.02
N VAL D 175 -40.54 -27.36 -3.69
CA VAL D 175 -40.43 -28.80 -3.37
C VAL D 175 -38.96 -29.22 -3.58
N ALA D 176 -38.22 -28.52 -4.44
CA ALA D 176 -36.84 -28.87 -4.79
C ALA D 176 -35.84 -28.14 -3.89
N THR D 177 -36.27 -27.54 -2.78
CA THR D 177 -35.38 -26.71 -1.92
C THR D 177 -34.09 -27.42 -1.48
N PHE D 178 -34.09 -28.71 -1.17
CA PHE D 178 -32.91 -29.31 -0.49
C PHE D 178 -31.78 -29.59 -1.49
N LYS D 179 -30.61 -28.97 -1.27
CA LYS D 179 -29.45 -29.12 -2.16
C LYS D 179 -28.22 -29.27 -1.27
N SER D 180 -27.20 -29.94 -1.73
CA SER D 180 -25.83 -29.93 -1.20
C SER D 180 -25.07 -28.88 -1.98
N VAL D 181 -25.12 -27.65 -1.49
CA VAL D 181 -24.81 -26.44 -2.33
C VAL D 181 -23.32 -26.33 -2.66
N ASN D 182 -22.44 -26.97 -1.91
CA ASN D 182 -20.98 -26.87 -2.14
C ASN D 182 -20.46 -28.08 -2.93
N TYR D 183 -20.81 -29.34 -2.57
CA TYR D 183 -20.17 -30.60 -3.07
C TYR D 183 -21.12 -31.52 -3.83
N GLY D 184 -22.42 -31.21 -3.85
CA GLY D 184 -23.42 -31.89 -4.70
C GLY D 184 -23.99 -33.13 -4.03
N PRO D 185 -24.98 -33.77 -4.69
CA PRO D 185 -25.70 -34.90 -4.13
C PRO D 185 -24.86 -36.17 -4.25
N LEU D 186 -25.26 -37.19 -3.49
CA LEU D 186 -24.52 -38.46 -3.52
C LEU D 186 -25.06 -39.25 -4.71
N GLY D 187 -26.36 -39.15 -4.98
CA GLY D 187 -27.03 -39.96 -6.01
C GLY D 187 -28.45 -39.53 -6.21
N TYR D 188 -29.03 -39.99 -7.32
CA TYR D 188 -30.39 -39.68 -7.76
C TYR D 188 -31.15 -41.02 -7.77
N ILE D 189 -32.41 -40.92 -7.42
CA ILE D 189 -33.39 -42.04 -7.43
C ILE D 189 -34.29 -41.95 -8.65
N HIS D 190 -34.34 -43.04 -9.39
CA HIS D 190 -35.20 -43.21 -10.57
C HIS D 190 -35.82 -44.61 -10.47
N ASN D 191 -37.17 -44.75 -10.50
CA ASN D 191 -37.81 -46.08 -10.58
C ASN D 191 -37.30 -46.92 -9.40
N GLY D 192 -37.13 -46.36 -8.22
CA GLY D 192 -36.89 -47.17 -7.00
C GLY D 192 -35.44 -47.67 -6.94
N LYS D 193 -34.50 -47.11 -7.74
CA LYS D 193 -33.06 -47.50 -7.80
C LYS D 193 -32.17 -46.25 -7.72
N ILE D 194 -31.02 -46.38 -7.07
CA ILE D 194 -30.11 -45.25 -6.78
C ILE D 194 -28.79 -45.56 -7.47
N ASP D 195 -28.33 -44.63 -8.32
CA ASP D 195 -26.95 -44.64 -8.85
C ASP D 195 -26.04 -43.70 -8.03
N TYR D 196 -25.35 -44.26 -7.04
CA TYR D 196 -24.47 -43.51 -6.11
C TYR D 196 -23.17 -43.18 -6.81
N GLN D 197 -22.84 -41.91 -7.01
CA GLN D 197 -21.50 -41.63 -7.62
C GLN D 197 -20.62 -40.84 -6.65
N ARG D 198 -21.05 -40.64 -5.39
CA ARG D 198 -20.30 -39.80 -4.43
C ARG D 198 -20.53 -40.31 -3.04
N THR D 199 -19.56 -40.07 -2.18
CA THR D 199 -19.68 -40.33 -0.76
C THR D 199 -18.90 -39.22 -0.06
N PRO D 200 -19.35 -38.80 1.13
CA PRO D 200 -18.70 -37.69 1.81
C PRO D 200 -17.36 -38.11 2.41
N ALA D 201 -16.30 -37.36 2.11
CA ALA D 201 -14.95 -37.64 2.65
C ALA D 201 -14.86 -37.21 4.10
N ARG D 202 -15.61 -36.19 4.55
CA ARG D 202 -15.45 -35.71 5.94
C ARG D 202 -15.78 -36.91 6.84
N LYS D 203 -15.17 -37.00 7.99
CA LYS D 203 -15.51 -38.13 8.91
C LYS D 203 -16.87 -37.95 9.60
N HIS D 204 -17.61 -39.04 9.67
CA HIS D 204 -19.00 -39.13 10.17
C HIS D 204 -19.15 -40.43 11.01
N THR D 205 -20.22 -40.49 11.77
CA THR D 205 -20.79 -41.67 12.45
C THR D 205 -19.69 -42.30 13.31
N SER D 206 -19.30 -43.53 13.00
CA SER D 206 -18.33 -44.30 13.83
C SER D 206 -16.91 -43.78 13.64
N ASP D 207 -16.62 -42.87 12.70
CA ASP D 207 -15.24 -42.34 12.60
C ASP D 207 -15.10 -41.03 13.39
N THR D 208 -16.11 -40.61 14.16
CA THR D 208 -15.98 -39.41 15.01
C THR D 208 -15.82 -39.83 16.47
N PRO D 209 -15.17 -39.01 17.31
CA PRO D 209 -15.11 -39.31 18.76
C PRO D 209 -16.31 -38.75 19.55
N PHE D 210 -17.30 -38.15 18.92
CA PHE D 210 -18.49 -37.59 19.64
C PHE D 210 -19.33 -38.77 20.17
N ASP D 211 -19.49 -38.84 21.47
CA ASP D 211 -20.30 -39.88 22.12
C ASP D 211 -21.26 -39.16 23.05
N VAL D 212 -22.54 -39.19 22.72
CA VAL D 212 -23.54 -38.46 23.53
C VAL D 212 -24.34 -39.45 24.35
N SER D 213 -23.94 -40.74 24.34
CA SER D 213 -24.74 -41.83 24.97
C SER D 213 -25.10 -41.42 26.42
N LYS D 214 -24.25 -40.71 27.16
CA LYS D 214 -24.48 -40.42 28.59
C LYS D 214 -24.85 -38.97 28.86
N LEU D 215 -24.99 -38.12 27.83
CA LEU D 215 -25.23 -36.67 28.02
C LEU D 215 -26.73 -36.42 28.10
N ASN D 216 -27.09 -35.54 29.01
CA ASN D 216 -28.47 -35.08 29.14
C ASN D 216 -28.61 -33.65 28.62
N GLU D 217 -27.52 -33.00 28.27
CA GLU D 217 -27.48 -31.60 27.82
C GLU D 217 -26.21 -31.43 27.00
N LEU D 218 -26.22 -30.42 26.17
CA LEU D 218 -25.09 -30.05 25.28
C LEU D 218 -24.60 -28.67 25.67
N PRO D 219 -23.33 -28.30 25.40
CA PRO D 219 -22.84 -26.93 25.64
C PRO D 219 -23.75 -25.88 24.98
N LYS D 220 -23.90 -24.71 25.60
CA LYS D 220 -24.73 -23.59 25.12
C LYS D 220 -23.94 -22.89 24.02
N VAL D 221 -24.46 -22.89 22.80
CA VAL D 221 -23.85 -22.21 21.63
C VAL D 221 -24.96 -21.39 20.96
N GLY D 222 -24.72 -20.09 20.83
CA GLY D 222 -25.63 -19.14 20.19
C GLY D 222 -25.05 -18.62 18.90
N ILE D 223 -25.90 -17.97 18.13
CA ILE D 223 -25.53 -17.44 16.80
C ILE D 223 -25.84 -15.94 16.75
N VAL D 224 -24.87 -15.14 16.28
CA VAL D 224 -25.08 -13.69 16.05
C VAL D 224 -24.89 -13.36 14.56
N TYR D 225 -25.67 -12.41 14.10
CA TYR D 225 -25.79 -12.02 12.68
C TYR D 225 -25.02 -10.72 12.54
N ASN D 226 -24.24 -10.67 11.47
CA ASN D 226 -23.55 -9.45 11.00
C ASN D 226 -24.26 -8.87 9.80
N TYR D 227 -24.19 -7.53 9.73
CA TYR D 227 -24.84 -6.66 8.74
C TYR D 227 -24.24 -5.27 8.98
N ALA D 228 -24.61 -4.32 8.15
CA ALA D 228 -24.14 -2.94 8.33
C ALA D 228 -24.72 -2.42 9.66
N ASN D 229 -23.88 -1.78 10.47
CA ASN D 229 -24.28 -1.04 11.67
C ASN D 229 -24.78 -2.04 12.71
N ALA D 230 -24.28 -3.26 12.65
CA ALA D 230 -24.77 -4.34 13.54
C ALA D 230 -24.56 -3.96 14.99
N SER D 231 -25.58 -4.19 15.83
CA SER D 231 -25.49 -4.08 17.29
C SER D 231 -24.57 -5.17 17.82
N ASP D 232 -23.83 -4.85 18.88
CA ASP D 232 -23.08 -5.79 19.74
C ASP D 232 -23.98 -6.39 20.84
N LEU D 233 -25.24 -5.95 20.97
CA LEU D 233 -26.08 -6.34 22.12
C LEU D 233 -26.36 -7.82 22.11
N PRO D 234 -26.67 -8.46 20.95
CA PRO D 234 -26.86 -9.90 20.92
C PRO D 234 -25.60 -10.64 21.40
N ALA D 235 -24.42 -10.33 20.84
CA ALA D 235 -23.16 -10.98 21.27
C ALA D 235 -22.98 -10.73 22.76
N LYS D 236 -23.17 -9.50 23.25
CA LYS D 236 -23.05 -9.19 24.71
C LYS D 236 -24.02 -10.01 25.56
N ALA D 237 -25.24 -10.26 25.10
CA ALA D 237 -26.26 -11.04 25.84
C ALA D 237 -25.82 -12.50 25.97
N LEU D 238 -25.15 -13.04 24.97
CA LEU D 238 -24.71 -14.46 25.04
C LEU D 238 -23.54 -14.54 26.03
N VAL D 239 -22.60 -13.61 25.96
CA VAL D 239 -21.44 -13.56 26.93
C VAL D 239 -21.99 -13.42 28.35
N ASP D 240 -22.92 -12.48 28.58
CA ASP D 240 -23.51 -12.19 29.92
C ASP D 240 -24.10 -13.49 30.47
N ALA D 241 -24.67 -14.37 29.65
CA ALA D 241 -25.34 -15.60 30.09
C ALA D 241 -24.32 -16.74 30.26
N GLY D 242 -23.03 -16.51 30.02
CA GLY D 242 -21.96 -17.54 30.13
C GLY D 242 -22.12 -18.61 29.04
N TYR D 243 -22.54 -18.26 27.83
CA TYR D 243 -22.56 -19.24 26.70
C TYR D 243 -21.18 -19.88 26.54
N ASP D 244 -21.17 -21.18 26.26
CA ASP D 244 -19.95 -21.97 26.01
C ASP D 244 -19.34 -21.55 24.68
N GLY D 245 -20.20 -21.18 23.73
CA GLY D 245 -19.73 -20.87 22.38
C GLY D 245 -20.64 -19.91 21.66
N ILE D 246 -20.02 -19.18 20.74
CA ILE D 246 -20.75 -18.22 19.87
C ILE D 246 -20.27 -18.48 18.45
N VAL D 247 -21.22 -18.66 17.54
CA VAL D 247 -21.00 -18.68 16.09
C VAL D 247 -21.44 -17.33 15.53
N SER D 248 -20.55 -16.70 14.75
CA SER D 248 -20.78 -15.46 13.98
C SER D 248 -21.25 -15.85 12.59
N ALA D 249 -22.44 -15.43 12.21
CA ALA D 249 -22.92 -15.40 10.82
C ALA D 249 -22.35 -14.13 10.19
N GLY D 250 -21.11 -14.25 9.72
CA GLY D 250 -20.25 -13.18 9.17
C GLY D 250 -20.78 -12.65 7.86
N VAL D 251 -20.30 -11.49 7.42
CA VAL D 251 -20.56 -10.98 6.05
C VAL D 251 -19.38 -11.45 5.16
N GLY D 252 -19.64 -11.67 3.87
CA GLY D 252 -18.62 -12.22 2.95
C GLY D 252 -17.94 -13.43 3.55
N ASN D 253 -16.64 -13.49 3.39
CA ASN D 253 -15.80 -14.58 3.93
C ASN D 253 -15.63 -14.42 5.46
N GLY D 254 -16.73 -14.56 6.18
CA GLY D 254 -16.76 -14.65 7.67
C GLY D 254 -16.42 -13.36 8.39
N ASN D 255 -16.50 -12.21 7.73
CA ASN D 255 -16.03 -10.93 8.36
C ASN D 255 -17.02 -10.44 9.39
N LEU D 256 -16.52 -9.60 10.28
CA LEU D 256 -17.31 -9.15 11.46
C LEU D 256 -17.46 -7.65 11.48
N TYR D 257 -18.66 -7.13 11.74
CA TYR D 257 -18.84 -5.68 12.00
C TYR D 257 -17.97 -5.32 13.22
N LYS D 258 -17.31 -4.15 13.20
CA LYS D 258 -16.29 -3.75 14.22
C LYS D 258 -16.77 -4.02 15.65
N SER D 259 -18.00 -3.65 15.97
CA SER D 259 -18.49 -3.67 17.35
C SER D 259 -18.83 -5.11 17.76
N VAL D 260 -19.16 -5.97 16.79
CA VAL D 260 -19.35 -7.43 17.03
C VAL D 260 -17.94 -8.06 17.17
N PHE D 261 -17.02 -7.64 16.34
CA PHE D 261 -15.61 -8.13 16.38
C PHE D 261 -15.06 -7.81 17.77
N ASP D 262 -15.25 -6.58 18.27
CA ASP D 262 -14.72 -6.17 19.59
C ASP D 262 -15.26 -7.13 20.64
N THR D 263 -16.57 -7.38 20.65
CA THR D 263 -17.17 -8.17 21.73
C THR D 263 -16.61 -9.61 21.68
N LEU D 264 -16.56 -10.23 20.48
CA LEU D 264 -16.11 -11.64 20.33
C LEU D 264 -14.58 -11.74 20.58
N ALA D 265 -13.79 -10.75 20.23
CA ALA D 265 -12.35 -10.76 20.58
C ALA D 265 -12.18 -10.88 22.12
N THR D 266 -12.97 -10.13 22.90
CA THR D 266 -12.95 -10.20 24.39
C THR D 266 -13.38 -11.61 24.75
N ALA D 267 -14.50 -12.07 24.22
CA ALA D 267 -15.07 -13.38 24.61
C ALA D 267 -14.07 -14.54 24.36
N ALA D 268 -13.38 -14.54 23.21
CA ALA D 268 -12.48 -15.67 22.85
C ALA D 268 -11.31 -15.76 23.86
N LYS D 269 -10.95 -14.68 24.55
CA LYS D 269 -9.80 -14.68 25.51
C LYS D 269 -10.32 -14.76 26.94
N THR D 270 -11.64 -14.92 27.09
CA THR D 270 -12.35 -14.91 28.38
C THR D 270 -13.28 -16.11 28.46
N GLY D 271 -12.89 -17.27 27.90
CA GLY D 271 -13.57 -18.55 28.21
C GLY D 271 -14.78 -18.86 27.29
N THR D 272 -14.97 -18.16 26.16
CA THR D 272 -16.02 -18.52 25.15
C THR D 272 -15.32 -19.01 23.88
N ALA D 273 -15.69 -20.16 23.33
CA ALA D 273 -15.21 -20.53 21.97
C ALA D 273 -15.93 -19.63 20.96
N VAL D 274 -15.21 -19.17 19.94
CA VAL D 274 -15.76 -18.26 18.89
C VAL D 274 -15.44 -18.87 17.53
N VAL D 275 -16.50 -19.19 16.80
CA VAL D 275 -16.39 -19.72 15.41
C VAL D 275 -16.93 -18.67 14.44
N ARG D 276 -16.12 -18.32 13.45
CA ARG D 276 -16.50 -17.49 12.31
C ARG D 276 -17.08 -18.42 11.22
N SER D 277 -18.35 -18.22 10.93
CA SER D 277 -19.06 -18.74 9.71
C SER D 277 -19.56 -17.53 8.91
N SER D 278 -20.49 -17.75 7.99
CA SER D 278 -20.93 -16.74 7.03
C SER D 278 -22.43 -16.82 6.83
N ARG D 279 -23.09 -15.66 6.71
CA ARG D 279 -24.50 -15.61 6.22
C ARG D 279 -24.61 -15.91 4.72
N VAL D 280 -23.49 -15.92 4.03
CA VAL D 280 -23.41 -16.15 2.57
C VAL D 280 -23.67 -17.62 2.35
N PRO D 281 -24.56 -17.96 1.42
CA PRO D 281 -25.17 -19.31 1.45
C PRO D 281 -24.28 -20.41 0.88
N THR D 282 -23.20 -20.07 0.16
CA THR D 282 -22.30 -21.12 -0.34
C THR D 282 -20.85 -20.68 -0.14
N GLY D 283 -19.93 -21.63 -0.14
CA GLY D 283 -18.49 -21.37 0.01
C GLY D 283 -18.02 -21.43 1.45
N ALA D 284 -16.73 -21.69 1.64
CA ALA D 284 -16.05 -21.75 2.96
C ALA D 284 -15.82 -20.34 3.56
N THR D 285 -15.95 -20.20 4.88
CA THR D 285 -15.22 -19.21 5.71
C THR D 285 -13.79 -19.72 5.94
N THR D 286 -12.82 -19.08 5.29
CA THR D 286 -11.44 -19.56 5.21
C THR D 286 -10.58 -18.90 6.28
N GLN D 287 -9.46 -19.54 6.53
CA GLN D 287 -8.33 -18.91 7.22
C GLN D 287 -7.61 -18.05 6.18
N ASP D 288 -6.65 -17.21 6.59
CA ASP D 288 -5.69 -16.53 5.67
C ASP D 288 -6.41 -15.54 4.76
N ALA D 289 -7.51 -14.93 5.23
CA ALA D 289 -8.16 -13.86 4.46
C ALA D 289 -7.91 -12.56 5.21
N GLU D 290 -8.93 -11.94 5.77
CA GLU D 290 -8.79 -10.63 6.46
C GLU D 290 -8.74 -10.79 7.98
N VAL D 291 -9.05 -11.96 8.53
CA VAL D 291 -9.04 -12.18 10.01
C VAL D 291 -7.94 -13.19 10.37
N ASP D 292 -7.08 -12.75 11.29
CA ASP D 292 -6.01 -13.57 11.89
C ASP D 292 -6.63 -14.36 13.03
N ASP D 293 -7.10 -15.54 12.72
CA ASP D 293 -7.87 -16.37 13.68
C ASP D 293 -6.97 -16.67 14.88
N ALA D 294 -5.72 -17.10 14.64
CA ALA D 294 -4.74 -17.47 15.68
C ALA D 294 -4.53 -16.28 16.63
N LYS D 295 -4.38 -15.08 16.11
CA LYS D 295 -4.22 -13.86 16.93
C LYS D 295 -5.45 -13.68 17.81
N TYR D 296 -6.64 -13.93 17.27
CA TYR D 296 -7.86 -13.68 18.08
C TYR D 296 -8.33 -14.89 18.86
N GLY D 297 -7.79 -16.07 18.65
CA GLY D 297 -8.30 -17.29 19.28
C GLY D 297 -9.68 -17.72 18.73
N PHE D 298 -9.90 -17.41 17.45
CA PHE D 298 -11.12 -17.76 16.69
C PHE D 298 -10.90 -19.05 15.88
N VAL D 299 -12.00 -19.63 15.47
CA VAL D 299 -12.03 -20.85 14.62
C VAL D 299 -12.83 -20.48 13.34
N ALA D 300 -12.27 -20.80 12.18
CA ALA D 300 -12.91 -20.60 10.86
C ALA D 300 -13.76 -21.84 10.60
N SER D 301 -15.01 -21.67 10.23
CA SER D 301 -16.00 -22.78 10.07
C SER D 301 -15.85 -23.53 8.75
N GLY D 302 -15.01 -23.10 7.81
CA GLY D 302 -15.02 -23.74 6.45
C GLY D 302 -16.45 -23.65 5.82
N THR D 303 -16.91 -24.74 5.19
CA THR D 303 -18.18 -24.77 4.45
C THR D 303 -19.36 -24.83 5.41
N LEU D 304 -19.12 -25.03 6.71
CA LEU D 304 -20.28 -25.16 7.60
C LEU D 304 -20.97 -23.82 7.77
N ASN D 305 -22.27 -23.79 7.49
CA ASN D 305 -23.05 -22.54 7.68
C ASN D 305 -23.27 -22.31 9.19
N PRO D 306 -23.82 -21.16 9.63
CA PRO D 306 -23.85 -20.85 11.06
C PRO D 306 -24.56 -21.93 11.90
N GLN D 307 -25.70 -22.46 11.44
CA GLN D 307 -26.48 -23.44 12.26
C GLN D 307 -25.72 -24.78 12.26
N LYS D 308 -24.97 -25.12 11.19
CA LYS D 308 -24.16 -26.39 11.11
C LYS D 308 -22.90 -26.22 11.97
N ALA D 309 -22.29 -25.05 11.91
CA ALA D 309 -21.14 -24.69 12.73
C ALA D 309 -21.52 -24.78 14.19
N ARG D 310 -22.74 -24.42 14.54
CA ARG D 310 -23.14 -24.49 15.95
C ARG D 310 -23.13 -25.98 16.34
N VAL D 311 -23.67 -26.82 15.48
CA VAL D 311 -23.77 -28.27 15.77
C VAL D 311 -22.40 -28.80 16.16
N LEU D 312 -21.43 -28.55 15.30
CA LEU D 312 -20.07 -29.08 15.47
C LEU D 312 -19.38 -28.37 16.64
N LEU D 313 -19.66 -27.09 16.88
CA LEU D 313 -18.99 -26.43 18.04
C LEU D 313 -19.58 -27.03 19.34
N GLN D 314 -20.88 -27.25 19.43
CA GLN D 314 -21.46 -27.85 20.65
C GLN D 314 -20.72 -29.18 20.94
N LEU D 315 -20.58 -30.03 19.92
CA LEU D 315 -19.99 -31.37 20.11
C LEU D 315 -18.50 -31.21 20.36
N ALA D 316 -17.87 -30.20 19.76
CA ALA D 316 -16.43 -30.02 19.96
C ALA D 316 -16.21 -29.70 21.44
N LEU D 317 -17.06 -28.87 22.00
CA LEU D 317 -16.88 -28.40 23.41
C LEU D 317 -17.18 -29.56 24.37
N THR D 318 -17.76 -30.69 23.91
CA THR D 318 -17.94 -31.87 24.81
C THR D 318 -16.58 -32.57 24.93
N GLN D 319 -15.61 -32.26 24.05
CA GLN D 319 -14.26 -32.89 24.09
C GLN D 319 -13.21 -31.90 24.59
N THR D 320 -13.28 -30.62 24.25
CA THR D 320 -12.16 -29.68 24.41
C THR D 320 -12.64 -28.25 24.38
N LYS D 321 -11.93 -27.39 25.10
CA LYS D 321 -12.16 -25.92 25.11
C LYS D 321 -11.01 -25.24 24.38
N ASP D 322 -9.98 -26.00 23.94
CA ASP D 322 -8.74 -25.44 23.32
C ASP D 322 -9.03 -25.02 21.87
N PRO D 323 -8.84 -23.74 21.49
CA PRO D 323 -9.27 -23.27 20.17
C PRO D 323 -8.46 -23.89 19.04
N GLN D 324 -7.20 -24.26 19.27
CA GLN D 324 -6.40 -24.99 18.26
C GLN D 324 -7.06 -26.34 18.01
N GLN D 325 -7.51 -26.99 19.06
CA GLN D 325 -8.09 -28.37 19.00
C GLN D 325 -9.48 -28.26 18.39
N ILE D 326 -10.23 -27.20 18.68
CA ILE D 326 -11.51 -26.97 17.97
C ILE D 326 -11.20 -26.71 16.48
N GLN D 327 -10.20 -25.91 16.14
CA GLN D 327 -9.93 -25.72 14.67
C GLN D 327 -9.66 -27.07 13.98
N GLN D 328 -8.89 -27.96 14.62
CA GLN D 328 -8.62 -29.31 14.08
C GLN D 328 -9.95 -30.07 13.91
N ILE D 329 -10.88 -29.95 14.84
CA ILE D 329 -12.19 -30.64 14.67
C ILE D 329 -12.90 -30.06 13.43
N PHE D 330 -12.82 -28.75 13.22
CA PHE D 330 -13.50 -28.07 12.10
C PHE D 330 -12.83 -28.47 10.78
N ASN D 331 -11.60 -28.96 10.85
CA ASN D 331 -10.87 -29.32 9.63
C ASN D 331 -11.12 -30.80 9.35
N GLN D 332 -11.74 -31.57 10.24
CA GLN D 332 -11.84 -33.04 10.04
C GLN D 332 -13.27 -33.52 9.91
N TYR D 333 -14.23 -32.87 10.56
CA TYR D 333 -15.63 -33.30 10.60
C TYR D 333 -16.52 -32.30 9.87
N ASN E . 15.40 8.27 -2.38
CA ASN E . 15.64 7.03 -3.21
C ASN E . 16.59 6.19 -2.37
O ASN E . 17.81 6.54 -2.40
CB ASN E . 16.15 7.40 -4.61
CG ASN E . 16.28 6.21 -5.53
OD1 ASN E . 16.46 5.08 -5.09
ND2 ASN E . 16.15 6.42 -6.82
OXT ASN E . 16.11 5.29 -1.63
C1 CIT F . 22.34 11.07 17.49
O1 CIT F . 23.53 10.75 17.09
O2 CIT F . 21.46 10.22 17.74
C2 CIT F . 21.96 12.54 17.70
C3 CIT F . 22.83 13.35 18.69
O7 CIT F . 23.73 12.48 19.34
C4 CIT F . 23.69 14.34 17.92
C5 CIT F . 24.45 13.72 16.74
O3 CIT F . 25.49 13.00 16.96
O4 CIT F . 23.99 13.99 15.59
C6 CIT F . 21.94 14.13 19.73
O5 CIT F . 22.52 14.74 20.66
O6 CIT F . 20.70 14.13 19.61
N ASN G . 43.12 28.30 -3.66
CA ASN G . 43.24 28.96 -5.01
C ASN G . 42.15 30.02 -5.17
O ASN G . 42.43 31.17 -4.94
CB ASN G . 43.15 27.92 -6.13
CG ASN G . 43.31 28.48 -7.53
OD1 ASN G . 42.91 29.61 -7.82
ND2 ASN G . 43.89 27.65 -8.41
OXT ASN G . 40.96 29.70 -5.53
N ASN H . -14.04 -7.26 3.29
CA ASN H . -14.18 -6.75 1.91
C ASN H . -15.24 -5.63 1.96
O ASN H . -14.79 -4.46 2.06
CB ASN H . -14.54 -7.89 0.93
CG ASN H . -14.46 -7.47 -0.51
OD1 ASN H . -14.60 -6.27 -0.84
ND2 ASN H . -14.12 -8.41 -1.38
OXT ASN H . -16.52 -5.87 1.97
C1 CIT I . -24.63 2.47 19.13
O1 CIT I . -23.94 3.35 18.62
O2 CIT I . -25.50 1.86 18.46
C2 CIT I . -24.42 2.18 20.63
C3 CIT I . -25.26 1.05 21.28
O7 CIT I . -26.63 1.45 21.27
C4 CIT I . -25.16 -0.20 20.38
C5 CIT I . -26.45 -0.86 19.96
O3 CIT I . -26.34 -2.06 19.85
O4 CIT I . -27.57 -0.26 19.82
C6 CIT I . -24.78 0.73 22.76
O5 CIT I . -23.57 0.37 22.97
O6 CIT I . -25.64 0.83 23.71
N ASN J . -42.40 -25.60 9.84
CA ASN J . -42.39 -26.91 9.15
C ASN J . -41.31 -27.73 9.87
O ASN J . -40.12 -27.49 9.70
CB ASN J . -42.16 -26.74 7.65
CG ASN J . -42.12 -28.04 6.88
OD1 ASN J . -41.85 -29.11 7.45
ND2 ASN J . -42.47 -27.95 5.61
OXT ASN J . -41.71 -28.52 10.70
C1 CIT K . -33.60 -21.68 28.52
O1 CIT K . -32.87 -22.64 28.08
O2 CIT K . -34.43 -21.76 29.46
C2 CIT K . -33.49 -20.32 27.90
C3 CIT K . -32.39 -19.44 28.52
O7 CIT K . -31.37 -20.25 29.10
C4 CIT K . -31.84 -18.63 27.35
C5 CIT K . -30.55 -19.11 26.76
O3 CIT K . -30.16 -18.41 25.86
O4 CIT K . -29.94 -20.10 27.19
C6 CIT K . -32.91 -18.44 29.60
O5 CIT K . -32.07 -18.05 30.41
O6 CIT K . -34.08 -18.07 29.59
#